data_6UYE
#
_entry.id   6UYE
#
loop_
_entity.id
_entity.type
_entity.pdbx_description
1 polymer SGP
2 polymer 'Virion spike glycoprotein'
3 polymer 'Antibody rEBOV-548 Fab, heavy chain'
4 polymer 'Antibody rEBOV-548 Fab, light chain'
5 branched alpha-D-mannopyranose-(1-3)-[alpha-D-mannopyranose-(1-6)]beta-D-mannopyranose-(1-4)-2-acetamido-2-deoxy-beta-D-glucopyranose-(1-4)-2-acetamido-2-deoxy-beta-D-glucopyranose
6 branched 2-acetamido-2-deoxy-beta-D-glucopyranose-(1-4)-2-acetamido-2-deoxy-beta-D-glucopyranose
7 branched alpha-D-mannopyranose-(1-3)-beta-D-mannopyranose-(1-4)-2-acetamido-2-deoxy-beta-D-glucopyranose-(1-4)-2-acetamido-2-deoxy-beta-D-glucopyranose
8 non-polymer 2-acetamido-2-deoxy-beta-D-glucopyranose
#
loop_
_entity_poly.entity_id
_entity_poly.type
_entity_poly.pdbx_seq_one_letter_code
_entity_poly.pdbx_strand_id
1 'polypeptide(L)'
;SIPLGVIHNSTLQVSDVDKLVCRDKLSSTNQLRSVGLNLEGNGVATDVPSVTKRWGFRSGVPPKVVNYEAGEWAENCYNL
EIKKPDGSECLPAAPDGIRGFPRCRYVHKVSGTGPCAGDFAFHKEGAFFLYDRLASTVIYRGTTFAEGVVAFLILPQAKK
DFFSSHPLREPVNATEDPSSGYYSTTIRYQATGFGTNETEYLFEVDNLTYVQLESRFTPQFLLQLNETIYASGKRSNTTG
KLIWKVNPEIDTTIGEWAFWE
;
A,B,C
2 'polypeptide(L)'
;VIVNAQPKCNPNLHYWTTQDEGAAIGLAWIPYFGPAAEGIYTEGLMHNQDGLICGLRQLANETTQALQLFLRATTELRTF
SILNRKAIDFLLQRWG
;
D,E,F
3 'polypeptide(L)'
;QVQVEESGGGVVQPGGSLRLSCAASGFMFSNYGMHWVRQAPGKGLEWMAFIRYDDSKKFYADSVKGRFTISRDNSKNTLY
LQMNSLRAEDTALYYCAKELLQVYTSAWGEGHSYYYALDVWGLGTAVTVSSA
;
G,H,I
4 'polypeptide(L)'
;IQMTQSPSSVSASVGDRVTITCRASQDISNWLAWYQQKPGKAPELLIYTASILQSGVSSRFSGSGSGTDFTLTISSLQPE
DSATYYCQQGKSFPYTFGQGTKLEIKRT
;
J,K,L
#
loop_
_chem_comp.id
_chem_comp.type
_chem_comp.name
_chem_comp.formula
BMA D-saccharide, beta linking beta-D-mannopyranose 'C6 H12 O6'
MAN D-saccharide, alpha linking alpha-D-mannopyranose 'C6 H12 O6'
NAG D-saccharide, beta linking 2-acetamido-2-deoxy-beta-D-glucopyranose 'C8 H15 N O6'
#
# COMPACT_ATOMS: atom_id res chain seq x y z
N SER A 1 38.94 -7.90 -10.08
CA SER A 1 37.59 -8.31 -9.69
C SER A 1 36.78 -8.80 -10.88
N ILE A 2 35.95 -9.82 -10.63
CA ILE A 2 34.96 -10.37 -11.55
C ILE A 2 35.60 -10.82 -12.87
N PRO A 3 36.27 -11.97 -12.92
CA PRO A 3 36.99 -12.35 -14.13
C PRO A 3 36.06 -12.78 -15.25
N LEU A 4 36.43 -12.37 -16.46
CA LEU A 4 35.72 -12.77 -17.67
C LEU A 4 36.37 -14.00 -18.27
N GLY A 5 35.65 -15.12 -18.25
CA GLY A 5 36.16 -16.33 -18.85
C GLY A 5 36.16 -16.26 -20.36
N VAL A 6 37.16 -16.87 -20.96
CA VAL A 6 37.34 -16.83 -22.40
C VAL A 6 37.24 -18.24 -22.93
N ILE A 7 36.24 -18.49 -23.76
CA ILE A 7 36.17 -19.75 -24.48
C ILE A 7 37.08 -19.60 -25.68
N HIS A 8 38.31 -20.04 -25.51
CA HIS A 8 39.24 -20.26 -26.60
C HIS A 8 38.75 -21.45 -27.42
N ASN A 9 39.32 -21.60 -28.62
CA ASN A 9 38.94 -22.71 -29.49
C ASN A 9 39.35 -24.05 -28.89
N SER A 10 40.36 -24.07 -28.04
CA SER A 10 40.71 -25.29 -27.33
C SER A 10 39.80 -25.50 -26.12
N THR A 11 39.88 -24.61 -25.14
CA THR A 11 39.26 -24.86 -23.85
C THR A 11 39.07 -23.53 -23.12
N LEU A 12 38.51 -23.60 -21.93
CA LEU A 12 38.16 -22.43 -21.16
C LEU A 12 39.38 -21.90 -20.43
N GLN A 13 39.69 -20.63 -20.68
CA GLN A 13 40.82 -19.96 -20.06
C GLN A 13 40.36 -18.68 -19.41
N VAL A 14 40.68 -18.53 -18.13
CA VAL A 14 40.34 -17.32 -17.38
C VAL A 14 41.27 -16.20 -17.87
N SER A 15 40.74 -14.99 -17.94
CA SER A 15 41.54 -13.85 -18.36
C SER A 15 41.75 -12.90 -17.20
N ASP A 16 42.87 -12.19 -17.24
CA ASP A 16 43.17 -11.27 -16.15
C ASP A 16 42.45 -9.95 -16.39
N VAL A 17 41.93 -9.37 -15.31
CA VAL A 17 41.40 -8.01 -15.40
C VAL A 17 42.50 -6.99 -15.16
N ASP A 18 43.70 -7.44 -14.84
CA ASP A 18 44.82 -6.53 -14.70
C ASP A 18 45.78 -6.58 -15.88
N LYS A 19 46.00 -7.76 -16.45
CA LYS A 19 46.85 -7.87 -17.63
C LYS A 19 46.02 -7.74 -18.89
N LEU A 20 46.67 -7.31 -19.97
CA LEU A 20 46.00 -7.04 -21.23
C LEU A 20 46.18 -8.23 -22.15
N VAL A 21 45.07 -8.87 -22.50
CA VAL A 21 45.10 -10.05 -23.36
C VAL A 21 44.77 -9.59 -24.77
N CYS A 22 45.75 -9.69 -25.67
CA CYS A 22 45.53 -9.33 -27.06
C CYS A 22 44.94 -10.48 -27.86
N ARG A 23 44.87 -11.68 -27.28
CA ARG A 23 44.29 -12.81 -27.97
C ARG A 23 42.77 -12.73 -27.99
N ASP A 24 42.19 -11.90 -27.13
CA ASP A 24 40.75 -11.72 -27.11
C ASP A 24 40.33 -10.92 -28.33
N LYS A 25 39.27 -11.39 -29.00
CA LYS A 25 38.64 -10.62 -30.07
C LYS A 25 37.17 -10.48 -29.74
N LEU A 26 36.76 -9.27 -29.41
CA LEU A 26 35.41 -9.00 -28.92
C LEU A 26 34.79 -7.98 -29.84
N SER A 27 33.97 -8.43 -30.80
CA SER A 27 33.42 -7.55 -31.81
C SER A 27 31.91 -7.42 -31.76
N SER A 28 31.30 -7.63 -30.60
CA SER A 28 29.88 -7.38 -30.39
C SER A 28 29.63 -7.30 -28.90
N THR A 29 28.45 -6.83 -28.52
CA THR A 29 27.98 -7.16 -27.19
C THR A 29 26.92 -8.25 -27.21
N ASN A 30 26.76 -8.95 -28.33
CA ASN A 30 26.11 -10.24 -28.24
C ASN A 30 27.09 -11.33 -27.87
N GLN A 31 28.39 -11.08 -27.97
CA GLN A 31 29.37 -12.04 -27.52
C GLN A 31 29.60 -12.00 -26.03
N LEU A 32 28.86 -11.19 -25.29
CA LEU A 32 28.94 -11.21 -23.83
C LEU A 32 27.60 -11.67 -23.29
N ARG A 33 27.57 -12.88 -22.75
CA ARG A 33 26.38 -13.38 -22.09
C ARG A 33 26.75 -13.74 -20.66
N SER A 34 25.80 -13.55 -19.76
CA SER A 34 26.01 -13.79 -18.35
C SER A 34 25.23 -15.01 -17.95
N VAL A 35 25.92 -16.13 -17.77
CA VAL A 35 25.27 -17.43 -17.63
C VAL A 35 25.23 -17.80 -16.17
N GLY A 36 24.13 -18.44 -15.75
CA GLY A 36 23.97 -18.87 -14.38
C GLY A 36 23.89 -20.38 -14.34
N LEU A 37 24.61 -20.97 -13.40
CA LEU A 37 24.78 -22.42 -13.34
C LEU A 37 24.20 -22.91 -12.02
N ASN A 38 23.87 -24.19 -11.96
CA ASN A 38 23.26 -24.74 -10.76
C ASN A 38 24.26 -25.50 -9.89
N LEU A 39 24.02 -25.44 -8.58
CA LEU A 39 24.85 -26.15 -7.61
C LEU A 39 24.72 -27.65 -7.71
N GLU A 40 23.61 -28.17 -8.23
CA GLU A 40 23.35 -29.58 -8.12
C GLU A 40 24.23 -30.39 -9.07
N GLY A 41 24.85 -29.73 -10.03
CA GLY A 41 25.91 -30.37 -10.78
C GLY A 41 27.21 -30.51 -10.03
N ASN A 42 27.46 -29.65 -9.04
CA ASN A 42 28.69 -29.77 -8.26
C ASN A 42 28.65 -30.98 -7.33
N GLY A 43 27.46 -31.50 -7.03
CA GLY A 43 27.37 -32.66 -6.17
C GLY A 43 26.94 -32.37 -4.76
N VAL A 44 26.24 -31.27 -4.52
CA VAL A 44 25.70 -31.02 -3.20
C VAL A 44 24.50 -31.94 -3.00
N ALA A 45 24.15 -32.16 -1.74
CA ALA A 45 22.91 -32.87 -1.45
C ALA A 45 21.72 -32.02 -1.88
N THR A 46 20.61 -32.68 -2.17
CA THR A 46 19.46 -31.98 -2.72
C THR A 46 18.22 -32.03 -1.86
N ASP A 47 18.12 -33.00 -0.96
CA ASP A 47 16.91 -33.13 -0.17
C ASP A 47 16.83 -32.01 0.86
N VAL A 48 15.61 -31.52 1.08
CA VAL A 48 15.28 -30.38 1.92
C VAL A 48 15.87 -30.41 3.34
N PRO A 49 15.80 -31.48 4.13
CA PRO A 49 16.48 -31.43 5.43
C PRO A 49 17.98 -31.46 5.36
N SER A 50 18.56 -31.74 4.20
CA SER A 50 19.99 -31.56 4.01
C SER A 50 20.32 -30.29 3.27
N VAL A 51 19.35 -29.42 3.04
CA VAL A 51 19.57 -28.17 2.34
C VAL A 51 19.29 -26.98 3.24
N THR A 52 18.17 -26.99 3.95
CA THR A 52 17.85 -25.84 4.76
C THR A 52 18.66 -25.74 6.04
N LYS A 53 19.69 -26.56 6.21
CA LYS A 53 20.77 -26.20 7.11
C LYS A 53 21.69 -25.16 6.49
N ARG A 54 21.63 -24.95 5.18
CA ARG A 54 22.45 -23.91 4.57
C ARG A 54 21.72 -22.58 4.45
N TRP A 55 20.55 -22.43 5.04
CA TRP A 55 19.87 -21.16 5.04
C TRP A 55 19.75 -20.65 6.46
N GLY A 56 19.95 -19.35 6.64
CA GLY A 56 19.81 -18.77 7.94
C GLY A 56 19.11 -17.44 7.80
N PHE A 57 18.82 -16.83 8.93
CA PHE A 57 18.25 -15.49 8.94
C PHE A 57 19.28 -14.53 9.50
N ARG A 58 19.19 -13.27 9.07
CA ARG A 58 20.08 -12.24 9.56
C ARG A 58 19.37 -10.93 9.34
N SER A 59 19.71 -9.92 10.13
CA SER A 59 19.02 -8.65 10.06
C SER A 59 20.00 -7.53 9.77
N GLY A 60 19.53 -6.54 9.01
CA GLY A 60 20.28 -5.33 8.84
C GLY A 60 21.18 -5.26 7.63
N VAL A 61 20.94 -6.06 6.61
CA VAL A 61 21.66 -5.93 5.34
C VAL A 61 20.61 -5.90 4.25
N PRO A 62 20.67 -4.97 3.31
CA PRO A 62 19.67 -4.93 2.25
C PRO A 62 19.99 -5.95 1.18
N PRO A 63 18.99 -6.45 0.47
CA PRO A 63 19.24 -7.37 -0.63
C PRO A 63 19.88 -6.68 -1.82
N LYS A 64 20.47 -7.48 -2.70
CA LYS A 64 20.98 -7.01 -3.98
C LYS A 64 20.54 -8.00 -5.05
N VAL A 65 20.31 -7.51 -6.26
CA VAL A 65 19.77 -8.33 -7.35
C VAL A 65 20.51 -8.02 -8.64
N VAL A 66 21.03 -9.06 -9.29
CA VAL A 66 21.73 -8.96 -10.57
C VAL A 66 21.04 -9.89 -11.56
N ASN A 67 21.08 -9.56 -12.86
CA ASN A 67 20.45 -10.42 -13.84
C ASN A 67 21.43 -11.39 -14.48
N TYR A 68 20.88 -12.38 -15.17
CA TYR A 68 21.68 -13.31 -15.94
C TYR A 68 20.83 -13.79 -17.09
N GLU A 69 21.47 -14.22 -18.16
CA GLU A 69 20.76 -14.43 -19.39
C GLU A 69 20.41 -15.88 -19.67
N ALA A 70 21.34 -16.81 -19.48
CA ALA A 70 21.09 -18.21 -19.75
C ALA A 70 21.30 -19.02 -18.48
N GLY A 71 20.58 -20.12 -18.36
CA GLY A 71 20.63 -20.91 -17.13
C GLY A 71 20.65 -22.39 -17.43
N GLU A 72 20.61 -23.17 -16.36
CA GLU A 72 20.57 -24.61 -16.49
C GLU A 72 19.22 -25.15 -16.06
N TRP A 73 18.74 -26.14 -16.81
CA TRP A 73 17.58 -26.92 -16.42
C TRP A 73 17.78 -27.54 -15.05
N ALA A 74 16.94 -27.16 -14.11
CA ALA A 74 17.16 -27.52 -12.72
C ALA A 74 16.56 -28.88 -12.45
N GLU A 75 17.18 -29.60 -11.52
CA GLU A 75 16.57 -30.85 -11.08
C GLU A 75 15.67 -30.62 -9.88
N ASN A 76 16.04 -29.71 -9.00
CA ASN A 76 15.19 -29.39 -7.85
C ASN A 76 15.02 -27.90 -7.72
N CYS A 77 13.79 -27.48 -7.45
CA CYS A 77 13.43 -26.09 -7.23
C CYS A 77 12.58 -25.98 -5.97
N TYR A 78 12.76 -24.91 -5.21
CA TYR A 78 12.14 -24.81 -3.89
C TYR A 78 11.15 -23.67 -3.91
N ASN A 79 10.29 -23.61 -2.90
CA ASN A 79 9.33 -22.51 -2.77
C ASN A 79 8.88 -22.47 -1.32
N LEU A 80 8.82 -21.29 -0.71
CA LEU A 80 8.66 -21.19 0.73
C LEU A 80 7.44 -20.37 1.12
N GLU A 81 6.81 -20.76 2.23
CA GLU A 81 5.78 -19.98 2.94
C GLU A 81 6.01 -20.17 4.43
N ILE A 82 6.83 -19.36 5.06
CA ILE A 82 7.13 -19.54 6.48
C ILE A 82 6.47 -18.43 7.27
N LYS A 83 5.77 -18.81 8.33
CA LYS A 83 5.14 -17.84 9.22
C LYS A 83 5.77 -17.92 10.60
N LYS A 84 5.81 -16.76 11.27
CA LYS A 84 6.16 -16.72 12.68
C LYS A 84 5.04 -17.36 13.49
N PRO A 85 5.36 -17.91 14.67
CA PRO A 85 4.34 -18.63 15.45
C PRO A 85 3.19 -17.78 15.96
N ASP A 86 3.32 -16.45 15.96
CA ASP A 86 2.18 -15.61 16.29
C ASP A 86 1.25 -15.40 15.11
N GLY A 87 1.70 -15.68 13.89
CA GLY A 87 0.87 -15.56 12.72
C GLY A 87 1.37 -14.60 11.66
N SER A 88 2.42 -13.84 11.93
CA SER A 88 2.89 -12.86 10.97
C SER A 88 3.73 -13.53 9.88
N GLU A 89 4.16 -12.71 8.92
CA GLU A 89 4.96 -13.20 7.81
C GLU A 89 6.44 -13.12 8.12
N CYS A 90 7.19 -14.10 7.61
CA CYS A 90 8.63 -14.07 7.78
C CYS A 90 9.32 -13.51 6.57
N LEU A 91 8.96 -13.95 5.41
CA LEU A 91 9.70 -13.60 4.22
C LEU A 91 9.00 -12.48 3.49
N PRO A 92 9.75 -11.55 2.90
CA PRO A 92 9.12 -10.40 2.24
C PRO A 92 8.44 -10.81 0.95
N ALA A 93 7.44 -10.03 0.57
CA ALA A 93 6.69 -10.33 -0.64
C ALA A 93 7.55 -10.10 -1.87
N ALA A 94 7.18 -10.75 -2.97
CA ALA A 94 7.96 -10.64 -4.18
C ALA A 94 7.73 -9.28 -4.83
N PRO A 95 8.80 -8.57 -5.18
CA PRO A 95 8.64 -7.30 -5.88
C PRO A 95 8.21 -7.53 -7.32
N ASP A 96 7.94 -6.42 -8.01
CA ASP A 96 7.53 -6.49 -9.40
C ASP A 96 8.71 -6.89 -10.27
N GLY A 97 8.43 -7.68 -11.29
CA GLY A 97 9.47 -8.21 -12.15
C GLY A 97 10.01 -9.56 -11.72
N ILE A 98 9.72 -9.98 -10.51
CA ILE A 98 10.16 -11.27 -10.01
C ILE A 98 9.16 -12.34 -10.42
N ARG A 99 9.64 -13.33 -11.15
CA ARG A 99 8.82 -14.48 -11.53
C ARG A 99 9.59 -15.74 -11.16
N GLY A 100 8.89 -16.87 -11.18
CA GLY A 100 9.51 -18.11 -10.75
C GLY A 100 10.57 -18.61 -11.71
N PHE A 101 11.35 -19.58 -11.26
CA PHE A 101 12.37 -20.16 -12.10
C PHE A 101 11.67 -21.00 -13.17
N PRO A 102 12.04 -20.88 -14.43
CA PRO A 102 11.14 -21.32 -15.49
C PRO A 102 11.12 -22.82 -15.75
N ARG A 103 12.26 -23.51 -15.68
CA ARG A 103 12.31 -24.94 -15.98
C ARG A 103 12.68 -25.69 -14.71
N CYS A 104 11.74 -26.45 -14.17
CA CYS A 104 11.96 -27.14 -12.92
C CYS A 104 11.40 -28.56 -13.03
N ARG A 105 12.25 -29.54 -12.78
CA ARG A 105 11.82 -30.92 -12.85
C ARG A 105 10.99 -31.29 -11.63
N TYR A 106 11.34 -30.78 -10.46
CA TYR A 106 10.54 -30.97 -9.27
C TYR A 106 10.49 -29.69 -8.48
N VAL A 107 9.33 -29.38 -7.91
CA VAL A 107 9.13 -28.17 -7.14
C VAL A 107 8.76 -28.55 -5.72
N HIS A 108 9.69 -28.35 -4.80
CA HIS A 108 9.46 -28.58 -3.38
C HIS A 108 8.79 -27.32 -2.84
N LYS A 109 7.52 -27.41 -2.53
CA LYS A 109 6.82 -26.31 -1.90
C LYS A 109 6.72 -26.59 -0.41
N VAL A 110 7.18 -25.64 0.40
CA VAL A 110 7.28 -25.82 1.85
C VAL A 110 6.50 -24.72 2.53
N SER A 111 5.58 -25.10 3.39
CA SER A 111 4.91 -24.16 4.26
C SER A 111 5.11 -24.58 5.70
N GLY A 112 4.84 -23.67 6.62
CA GLY A 112 4.91 -24.02 8.02
C GLY A 112 5.43 -22.88 8.86
N THR A 113 5.90 -23.24 10.06
CA THR A 113 6.23 -22.27 11.09
C THR A 113 7.69 -22.43 11.51
N GLY A 114 8.21 -21.36 12.09
CA GLY A 114 9.56 -21.35 12.60
C GLY A 114 9.89 -20.09 13.36
N PRO A 115 10.86 -20.17 14.26
CA PRO A 115 11.31 -18.96 14.99
C PRO A 115 12.11 -18.05 14.08
N CYS A 116 11.39 -17.24 13.32
CA CYS A 116 12.03 -16.32 12.40
C CYS A 116 12.68 -15.18 13.15
N ALA A 117 14.02 -15.15 13.12
CA ALA A 117 14.79 -14.15 13.84
C ALA A 117 15.70 -13.46 12.85
N GLY A 118 15.17 -12.42 12.21
CA GLY A 118 15.95 -11.71 11.23
C GLY A 118 15.02 -10.96 10.29
N ASP A 119 15.64 -10.30 9.32
CA ASP A 119 14.85 -9.53 8.38
C ASP A 119 14.75 -10.20 7.02
N PHE A 120 15.71 -11.07 6.70
CA PHE A 120 15.75 -11.73 5.41
C PHE A 120 16.33 -13.12 5.59
N ALA A 121 16.63 -13.77 4.47
CA ALA A 121 17.22 -15.10 4.48
C ALA A 121 18.34 -15.17 3.48
N PHE A 122 19.56 -15.40 3.95
CA PHE A 122 20.70 -15.35 3.07
C PHE A 122 21.24 -16.76 2.88
N HIS A 123 22.19 -16.92 1.97
CA HIS A 123 22.74 -18.24 1.71
C HIS A 123 24.08 -18.38 2.43
N LYS A 124 24.18 -19.38 3.31
CA LYS A 124 25.32 -19.44 4.21
C LYS A 124 26.63 -19.75 3.53
N GLU A 125 26.62 -20.36 2.36
CA GLU A 125 27.87 -20.60 1.68
C GLU A 125 28.19 -19.52 0.66
N GLY A 126 27.31 -18.54 0.49
CA GLY A 126 27.59 -17.44 -0.41
C GLY A 126 27.07 -17.59 -1.81
N ALA A 127 26.25 -18.60 -2.07
CA ALA A 127 25.66 -18.72 -3.38
C ALA A 127 24.51 -17.75 -3.53
N PHE A 128 23.98 -17.65 -4.74
CA PHE A 128 22.84 -16.81 -5.04
C PHE A 128 21.57 -17.65 -5.02
N PHE A 129 20.45 -17.00 -5.23
CA PHE A 129 19.18 -17.69 -5.38
C PHE A 129 18.56 -17.34 -6.72
N LEU A 130 18.76 -18.18 -7.73
CA LEU A 130 18.39 -17.87 -9.10
C LEU A 130 16.88 -17.83 -9.28
N TYR A 131 16.40 -16.78 -9.92
CA TYR A 131 14.99 -16.61 -10.27
C TYR A 131 14.87 -16.49 -11.78
N ASP A 132 13.72 -15.97 -12.23
CA ASP A 132 13.46 -15.77 -13.65
C ASP A 132 14.43 -14.73 -14.17
N ARG A 133 15.57 -15.21 -14.65
CA ARG A 133 16.66 -14.42 -15.22
C ARG A 133 17.21 -13.38 -14.24
N LEU A 134 16.99 -13.56 -12.95
CA LEU A 134 17.48 -12.64 -11.93
C LEU A 134 18.12 -13.42 -10.81
N ALA A 135 19.37 -13.13 -10.53
CA ALA A 135 20.06 -13.70 -9.39
C ALA A 135 19.85 -12.74 -8.23
N SER A 136 19.46 -13.27 -7.09
CA SER A 136 19.22 -12.45 -5.92
C SER A 136 19.91 -13.07 -4.72
N THR A 137 20.19 -12.25 -3.72
CA THR A 137 20.78 -12.76 -2.50
C THR A 137 19.82 -12.80 -1.35
N VAL A 138 18.52 -12.84 -1.60
CA VAL A 138 17.57 -13.17 -0.56
C VAL A 138 16.68 -14.28 -1.06
N ILE A 139 15.72 -14.65 -0.24
CA ILE A 139 14.68 -15.56 -0.66
C ILE A 139 13.35 -14.85 -0.52
N TYR A 140 12.74 -14.49 -1.65
CA TYR A 140 11.46 -13.83 -1.62
C TYR A 140 10.36 -14.87 -1.45
N ARG A 141 9.24 -14.45 -0.90
CA ARG A 141 8.20 -15.38 -0.50
C ARG A 141 7.35 -15.80 -1.69
N GLY A 142 7.14 -17.11 -1.82
CA GLY A 142 6.19 -17.59 -2.78
C GLY A 142 6.64 -17.56 -4.21
N THR A 143 7.91 -17.80 -4.48
CA THR A 143 8.44 -17.75 -5.83
C THR A 143 9.45 -18.85 -6.05
N THR A 144 9.18 -19.69 -7.04
CA THR A 144 9.94 -20.92 -7.24
C THR A 144 11.34 -20.63 -7.75
N PHE A 145 12.34 -21.13 -7.03
CA PHE A 145 13.74 -20.81 -7.29
C PHE A 145 14.63 -22.03 -7.18
N ALA A 146 15.89 -21.84 -7.55
CA ALA A 146 16.91 -22.86 -7.40
C ALA A 146 18.05 -22.33 -6.57
N GLU A 147 19.08 -23.14 -6.41
CA GLU A 147 20.33 -22.67 -5.80
C GLU A 147 21.46 -22.79 -6.80
N GLY A 148 22.30 -21.77 -6.84
CA GLY A 148 23.37 -21.76 -7.80
C GLY A 148 24.10 -20.43 -7.82
N VAL A 149 24.94 -20.29 -8.84
CA VAL A 149 25.91 -19.21 -8.94
C VAL A 149 25.86 -18.66 -10.36
N VAL A 150 26.70 -17.65 -10.63
CA VAL A 150 26.69 -16.90 -11.88
C VAL A 150 28.12 -16.80 -12.38
N ALA A 151 28.34 -17.02 -13.67
CA ALA A 151 29.66 -16.78 -14.26
C ALA A 151 29.55 -15.98 -15.55
N PHE A 152 30.55 -15.14 -15.80
CA PHE A 152 30.57 -14.23 -16.93
C PHE A 152 31.60 -14.71 -17.94
N LEU A 153 31.26 -14.65 -19.22
CA LEU A 153 32.12 -15.26 -20.21
C LEU A 153 31.85 -14.68 -21.60
N ILE A 154 32.77 -14.99 -22.51
CA ILE A 154 32.72 -14.61 -23.92
C ILE A 154 32.39 -15.87 -24.70
N LEU A 155 31.49 -15.78 -25.67
CA LEU A 155 31.03 -17.00 -26.33
C LEU A 155 31.99 -17.56 -27.38
N PRO A 156 32.40 -16.83 -28.42
CA PRO A 156 33.09 -17.62 -29.46
C PRO A 156 34.58 -17.70 -29.20
N SER A 184 7.95 -29.48 -13.15
CA SER A 184 6.53 -29.26 -13.26
C SER A 184 5.77 -29.99 -12.17
N THR A 185 6.38 -31.05 -11.64
CA THR A 185 5.75 -31.87 -10.62
C THR A 185 5.84 -31.17 -9.26
N THR A 186 4.74 -31.15 -8.53
CA THR A 186 4.66 -30.43 -7.27
C THR A 186 4.67 -31.41 -6.11
N ILE A 187 5.53 -31.17 -5.13
CA ILE A 187 5.58 -31.92 -3.88
C ILE A 187 5.45 -30.94 -2.73
N ARG A 188 4.44 -31.10 -1.89
CA ARG A 188 4.20 -30.16 -0.81
C ARG A 188 4.72 -30.71 0.50
N TYR A 189 5.22 -29.82 1.36
CA TYR A 189 5.79 -30.19 2.65
C TYR A 189 5.09 -29.44 3.78
N GLN A 190 5.30 -29.93 4.99
CA GLN A 190 4.97 -29.20 6.21
C GLN A 190 6.18 -29.19 7.13
N ALA A 191 6.50 -27.99 7.60
CA ALA A 191 7.74 -27.75 8.32
C ALA A 191 7.41 -27.17 9.69
N THR A 192 8.01 -27.75 10.72
CA THR A 192 7.87 -27.26 12.07
C THR A 192 9.24 -26.88 12.62
N GLY A 193 9.36 -25.64 13.07
CA GLY A 193 10.63 -25.16 13.53
C GLY A 193 11.62 -24.96 12.42
N PHE A 194 11.41 -23.97 11.56
CA PHE A 194 12.13 -23.92 10.30
C PHE A 194 13.56 -23.43 10.46
N GLY A 195 13.80 -22.54 11.40
CA GLY A 195 15.10 -21.90 11.40
C GLY A 195 16.14 -22.50 12.32
N THR A 196 15.76 -23.43 13.18
CA THR A 196 16.67 -23.97 14.18
C THR A 196 17.51 -25.09 13.59
N ASN A 197 18.22 -25.78 14.48
CA ASN A 197 18.93 -26.99 14.12
C ASN A 197 18.09 -28.23 14.38
N GLU A 198 17.13 -28.13 15.29
CA GLU A 198 16.27 -29.27 15.62
C GLU A 198 14.92 -29.09 14.92
N THR A 199 14.93 -29.41 13.64
CA THR A 199 13.78 -29.18 12.79
C THR A 199 13.12 -30.50 12.43
N GLU A 200 11.85 -30.43 12.03
CA GLU A 200 11.11 -31.61 11.63
C GLU A 200 10.33 -31.31 10.36
N TYR A 201 10.52 -32.11 9.33
CA TYR A 201 9.80 -31.93 8.09
C TYR A 201 8.75 -33.00 7.93
N LEU A 202 7.67 -32.68 7.23
CA LEU A 202 6.62 -33.63 6.93
C LEU A 202 6.31 -33.63 5.44
N PHE A 203 6.27 -34.82 4.86
CA PHE A 203 5.79 -35.04 3.51
C PHE A 203 4.28 -35.01 3.53
N GLU A 204 3.68 -34.37 2.54
CA GLU A 204 2.23 -34.29 2.48
C GLU A 204 1.69 -35.19 1.38
N VAL A 205 0.74 -36.05 1.75
CA VAL A 205 -0.04 -36.80 0.77
C VAL A 205 -1.43 -36.22 0.62
N ASP A 206 -2.22 -36.25 1.68
CA ASP A 206 -3.53 -35.64 1.71
C ASP A 206 -3.57 -34.74 2.93
N ASN A 207 -4.53 -33.82 2.97
CA ASN A 207 -4.49 -32.77 3.99
C ASN A 207 -4.80 -33.27 5.40
N LEU A 208 -5.06 -34.56 5.55
CA LEU A 208 -4.98 -35.23 6.84
C LEU A 208 -4.00 -36.38 6.83
N THR A 209 -3.14 -36.49 5.81
CA THR A 209 -2.27 -37.63 5.65
C THR A 209 -0.84 -37.16 5.44
N TYR A 210 0.03 -37.45 6.39
CA TYR A 210 1.42 -37.01 6.33
C TYR A 210 2.36 -38.20 6.46
N VAL A 211 3.57 -38.04 5.95
CA VAL A 211 4.64 -39.00 6.16
C VAL A 211 5.84 -38.24 6.67
N GLN A 212 6.45 -38.72 7.73
CA GLN A 212 7.62 -38.05 8.26
C GLN A 212 8.84 -38.37 7.41
N LEU A 213 9.55 -37.33 7.00
CA LEU A 213 10.72 -37.49 6.14
C LEU A 213 11.88 -38.11 6.89
N GLU A 214 12.88 -38.48 6.11
CA GLU A 214 14.19 -38.84 6.62
C GLU A 214 15.21 -38.00 5.87
N SER A 215 16.49 -38.27 6.12
CA SER A 215 17.50 -37.61 5.32
C SER A 215 17.67 -38.26 3.96
N ARG A 216 17.33 -39.54 3.82
CA ARG A 216 17.73 -40.29 2.65
C ARG A 216 16.67 -40.35 1.56
N PHE A 217 15.53 -39.71 1.75
CA PHE A 217 14.46 -39.84 0.78
C PHE A 217 14.74 -39.03 -0.47
N THR A 218 14.67 -39.68 -1.62
CA THR A 218 14.73 -39.08 -2.94
C THR A 218 13.31 -38.78 -3.41
N PRO A 219 13.12 -37.89 -4.38
CA PRO A 219 11.75 -37.56 -4.79
C PRO A 219 11.00 -38.69 -5.49
N GLN A 220 11.68 -39.57 -6.23
CA GLN A 220 10.94 -40.63 -6.90
C GLN A 220 10.40 -41.65 -5.92
N PHE A 221 11.14 -41.88 -4.83
CA PHE A 221 10.64 -42.75 -3.78
C PHE A 221 9.41 -42.17 -3.13
N LEU A 222 9.40 -40.84 -2.97
CA LEU A 222 8.20 -40.20 -2.44
C LEU A 222 7.05 -40.25 -3.44
N LEU A 223 7.36 -40.27 -4.73
CA LEU A 223 6.28 -40.39 -5.70
C LEU A 223 5.67 -41.79 -5.71
N GLN A 224 6.51 -42.82 -5.57
CA GLN A 224 5.95 -44.15 -5.35
C GLN A 224 5.20 -44.23 -4.04
N LEU A 225 5.61 -43.44 -3.06
CA LEU A 225 4.94 -43.48 -1.76
C LEU A 225 3.53 -42.92 -1.85
N ASN A 226 3.34 -41.74 -2.46
CA ASN A 226 1.96 -41.27 -2.52
C ASN A 226 1.14 -42.06 -3.52
N GLU A 227 1.79 -42.69 -4.51
CA GLU A 227 1.02 -43.60 -5.36
C GLU A 227 0.48 -44.78 -4.55
N THR A 228 1.34 -45.40 -3.74
CA THR A 228 0.94 -46.58 -3.00
C THR A 228 -0.06 -46.23 -1.90
N ILE A 229 0.15 -45.11 -1.22
CA ILE A 229 -0.75 -44.69 -0.15
C ILE A 229 -2.11 -44.31 -0.72
N TYR A 230 -2.13 -43.45 -1.74
CA TYR A 230 -3.38 -42.90 -2.23
C TYR A 230 -4.16 -43.95 -2.98
N ALA A 231 -3.48 -44.99 -3.48
CA ALA A 231 -4.20 -46.05 -4.17
C ALA A 231 -4.70 -47.12 -3.20
N SER A 232 -3.91 -47.50 -2.21
CA SER A 232 -4.30 -48.63 -1.39
C SER A 232 -5.30 -48.28 -0.30
N GLY A 233 -5.75 -47.03 -0.23
CA GLY A 233 -6.80 -46.67 0.71
C GLY A 233 -6.33 -46.48 2.14
N LYS A 234 -5.05 -46.24 2.35
CA LYS A 234 -4.52 -46.07 3.70
C LYS A 234 -4.44 -44.62 4.13
N ARG A 235 -5.22 -43.74 3.53
CA ARG A 235 -5.27 -42.38 4.03
C ARG A 235 -6.16 -42.30 5.26
N SER A 236 -6.23 -41.11 5.83
CA SER A 236 -7.04 -40.91 7.03
C SER A 236 -8.51 -40.93 6.71
N ASN A 237 -9.24 -41.88 7.31
CA ASN A 237 -10.68 -41.99 7.14
C ASN A 237 -11.45 -41.38 8.32
N THR A 238 -10.77 -40.62 9.16
CA THR A 238 -11.40 -39.89 10.26
C THR A 238 -11.02 -38.41 10.16
N THR A 239 -11.36 -37.65 11.19
CA THR A 239 -11.10 -36.22 11.16
C THR A 239 -9.66 -35.85 11.46
N GLY A 240 -8.92 -36.69 12.18
CA GLY A 240 -7.60 -36.35 12.65
C GLY A 240 -6.52 -36.58 11.60
N LYS A 241 -5.33 -36.06 11.90
CA LYS A 241 -4.18 -36.31 11.05
C LYS A 241 -3.74 -37.75 11.18
N LEU A 242 -2.87 -38.17 10.27
CA LEU A 242 -2.35 -39.52 10.24
C LEU A 242 -0.92 -39.44 9.77
N ILE A 243 0.02 -39.77 10.63
CA ILE A 243 1.43 -39.65 10.32
C ILE A 243 2.02 -41.06 10.24
N TRP A 244 2.92 -41.25 9.29
CA TRP A 244 3.47 -42.56 8.99
C TRP A 244 4.97 -42.56 9.19
N LYS A 245 5.52 -43.70 9.55
CA LYS A 245 6.96 -43.88 9.57
C LYS A 245 7.36 -44.88 8.51
N VAL A 246 8.63 -44.85 8.16
CA VAL A 246 9.19 -45.80 7.21
C VAL A 246 10.20 -46.63 7.97
N ASN A 247 10.11 -47.96 7.84
CA ASN A 247 11.06 -48.83 8.48
C ASN A 247 12.44 -48.64 7.85
N PRO A 248 13.51 -48.92 8.57
CA PRO A 248 14.85 -48.93 7.96
C PRO A 248 15.14 -50.22 7.20
N GLU A 249 14.25 -50.56 6.28
CA GLU A 249 14.37 -51.74 5.43
C GLU A 249 14.09 -51.47 3.97
N ILE A 250 13.55 -50.32 3.61
CA ILE A 250 13.00 -50.06 2.30
C ILE A 250 13.89 -49.06 1.58
N ASP A 251 14.34 -49.44 0.38
CA ASP A 251 15.38 -48.69 -0.30
C ASP A 251 14.83 -47.40 -0.92
N THR A 252 15.73 -46.62 -1.49
CA THR A 252 15.37 -45.51 -2.36
C THR A 252 15.62 -45.88 -3.81
N THR A 253 14.93 -45.18 -4.71
CA THR A 253 15.01 -45.51 -6.13
C THR A 253 16.35 -45.12 -6.75
N ILE A 254 17.00 -44.09 -6.23
CA ILE A 254 18.34 -43.76 -6.67
C ILE A 254 19.28 -43.87 -5.48
N ALA A 258 26.25 -38.17 -7.66
CA ALA A 258 26.03 -38.16 -9.09
C ALA A 258 24.59 -38.54 -9.42
N PHE A 259 23.80 -37.53 -9.76
CA PHE A 259 22.39 -37.78 -10.10
C PHE A 259 22.23 -38.33 -11.50
N TRP A 260 23.02 -37.81 -12.44
CA TRP A 260 22.98 -38.12 -13.86
C TRP A 260 23.63 -39.45 -14.20
N GLU A 261 24.07 -40.21 -13.19
CA GLU A 261 24.78 -41.49 -13.30
C GLU A 261 26.04 -41.38 -14.14
N VAL B 1 45.02 -22.90 -16.88
CA VAL B 1 43.59 -23.05 -17.14
C VAL B 1 42.82 -23.15 -15.85
N ILE B 2 41.54 -23.38 -15.95
CA ILE B 2 40.69 -23.61 -14.79
C ILE B 2 40.52 -25.10 -14.60
N VAL B 3 40.80 -25.57 -13.38
CA VAL B 3 40.74 -26.98 -13.05
C VAL B 3 39.65 -27.17 -12.01
N ASN B 4 38.75 -28.11 -12.26
CA ASN B 4 37.64 -28.34 -11.34
C ASN B 4 38.15 -29.02 -10.08
N ALA B 5 37.59 -28.62 -8.94
CA ALA B 5 37.94 -29.20 -7.65
C ALA B 5 36.69 -29.51 -6.84
N GLN B 6 35.56 -29.57 -7.48
CA GLN B 6 34.32 -29.89 -6.80
C GLN B 6 34.24 -31.38 -6.53
N PRO B 7 33.35 -31.83 -5.65
CA PRO B 7 33.13 -33.27 -5.50
C PRO B 7 32.60 -33.95 -6.75
N LYS B 8 31.58 -33.39 -7.41
CA LYS B 8 31.05 -33.99 -8.61
C LYS B 8 31.03 -32.97 -9.73
N CYS B 9 30.99 -33.45 -10.96
CA CYS B 9 30.92 -32.54 -12.11
C CYS B 9 29.98 -33.16 -13.12
N ASN B 10 28.84 -32.53 -13.35
CA ASN B 10 27.87 -33.03 -14.30
C ASN B 10 28.28 -32.58 -15.69
N PRO B 11 28.69 -33.50 -16.56
CA PRO B 11 29.20 -33.10 -17.87
C PRO B 11 28.11 -32.86 -18.91
N ASN B 12 26.86 -32.67 -18.51
CA ASN B 12 25.78 -32.41 -19.45
C ASN B 12 25.08 -31.12 -19.08
N LEU B 13 25.35 -30.07 -19.83
CA LEU B 13 24.73 -28.77 -19.59
C LEU B 13 23.50 -28.68 -20.48
N HIS B 14 22.36 -29.08 -19.92
CA HIS B 14 21.06 -28.86 -20.55
C HIS B 14 20.62 -27.45 -20.23
N TYR B 15 20.50 -26.60 -21.26
CA TYR B 15 20.44 -25.16 -21.05
C TYR B 15 19.21 -24.54 -21.68
N TRP B 16 18.81 -23.42 -21.09
CA TRP B 16 17.67 -22.66 -21.56
C TRP B 16 18.05 -21.19 -21.64
N THR B 17 17.64 -20.54 -22.72
CA THR B 17 18.01 -19.15 -22.97
C THR B 17 16.79 -18.41 -23.48
N THR B 18 16.99 -17.15 -23.84
CA THR B 18 15.95 -16.35 -24.46
C THR B 18 16.49 -15.73 -25.74
N GLN B 19 15.60 -15.57 -26.70
CA GLN B 19 15.90 -14.83 -27.92
C GLN B 19 14.75 -13.91 -28.28
N ILE B 25 8.08 -16.14 -39.21
CA ILE B 25 7.52 -15.87 -37.90
C ILE B 25 6.00 -15.98 -37.97
N GLY B 26 5.37 -14.99 -38.60
CA GLY B 26 3.93 -14.99 -38.75
C GLY B 26 3.17 -14.37 -37.59
N LEU B 27 3.46 -13.10 -37.28
CA LEU B 27 2.83 -12.32 -36.22
C LEU B 27 2.95 -12.97 -34.85
N ALA B 28 4.13 -13.49 -34.51
CA ALA B 28 4.40 -13.85 -33.13
C ALA B 28 5.06 -12.72 -32.39
N TRP B 29 5.52 -11.70 -33.12
CA TRP B 29 6.24 -10.59 -32.50
C TRP B 29 5.31 -9.69 -31.71
N ILE B 30 4.15 -9.37 -32.26
CA ILE B 30 3.16 -8.51 -31.65
C ILE B 30 2.63 -9.18 -30.38
N PRO B 31 2.68 -8.52 -29.22
CA PRO B 31 2.48 -9.25 -27.97
C PRO B 31 1.06 -9.64 -27.70
N TYR B 32 0.08 -9.04 -28.38
CA TYR B 32 -1.28 -9.51 -28.20
C TYR B 32 -1.49 -10.88 -28.81
N PHE B 33 -0.77 -11.22 -29.87
CA PHE B 33 -0.80 -12.57 -30.43
C PHE B 33 0.37 -13.41 -29.97
N GLY B 34 1.26 -12.86 -29.18
CA GLY B 34 2.46 -13.54 -28.81
C GLY B 34 2.21 -14.64 -27.80
N PRO B 35 3.22 -15.46 -27.53
CA PRO B 35 3.03 -16.56 -26.60
C PRO B 35 2.98 -16.06 -25.17
N ALA B 36 2.52 -16.93 -24.28
CA ALA B 36 2.53 -16.62 -22.87
C ALA B 36 3.95 -16.65 -22.33
N ALA B 37 4.10 -16.24 -21.08
CA ALA B 37 5.44 -16.06 -20.51
C ALA B 37 6.16 -17.38 -20.32
N GLU B 38 5.43 -18.48 -20.21
CA GLU B 38 6.05 -19.75 -19.88
C GLU B 38 6.57 -20.48 -21.10
N GLY B 39 6.43 -19.90 -22.28
CA GLY B 39 6.88 -20.54 -23.50
C GLY B 39 7.79 -19.72 -24.38
N ILE B 40 8.48 -18.73 -23.84
CA ILE B 40 9.32 -17.87 -24.65
C ILE B 40 10.76 -18.30 -24.53
N TYR B 41 10.99 -19.53 -24.06
CA TYR B 41 12.32 -20.00 -23.75
C TYR B 41 12.80 -20.99 -24.79
N THR B 42 13.89 -20.67 -25.45
CA THR B 42 14.55 -21.59 -26.33
C THR B 42 15.35 -22.58 -25.50
N GLU B 43 15.22 -23.86 -25.79
CA GLU B 43 15.98 -24.88 -25.12
C GLU B 43 17.12 -25.31 -26.02
N GLY B 44 17.89 -26.28 -25.54
CA GLY B 44 18.99 -26.81 -26.32
C GLY B 44 19.84 -27.70 -25.44
N LEU B 45 20.70 -28.48 -26.07
CA LEU B 45 21.56 -29.40 -25.32
C LEU B 45 22.99 -29.27 -25.80
N MET B 46 23.93 -29.25 -24.87
CA MET B 46 25.34 -29.19 -25.18
C MET B 46 26.09 -30.20 -24.32
N HIS B 47 26.99 -30.97 -24.93
CA HIS B 47 27.73 -32.01 -24.26
C HIS B 47 29.10 -31.53 -23.82
N ASN B 48 29.77 -32.37 -23.04
CA ASN B 48 31.09 -32.07 -22.49
C ASN B 48 32.08 -32.12 -23.63
N GLN B 49 32.37 -30.96 -24.21
CA GLN B 49 33.39 -30.85 -25.22
C GLN B 49 34.68 -30.42 -24.54
N ASP B 50 35.47 -31.41 -24.10
CA ASP B 50 36.80 -31.23 -23.51
C ASP B 50 36.79 -30.35 -22.27
N GLY B 51 36.08 -30.79 -21.24
CA GLY B 51 36.11 -30.15 -19.93
C GLY B 51 35.50 -28.78 -19.88
N LEU B 52 34.68 -28.41 -20.88
CA LEU B 52 34.16 -27.06 -20.93
C LEU B 52 33.11 -26.83 -19.87
N ILE B 53 32.29 -27.84 -19.59
CA ILE B 53 31.24 -27.67 -18.61
C ILE B 53 31.79 -27.77 -17.19
N CYS B 54 32.76 -28.66 -16.98
CA CYS B 54 33.48 -28.65 -15.70
C CYS B 54 34.23 -27.34 -15.50
N GLY B 55 34.77 -26.79 -16.59
CA GLY B 55 35.42 -25.49 -16.51
C GLY B 55 34.47 -24.39 -16.09
N LEU B 56 33.27 -24.37 -16.68
CA LEU B 56 32.31 -23.35 -16.27
C LEU B 56 31.83 -23.57 -14.84
N ARG B 57 31.71 -24.82 -14.42
CA ARG B 57 31.22 -25.04 -13.06
C ARG B 57 32.27 -24.64 -12.04
N GLN B 58 33.54 -24.68 -12.41
CA GLN B 58 34.53 -24.16 -11.47
C GLN B 58 34.65 -22.65 -11.55
N LEU B 59 34.54 -22.09 -12.77
CA LEU B 59 34.69 -20.65 -12.96
C LEU B 59 33.57 -19.89 -12.30
N ALA B 60 32.38 -20.49 -12.27
CA ALA B 60 31.27 -19.87 -11.58
C ALA B 60 31.53 -19.81 -10.09
N ASN B 61 32.21 -20.81 -9.55
CA ASN B 61 32.53 -20.75 -8.13
C ASN B 61 33.62 -19.74 -7.85
N GLU B 62 34.56 -19.55 -8.78
CA GLU B 62 35.61 -18.56 -8.50
C GLU B 62 35.10 -17.13 -8.69
N THR B 63 34.03 -16.94 -9.46
CA THR B 63 33.54 -15.58 -9.63
C THR B 63 32.38 -15.29 -8.69
N THR B 64 31.89 -16.30 -7.98
CA THR B 64 30.82 -16.13 -6.99
C THR B 64 31.15 -15.12 -5.90
N GLN B 65 32.29 -15.30 -5.24
CA GLN B 65 32.63 -14.45 -4.11
C GLN B 65 32.92 -13.02 -4.55
N ALA B 66 33.66 -12.86 -5.64
CA ALA B 66 34.02 -11.51 -6.09
C ALA B 66 32.79 -10.75 -6.56
N LEU B 67 31.87 -11.43 -7.23
CA LEU B 67 30.61 -10.79 -7.60
C LEU B 67 29.79 -10.43 -6.37
N GLN B 68 29.83 -11.28 -5.35
CA GLN B 68 29.14 -10.97 -4.10
C GLN B 68 29.70 -9.73 -3.46
N LEU B 69 31.01 -9.55 -3.56
CA LEU B 69 31.68 -8.38 -3.02
C LEU B 69 31.27 -7.11 -3.75
N PHE B 70 31.28 -7.19 -5.09
CA PHE B 70 30.87 -6.05 -5.92
C PHE B 70 29.42 -5.67 -5.66
N LEU B 71 28.55 -6.65 -5.44
CA LEU B 71 27.16 -6.31 -5.16
C LEU B 71 26.99 -5.75 -3.77
N ARG B 72 27.86 -6.12 -2.84
CA ARG B 72 27.80 -5.47 -1.55
C ARG B 72 28.25 -4.03 -1.65
N ALA B 73 29.09 -3.71 -2.62
CA ALA B 73 29.69 -2.39 -2.66
C ALA B 73 28.87 -1.30 -3.36
N THR B 74 27.64 -1.56 -3.80
CA THR B 74 26.86 -0.52 -4.46
C THR B 74 25.52 -0.30 -3.79
N THR B 75 24.67 0.52 -4.43
CA THR B 75 23.33 0.80 -3.92
C THR B 75 22.22 0.54 -4.91
N GLU B 76 22.53 0.09 -6.12
CA GLU B 76 21.47 -0.21 -7.06
C GLU B 76 20.69 -1.44 -6.61
N LEU B 77 19.37 -1.32 -6.61
CA LEU B 77 18.56 -2.45 -6.18
C LEU B 77 18.52 -3.52 -7.25
N ARG B 78 18.67 -3.14 -8.52
CA ARG B 78 18.63 -4.06 -9.64
C ARG B 78 19.80 -3.73 -10.55
N THR B 79 20.95 -4.32 -10.31
CA THR B 79 22.11 -4.06 -11.14
C THR B 79 21.93 -4.75 -12.49
N PHE B 80 22.26 -4.05 -13.56
CA PHE B 80 22.22 -4.66 -14.87
C PHE B 80 23.42 -4.32 -15.74
N SER B 81 24.22 -3.34 -15.35
CA SER B 81 25.18 -2.74 -16.27
C SER B 81 26.56 -3.36 -16.19
N ILE B 82 26.68 -4.60 -15.73
CA ILE B 82 28.00 -5.16 -15.44
C ILE B 82 28.74 -5.47 -16.73
N LEU B 83 28.04 -6.09 -17.68
CA LEU B 83 28.64 -6.42 -18.98
C LEU B 83 29.05 -5.17 -19.74
N ASN B 84 28.27 -4.10 -19.62
CA ASN B 84 28.67 -2.87 -20.29
C ASN B 84 29.89 -2.26 -19.64
N ARG B 85 30.01 -2.36 -18.31
CA ARG B 85 31.22 -1.90 -17.66
C ARG B 85 32.42 -2.72 -18.07
N LYS B 86 32.22 -4.02 -18.31
CA LYS B 86 33.31 -4.87 -18.78
C LYS B 86 33.73 -4.50 -20.18
N ALA B 87 32.77 -4.13 -21.02
CA ALA B 87 33.12 -3.76 -22.38
C ALA B 87 33.83 -2.41 -22.42
N ILE B 88 33.40 -1.47 -21.58
CA ILE B 88 34.06 -0.17 -21.55
C ILE B 88 35.45 -0.29 -20.95
N ASP B 89 35.61 -1.16 -19.96
CA ASP B 89 36.94 -1.45 -19.43
C ASP B 89 37.82 -2.09 -20.48
N PHE B 90 37.24 -2.93 -21.31
CA PHE B 90 38.00 -3.60 -22.35
C PHE B 90 38.49 -2.60 -23.39
N LEU B 91 37.61 -1.69 -23.80
CA LEU B 91 37.98 -0.67 -24.77
C LEU B 91 39.05 0.26 -24.22
N LEU B 92 38.92 0.66 -22.96
CA LEU B 92 39.90 1.55 -22.39
C LEU B 92 41.22 0.84 -22.17
N GLN B 93 41.19 -0.47 -21.87
CA GLN B 93 42.44 -1.19 -21.66
C GLN B 93 43.17 -1.43 -22.97
N ARG B 94 42.44 -1.45 -24.09
CA ARG B 94 43.20 -1.60 -25.33
C ARG B 94 43.56 -0.27 -25.99
N TRP B 95 42.76 0.77 -25.86
CA TRP B 95 43.13 2.00 -26.52
C TRP B 95 43.15 3.24 -25.64
N GLY B 96 42.21 3.39 -24.71
CA GLY B 96 41.95 4.66 -24.04
C GLY B 96 43.07 5.32 -23.27
N GLN C 1 -10.45 -50.63 33.38
CA GLN C 1 -9.53 -51.11 32.34
C GLN C 1 -8.21 -50.35 32.39
N VAL C 2 -8.14 -49.31 31.57
CA VAL C 2 -6.97 -48.45 31.49
C VAL C 2 -6.88 -47.61 32.74
N GLN C 3 -5.79 -47.77 33.49
CA GLN C 3 -5.60 -47.07 34.75
C GLN C 3 -4.47 -46.08 34.62
N VAL C 4 -4.73 -44.84 35.01
CA VAL C 4 -3.71 -43.80 35.12
C VAL C 4 -3.84 -43.20 36.52
N GLU C 5 -2.75 -43.20 37.28
CA GLU C 5 -2.80 -42.87 38.69
C GLU C 5 -1.66 -41.93 39.04
N GLU C 6 -1.97 -40.89 39.79
CA GLU C 6 -0.92 -40.02 40.31
C GLU C 6 -0.47 -40.49 41.68
N SER C 7 0.78 -40.13 42.01
CA SER C 7 1.38 -40.49 43.29
C SER C 7 2.57 -39.58 43.54
N GLY C 8 2.97 -39.50 44.80
CA GLY C 8 4.15 -38.76 45.17
C GLY C 8 3.90 -37.35 45.65
N GLY C 9 2.67 -36.99 46.01
CA GLY C 9 2.35 -35.66 46.45
C GLY C 9 2.71 -35.42 47.91
N GLY C 10 2.07 -34.42 48.48
CA GLY C 10 2.28 -34.11 49.88
C GLY C 10 2.38 -32.61 50.07
N VAL C 11 3.29 -32.21 50.94
CA VAL C 11 3.56 -30.81 51.23
C VAL C 11 5.07 -30.60 51.11
N VAL C 12 5.46 -29.37 50.76
CA VAL C 12 6.87 -29.08 50.55
C VAL C 12 7.13 -27.61 50.88
N GLN C 13 8.36 -27.32 51.28
CA GLN C 13 8.74 -25.95 51.59
C GLN C 13 8.89 -25.15 50.30
N PRO C 14 8.75 -23.82 50.38
CA PRO C 14 9.06 -22.99 49.21
C PRO C 14 10.54 -23.04 48.86
N GLY C 15 10.82 -23.11 47.58
CA GLY C 15 12.17 -23.28 47.11
C GLY C 15 12.67 -24.71 47.08
N GLY C 16 11.88 -25.66 47.55
CA GLY C 16 12.26 -27.06 47.55
C GLY C 16 12.06 -27.74 46.21
N SER C 17 11.88 -29.06 46.27
CA SER C 17 11.82 -29.89 45.08
C SER C 17 11.17 -31.23 45.44
N LEU C 18 10.43 -31.78 44.48
CA LEU C 18 9.92 -33.13 44.63
C LEU C 18 9.73 -33.76 43.26
N ARG C 19 9.35 -35.03 43.26
CA ARG C 19 9.15 -35.80 42.03
C ARG C 19 7.82 -36.55 42.12
N LEU C 20 7.06 -36.53 41.03
CA LEU C 20 5.82 -37.28 40.95
C LEU C 20 6.01 -38.57 40.17
N SER C 21 5.15 -39.54 40.45
CA SER C 21 5.18 -40.83 39.77
C SER C 21 3.80 -41.13 39.21
N CYS C 22 3.65 -40.98 37.90
CA CYS C 22 2.42 -41.32 37.21
C CYS C 22 2.58 -42.70 36.59
N ALA C 23 2.17 -43.73 37.32
CA ALA C 23 2.20 -45.09 36.83
C ALA C 23 0.91 -45.39 36.09
N ALA C 24 1.02 -46.28 35.10
CA ALA C 24 -0.12 -46.62 34.29
C ALA C 24 0.01 -48.05 33.77
N SER C 25 -1.12 -48.68 33.53
CA SER C 25 -1.15 -50.06 33.05
C SER C 25 -2.41 -50.26 32.23
N GLY C 26 -2.42 -51.35 31.47
CA GLY C 26 -3.56 -51.70 30.66
C GLY C 26 -3.47 -51.35 29.19
N PHE C 27 -2.32 -50.87 28.72
CA PHE C 27 -2.16 -50.50 27.32
C PHE C 27 -0.69 -50.47 26.96
N MET C 28 -0.43 -50.38 25.66
CA MET C 28 0.93 -50.28 25.13
C MET C 28 1.45 -48.88 25.45
N PHE C 29 2.21 -48.80 26.54
CA PHE C 29 2.59 -47.50 27.06
C PHE C 29 3.69 -46.86 26.23
N SER C 30 4.49 -47.67 25.55
CA SER C 30 5.60 -47.11 24.79
C SER C 30 5.15 -46.53 23.45
N ASN C 31 3.86 -46.56 23.15
CA ASN C 31 3.38 -46.10 21.86
C ASN C 31 2.44 -44.90 22.01
N TYR C 32 2.18 -44.46 23.23
CA TYR C 32 1.25 -43.36 23.41
C TYR C 32 1.97 -42.19 24.09
N GLY C 33 1.59 -40.96 23.72
CA GLY C 33 2.15 -39.81 24.39
C GLY C 33 1.44 -39.49 25.69
N MET C 34 2.14 -38.77 26.57
CA MET C 34 1.64 -38.46 27.91
C MET C 34 1.75 -36.97 28.20
N HIS C 35 0.86 -36.48 29.05
CA HIS C 35 0.74 -35.06 29.39
C HIS C 35 0.90 -34.78 30.88
N TRP C 36 0.94 -33.49 31.23
CA TRP C 36 0.78 -33.01 32.60
C TRP C 36 -0.07 -31.74 32.61
N VAL C 37 -1.17 -31.76 33.37
CA VAL C 37 -2.10 -30.64 33.42
C VAL C 37 -2.32 -30.20 34.85
N ARG C 38 -2.18 -28.90 35.11
CA ARG C 38 -2.27 -28.30 36.43
C ARG C 38 -3.62 -27.66 36.66
N GLN C 39 -4.16 -27.87 37.87
CA GLN C 39 -5.38 -27.20 38.29
C GLN C 39 -5.20 -26.73 39.74
N ALA C 40 -5.11 -25.42 39.92
CA ALA C 40 -5.17 -24.83 41.24
C ALA C 40 -6.52 -25.10 41.89
N PRO C 41 -6.56 -25.33 43.19
CA PRO C 41 -7.85 -25.68 43.84
C PRO C 41 -8.84 -24.53 43.89
N GLY C 42 -8.41 -23.30 43.62
CA GLY C 42 -9.32 -22.19 43.45
C GLY C 42 -9.59 -21.80 42.01
N LYS C 43 -9.00 -22.49 41.04
CA LYS C 43 -9.06 -22.07 39.65
C LYS C 43 -9.36 -23.27 38.76
N GLY C 44 -9.14 -23.07 37.46
CA GLY C 44 -9.37 -24.11 36.46
C GLY C 44 -8.10 -24.82 36.05
N LEU C 45 -8.20 -25.52 34.92
CA LEU C 45 -7.06 -26.26 34.39
C LEU C 45 -6.06 -25.32 33.73
N GLU C 46 -4.81 -25.76 33.68
CA GLU C 46 -3.79 -25.16 32.82
C GLU C 46 -2.72 -26.21 32.55
N TRP C 47 -2.23 -26.19 31.31
CA TRP C 47 -1.32 -27.22 30.84
C TRP C 47 0.07 -26.99 31.38
N MET C 48 0.81 -28.08 31.64
CA MET C 48 2.20 -27.98 32.05
C MET C 48 3.16 -28.55 31.02
N ALA C 49 3.04 -29.82 30.66
CA ALA C 49 4.10 -30.43 29.89
C ALA C 49 3.56 -31.55 29.02
N PHE C 50 4.36 -31.94 28.04
CA PHE C 50 4.03 -33.00 27.11
C PHE C 50 5.28 -33.64 26.56
N ILE C 51 5.32 -34.97 26.61
CA ILE C 51 6.39 -35.74 26.01
C ILE C 51 5.78 -36.64 24.95
N ARG C 52 6.55 -36.92 23.90
CA ARG C 52 6.11 -37.84 22.87
C ARG C 52 6.32 -39.27 23.31
N TYR C 53 6.03 -40.20 22.41
CA TYR C 53 6.11 -41.60 22.79
C TYR C 53 7.54 -42.11 22.85
N ASP C 54 8.40 -41.62 21.95
CA ASP C 54 9.74 -42.15 21.82
C ASP C 54 10.79 -41.37 22.59
N ASP C 55 10.36 -40.41 23.41
CA ASP C 55 11.22 -39.43 24.09
C ASP C 55 12.11 -38.70 23.07
N SER C 56 11.48 -38.05 22.12
CA SER C 56 12.24 -37.27 21.15
C SER C 56 12.15 -35.78 21.42
N LYS C 57 10.95 -35.29 21.74
CA LYS C 57 10.75 -33.88 22.02
C LYS C 57 10.13 -33.74 23.40
N LYS C 58 10.30 -32.56 23.97
CA LYS C 58 9.69 -32.21 25.24
C LYS C 58 9.10 -30.83 25.11
N PHE C 59 7.81 -30.69 25.39
CA PHE C 59 7.11 -29.44 25.19
C PHE C 59 6.62 -28.91 26.53
N TYR C 60 6.99 -27.67 26.82
CA TYR C 60 6.75 -27.05 28.12
C TYR C 60 5.88 -25.82 27.96
N ALA C 61 5.06 -25.56 28.98
CA ALA C 61 4.32 -24.32 29.02
C ALA C 61 5.25 -23.17 29.38
N ASP C 62 4.75 -21.95 29.21
CA ASP C 62 5.60 -20.77 29.37
C ASP C 62 5.99 -20.53 30.81
N SER C 63 5.06 -20.67 31.75
CA SER C 63 5.36 -20.34 33.14
C SER C 63 6.11 -21.44 33.86
N VAL C 64 6.52 -22.51 33.18
CA VAL C 64 7.16 -23.64 33.81
C VAL C 64 8.49 -23.98 33.17
N LYS C 65 9.01 -23.11 32.31
CA LYS C 65 10.27 -23.39 31.62
C LYS C 65 11.46 -23.35 32.56
N GLY C 66 12.37 -24.28 32.39
CA GLY C 66 13.59 -24.30 33.18
C GLY C 66 13.43 -24.96 34.54
N ARG C 67 12.40 -24.54 35.28
CA ARG C 67 12.19 -25.07 36.63
C ARG C 67 11.73 -26.52 36.58
N PHE C 68 10.86 -26.86 35.62
CA PHE C 68 10.20 -28.16 35.62
C PHE C 68 10.72 -29.01 34.49
N THR C 69 10.86 -30.31 34.76
CA THR C 69 11.47 -31.24 33.84
C THR C 69 10.62 -32.48 33.72
N ILE C 70 10.21 -32.79 32.48
CA ILE C 70 9.45 -34.00 32.20
C ILE C 70 10.44 -35.09 31.82
N SER C 71 10.07 -36.33 32.12
CA SER C 71 10.84 -37.50 31.71
C SER C 71 9.89 -38.69 31.71
N ARG C 72 10.28 -39.74 31.00
CA ARG C 72 9.43 -40.93 30.98
C ARG C 72 10.31 -42.16 30.98
N ASP C 73 9.69 -43.29 31.31
CA ASP C 73 10.34 -44.59 31.25
C ASP C 73 9.31 -45.58 30.75
N ASN C 74 9.59 -46.17 29.59
CA ASN C 74 8.73 -47.18 29.03
C ASN C 74 9.06 -48.57 29.53
N SER C 75 9.98 -48.68 30.48
CA SER C 75 10.25 -49.94 31.15
C SER C 75 9.24 -50.24 32.24
N LYS C 76 9.16 -49.35 33.22
CA LYS C 76 8.23 -49.54 34.33
C LYS C 76 6.83 -49.03 34.04
N ASN C 77 6.57 -48.63 32.79
CA ASN C 77 5.27 -48.12 32.33
C ASN C 77 4.82 -46.92 33.16
N THR C 78 5.74 -45.98 33.33
CA THR C 78 5.57 -44.96 34.35
C THR C 78 6.08 -43.63 33.84
N LEU C 79 5.25 -42.61 34.02
CA LEU C 79 5.60 -41.23 33.70
C LEU C 79 6.18 -40.56 34.94
N TYR C 80 7.14 -39.68 34.75
CA TYR C 80 7.76 -38.94 35.84
C TYR C 80 7.75 -37.45 35.55
N LEU C 81 7.82 -36.66 36.62
CA LEU C 81 7.88 -35.21 36.51
C LEU C 81 8.75 -34.68 37.62
N GLN C 82 9.88 -34.09 37.27
CA GLN C 82 10.83 -33.55 38.23
C GLN C 82 10.61 -32.04 38.33
N MET C 83 10.47 -31.54 39.55
CA MET C 83 10.13 -30.15 39.80
C MET C 83 11.19 -29.52 40.67
N ASN C 84 11.60 -28.29 40.32
CA ASN C 84 12.57 -27.53 41.07
C ASN C 84 12.07 -26.08 41.21
N SER C 85 12.55 -25.42 42.27
CA SER C 85 12.29 -24.00 42.55
C SER C 85 10.80 -23.71 42.67
N LEU C 86 10.18 -24.34 43.64
CA LEU C 86 8.73 -24.32 43.77
C LEU C 86 8.26 -23.00 44.36
N ARG C 87 7.08 -22.56 43.95
CA ARG C 87 6.54 -21.29 44.37
C ARG C 87 5.13 -21.47 44.92
N ALA C 88 4.60 -20.39 45.50
CA ALA C 88 3.36 -20.48 46.25
C ALA C 88 2.14 -20.64 45.36
N GLU C 89 2.23 -20.21 44.10
CA GLU C 89 1.12 -20.40 43.17
C GLU C 89 1.02 -21.84 42.68
N ASP C 90 2.04 -22.64 42.87
CA ASP C 90 2.08 -24.00 42.34
C ASP C 90 1.29 -24.98 43.19
N THR C 91 0.75 -24.54 44.31
CA THR C 91 -0.09 -25.41 45.14
C THR C 91 -1.37 -25.71 44.38
N ALA C 92 -1.55 -26.99 44.04
CA ALA C 92 -2.56 -27.36 43.05
C ALA C 92 -2.73 -28.88 43.09
N LEU C 93 -3.64 -29.35 42.26
CA LEU C 93 -3.58 -30.74 41.82
C LEU C 93 -2.78 -30.82 40.53
N TYR C 94 -2.07 -31.93 40.38
CA TYR C 94 -1.27 -32.22 39.21
C TYR C 94 -1.82 -33.44 38.50
N TYR C 95 -2.37 -33.23 37.30
CA TYR C 95 -2.92 -34.34 36.52
C TYR C 95 -1.88 -34.84 35.54
N CYS C 96 -1.85 -36.16 35.35
CA CYS C 96 -1.11 -36.77 34.25
C CYS C 96 -2.10 -37.45 33.33
N ALA C 97 -1.92 -37.24 32.03
CA ALA C 97 -2.98 -37.53 31.07
C ALA C 97 -2.44 -38.30 29.88
N LYS C 98 -3.29 -39.18 29.39
CA LYS C 98 -3.03 -40.06 28.26
C LYS C 98 -3.81 -39.57 27.06
N GLU C 99 -3.18 -39.55 25.89
CA GLU C 99 -3.85 -39.02 24.72
C GLU C 99 -4.35 -40.14 23.80
N LEU C 100 -5.05 -39.75 22.74
CA LEU C 100 -5.77 -40.66 21.87
C LEU C 100 -5.02 -40.83 20.55
N LEU C 101 -5.05 -42.07 20.04
CA LEU C 101 -4.43 -42.47 18.79
C LEU C 101 -4.82 -43.91 18.48
N GLN C 102 -4.97 -44.20 17.19
CA GLN C 102 -5.04 -45.58 16.75
C GLN C 102 -3.75 -45.92 16.02
N VAL C 103 -3.35 -47.18 16.09
CA VAL C 103 -2.04 -47.61 15.62
C VAL C 103 -2.23 -48.41 14.34
N TYR C 104 -2.00 -47.77 13.20
CA TYR C 104 -2.21 -48.42 11.91
C TYR C 104 -0.91 -49.13 11.52
N THR C 105 -0.79 -50.39 11.90
CA THR C 105 0.40 -51.15 11.57
C THR C 105 0.30 -51.83 10.22
N SER C 106 -0.88 -51.84 9.62
CA SER C 106 -1.12 -52.58 8.38
C SER C 106 -0.49 -51.81 7.22
N ALA C 107 0.84 -51.90 7.15
CA ALA C 107 1.61 -51.27 6.09
C ALA C 107 3.00 -51.87 6.06
N TRP C 108 3.82 -51.31 5.18
CA TRP C 108 5.25 -51.55 5.14
C TRP C 108 5.95 -50.97 6.36
N GLY C 109 5.42 -49.90 6.93
CA GLY C 109 6.02 -49.26 8.09
C GLY C 109 4.92 -48.69 8.96
N GLU C 110 5.24 -48.50 10.23
CA GLU C 110 4.22 -48.14 11.20
C GLU C 110 3.85 -46.68 11.10
N GLY C 111 3.02 -46.25 12.03
CA GLY C 111 2.55 -44.90 12.05
C GLY C 111 1.23 -44.85 12.74
N HIS C 112 0.83 -43.66 13.13
CA HIS C 112 -0.40 -43.56 13.89
C HIS C 112 -1.07 -42.22 13.62
N SER C 113 -2.26 -42.07 14.17
CA SER C 113 -3.08 -40.88 14.02
C SER C 113 -3.00 -40.04 15.28
N TYR C 114 -3.57 -38.84 15.26
CA TYR C 114 -3.66 -38.18 16.55
C TYR C 114 -5.05 -37.77 16.98
N TYR C 115 -5.68 -36.83 16.25
CA TYR C 115 -6.82 -36.04 16.73
C TYR C 115 -6.59 -35.55 18.16
N TYR C 116 -5.75 -34.52 18.30
CA TYR C 116 -5.18 -34.06 19.56
C TYR C 116 -6.22 -33.73 20.61
N ALA C 117 -6.28 -34.57 21.65
CA ALA C 117 -7.14 -34.40 22.81
C ALA C 117 -6.74 -35.45 23.83
N LEU C 118 -7.45 -35.45 24.95
CA LEU C 118 -7.15 -36.30 26.08
C LEU C 118 -8.38 -37.06 26.52
N ASP C 119 -8.21 -38.35 26.87
CA ASP C 119 -9.35 -39.15 27.35
C ASP C 119 -9.17 -39.68 28.76
N VAL C 120 -8.08 -40.36 29.06
CA VAL C 120 -7.98 -41.10 30.31
C VAL C 120 -7.22 -40.26 31.32
N TRP C 121 -7.92 -39.74 32.31
CA TRP C 121 -7.35 -38.83 33.29
C TRP C 121 -7.15 -39.56 34.60
N GLY C 122 -6.09 -39.21 35.30
CA GLY C 122 -5.93 -39.64 36.67
C GLY C 122 -6.72 -38.75 37.62
N LEU C 123 -6.78 -39.18 38.88
CA LEU C 123 -7.50 -38.42 39.87
C LEU C 123 -6.78 -37.13 40.24
N GLY C 124 -5.48 -37.08 40.04
CA GLY C 124 -4.69 -35.95 40.49
C GLY C 124 -4.08 -36.16 41.86
N THR C 125 -2.84 -35.76 42.06
CA THR C 125 -2.21 -35.79 43.37
C THR C 125 -2.07 -34.36 43.88
N ALA C 126 -2.00 -34.23 45.20
CA ALA C 126 -1.99 -32.91 45.83
C ALA C 126 -0.59 -32.49 46.22
N VAL C 127 -0.21 -31.28 45.82
CA VAL C 127 1.08 -30.70 46.13
C VAL C 127 0.86 -29.33 46.75
N THR C 128 1.48 -29.10 47.92
CA THR C 128 1.31 -27.87 48.68
C THR C 128 2.66 -27.24 48.97
N VAL C 129 2.81 -25.97 48.59
CA VAL C 129 4.02 -25.20 48.81
C VAL C 129 3.76 -24.26 49.98
N SER C 130 4.22 -24.67 51.16
CA SER C 130 3.93 -23.96 52.41
C SER C 130 4.92 -24.44 53.46
N SER C 131 4.61 -24.14 54.72
CA SER C 131 5.35 -24.71 55.84
C SER C 131 4.55 -25.77 56.59
N ALA C 132 3.22 -25.80 56.42
CA ALA C 132 2.37 -26.80 57.07
C ALA C 132 1.08 -27.04 56.29
N ILE D 1 -2.26 -17.90 20.19
CA ILE D 1 -2.10 -18.91 21.21
C ILE D 1 -2.96 -18.60 22.43
N GLN D 2 -4.06 -17.89 22.21
CA GLN D 2 -4.97 -17.55 23.29
C GLN D 2 -6.37 -18.04 22.93
N MET D 3 -7.21 -18.16 23.94
CA MET D 3 -8.56 -18.66 23.71
C MET D 3 -9.48 -18.15 24.81
N THR D 4 -10.64 -17.63 24.40
CA THR D 4 -11.57 -16.97 25.30
C THR D 4 -12.98 -17.47 25.02
N GLN D 5 -13.67 -17.89 26.07
CA GLN D 5 -14.97 -18.53 25.95
C GLN D 5 -16.11 -17.52 26.07
N SER D 6 -17.33 -18.05 26.28
CA SER D 6 -18.55 -17.33 26.62
C SER D 6 -18.47 -16.94 28.10
N PRO D 7 -19.38 -16.14 28.65
CA PRO D 7 -19.31 -15.82 30.09
C PRO D 7 -19.42 -17.04 30.99
N SER D 8 -18.64 -17.00 32.06
CA SER D 8 -18.32 -18.17 32.88
C SER D 8 -19.50 -18.68 33.69
N SER D 9 -20.49 -17.84 33.97
CA SER D 9 -21.62 -18.25 34.77
C SER D 9 -22.87 -18.16 33.92
N VAL D 10 -23.38 -19.30 33.51
CA VAL D 10 -24.63 -19.38 32.75
C VAL D 10 -25.60 -20.23 33.55
N SER D 11 -26.83 -19.74 33.70
CA SER D 11 -27.85 -20.44 34.47
C SER D 11 -29.01 -20.82 33.58
N ALA D 12 -29.55 -22.01 33.83
CA ALA D 12 -30.68 -22.51 33.06
C ALA D 12 -31.41 -23.56 33.90
N SER D 13 -32.62 -23.88 33.46
CA SER D 13 -33.42 -24.92 34.09
C SER D 13 -33.30 -26.23 33.30
N VAL D 14 -33.88 -27.28 33.87
CA VAL D 14 -33.80 -28.60 33.24
C VAL D 14 -34.69 -28.64 32.02
N GLY D 15 -34.12 -29.08 30.89
CA GLY D 15 -34.84 -29.12 29.64
C GLY D 15 -34.43 -28.03 28.66
N ASP D 16 -33.57 -27.12 29.08
CA ASP D 16 -33.22 -25.98 28.23
C ASP D 16 -32.16 -26.36 27.22
N ARG D 17 -32.09 -25.57 26.14
CA ARG D 17 -31.01 -25.67 25.17
C ARG D 17 -30.07 -24.49 25.35
N VAL D 18 -28.81 -24.79 25.65
CA VAL D 18 -27.81 -23.77 25.90
C VAL D 18 -26.64 -23.93 24.94
N THR D 19 -25.95 -22.82 24.67
CA THR D 19 -24.79 -22.80 23.80
C THR D 19 -23.63 -22.13 24.53
N ILE D 20 -22.42 -22.53 24.19
CA ILE D 20 -21.20 -21.96 24.74
C ILE D 20 -20.31 -21.54 23.59
N THR D 21 -20.06 -20.25 23.48
CA THR D 21 -19.23 -19.71 22.42
C THR D 21 -17.77 -19.79 22.85
N CYS D 22 -16.91 -20.25 21.93
CA CYS D 22 -15.48 -20.31 22.21
C CYS D 22 -14.74 -19.60 21.09
N ARG D 23 -13.88 -18.65 21.46
CA ARG D 23 -13.16 -17.83 20.49
C ARG D 23 -11.67 -18.05 20.62
N ALA D 24 -10.98 -18.12 19.49
CA ALA D 24 -9.56 -18.36 19.45
C ALA D 24 -8.83 -17.21 18.78
N SER D 25 -7.67 -16.86 19.33
CA SER D 25 -6.88 -15.75 18.83
C SER D 25 -6.20 -16.06 17.49
N GLN D 26 -5.95 -17.32 17.19
CA GLN D 26 -5.35 -17.72 15.92
C GLN D 26 -6.25 -18.71 15.23
N ASP D 27 -5.94 -19.00 13.98
CA ASP D 27 -6.70 -20.01 13.25
C ASP D 27 -6.33 -21.38 13.74
N ILE D 28 -7.34 -22.15 14.14
CA ILE D 28 -7.06 -23.47 14.68
C ILE D 28 -7.46 -24.58 13.70
N SER D 29 -8.56 -24.40 12.97
CA SER D 29 -9.06 -25.33 11.94
C SER D 29 -9.38 -26.70 12.52
N ASN D 30 -10.38 -26.73 13.39
CA ASN D 30 -11.02 -27.91 13.97
C ASN D 30 -10.11 -28.73 14.86
N TRP D 31 -9.12 -28.12 15.51
CA TRP D 31 -8.39 -28.81 16.55
C TRP D 31 -8.83 -28.31 17.92
N LEU D 32 -10.07 -28.63 18.31
CA LEU D 32 -10.58 -28.23 19.62
C LEU D 32 -11.11 -29.41 20.39
N ALA D 33 -11.38 -29.16 21.67
CA ALA D 33 -11.86 -30.19 22.60
C ALA D 33 -12.71 -29.57 23.68
N TRP D 34 -13.78 -30.26 24.05
CA TRP D 34 -14.70 -29.83 25.09
C TRP D 34 -14.70 -30.81 26.24
N TYR D 35 -14.29 -30.34 27.42
CA TYR D 35 -14.13 -31.22 28.57
C TYR D 35 -15.15 -30.87 29.64
N GLN D 36 -15.73 -31.91 30.22
CA GLN D 36 -16.77 -31.79 31.25
C GLN D 36 -16.16 -32.11 32.60
N GLN D 37 -16.02 -31.11 33.46
CA GLN D 37 -15.47 -31.33 34.79
C GLN D 37 -16.58 -31.29 35.82
N LYS D 38 -17.06 -32.45 36.20
CA LYS D 38 -17.92 -32.54 37.35
C LYS D 38 -17.12 -32.24 38.62
N PRO D 39 -17.76 -31.66 39.63
CA PRO D 39 -17.03 -31.37 40.88
C PRO D 39 -16.70 -32.63 41.64
N GLY D 40 -15.49 -32.65 42.20
CA GLY D 40 -14.97 -33.83 42.87
C GLY D 40 -14.51 -34.92 41.93
N LYS D 41 -14.45 -34.66 40.64
CA LYS D 41 -14.14 -35.67 39.65
C LYS D 41 -13.03 -35.18 38.74
N ALA D 42 -12.37 -36.14 38.10
CA ALA D 42 -11.51 -35.80 36.99
C ALA D 42 -12.36 -35.39 35.79
N PRO D 43 -11.86 -34.52 34.93
CA PRO D 43 -12.62 -34.16 33.73
C PRO D 43 -12.71 -35.32 32.75
N GLU D 44 -13.58 -35.16 31.75
CA GLU D 44 -13.83 -36.22 30.78
C GLU D 44 -14.03 -35.61 29.40
N LEU D 45 -13.61 -36.33 28.36
CA LEU D 45 -13.75 -35.86 26.99
C LEU D 45 -15.18 -36.00 26.49
N LEU D 46 -15.70 -34.92 25.91
CA LEU D 46 -17.00 -34.94 25.25
C LEU D 46 -16.86 -35.00 23.73
N ILE D 47 -16.25 -33.97 23.14
CA ILE D 47 -16.07 -33.86 21.71
C ILE D 47 -14.65 -33.43 21.41
N TYR D 48 -13.92 -34.27 20.68
CA TYR D 48 -12.64 -33.89 20.11
C TYR D 48 -12.84 -33.42 18.68
N THR D 49 -12.00 -32.47 18.27
CA THR D 49 -11.90 -31.93 16.90
C THR D 49 -13.20 -31.31 16.41
N ALA D 50 -14.03 -30.86 17.36
CA ALA D 50 -15.24 -30.03 17.14
C ALA D 50 -16.37 -30.77 16.42
N SER D 51 -16.20 -32.05 16.13
CA SER D 51 -17.25 -32.73 15.38
C SER D 51 -17.69 -34.05 15.99
N ILE D 52 -16.76 -34.84 16.51
CA ILE D 52 -17.08 -36.21 16.87
C ILE D 52 -17.38 -36.30 18.36
N LEU D 53 -18.56 -36.81 18.69
CA LEU D 53 -18.90 -37.14 20.06
C LEU D 53 -18.16 -38.39 20.49
N GLN D 54 -17.60 -38.37 21.69
CA GLN D 54 -16.93 -39.55 22.21
C GLN D 54 -17.98 -40.57 22.65
N SER D 55 -17.62 -41.86 22.55
CA SER D 55 -18.48 -42.93 23.00
C SER D 55 -18.75 -42.84 24.49
N GLY D 56 -19.91 -43.34 24.91
CA GLY D 56 -20.33 -43.30 26.29
C GLY D 56 -21.14 -42.10 26.67
N VAL D 57 -21.07 -41.02 25.89
CA VAL D 57 -21.80 -39.79 26.17
C VAL D 57 -23.03 -39.77 25.27
N SER D 58 -24.16 -39.37 25.83
CA SER D 58 -25.43 -39.36 25.10
C SER D 58 -25.41 -38.27 24.03
N SER D 59 -26.40 -38.36 23.13
CA SER D 59 -26.42 -37.53 21.93
C SER D 59 -26.87 -36.11 22.19
N ARG D 60 -27.22 -35.75 23.42
CA ARG D 60 -27.69 -34.40 23.70
C ARG D 60 -26.58 -33.37 23.63
N PHE D 61 -25.33 -33.81 23.61
CA PHE D 61 -24.19 -32.93 23.41
C PHE D 61 -23.78 -32.92 21.94
N SER D 62 -23.57 -31.73 21.41
CA SER D 62 -23.09 -31.57 20.04
C SER D 62 -22.32 -30.27 19.95
N GLY D 63 -21.59 -30.11 18.86
CA GLY D 63 -20.80 -28.92 18.68
C GLY D 63 -20.31 -28.85 17.25
N SER D 64 -19.99 -27.63 16.84
CA SER D 64 -19.56 -27.38 15.46
C SER D 64 -18.90 -26.01 15.39
N GLY D 65 -18.52 -25.65 14.18
CA GLY D 65 -17.90 -24.35 13.94
C GLY D 65 -16.87 -24.45 12.84
N SER D 66 -16.35 -23.29 12.45
CA SER D 66 -15.34 -23.22 11.41
C SER D 66 -14.36 -22.12 11.75
N GLY D 67 -13.07 -22.49 11.77
CA GLY D 67 -12.02 -21.53 12.05
C GLY D 67 -11.82 -21.24 13.54
N THR D 68 -12.09 -20.01 13.94
CA THR D 68 -11.80 -19.54 15.30
C THR D 68 -13.04 -19.44 16.18
N ASP D 69 -14.23 -19.55 15.62
CA ASP D 69 -15.47 -19.36 16.36
C ASP D 69 -16.19 -20.69 16.40
N PHE D 70 -16.01 -21.45 17.46
CA PHE D 70 -16.69 -22.73 17.60
C PHE D 70 -17.72 -22.61 18.71
N THR D 71 -18.62 -23.58 18.78
CA THR D 71 -19.68 -23.55 19.77
C THR D 71 -20.11 -24.96 20.13
N LEU D 72 -20.01 -25.28 21.42
CA LEU D 72 -20.60 -26.47 22.01
C LEU D 72 -22.08 -26.19 22.29
N THR D 73 -22.93 -27.19 22.10
CA THR D 73 -24.35 -27.03 22.28
C THR D 73 -24.93 -28.25 22.99
N ILE D 74 -25.66 -28.01 24.07
CA ILE D 74 -26.45 -29.03 24.74
C ILE D 74 -27.83 -29.00 24.11
N SER D 75 -28.35 -30.16 23.72
CA SER D 75 -29.68 -30.21 23.12
C SER D 75 -30.76 -29.93 24.16
N SER D 76 -30.84 -30.76 25.19
CA SER D 76 -31.77 -30.54 26.29
C SER D 76 -31.01 -30.77 27.58
N LEU D 77 -31.14 -29.83 28.51
CA LEU D 77 -30.34 -29.90 29.73
C LEU D 77 -30.89 -30.95 30.68
N GLN D 78 -29.99 -31.70 31.28
CA GLN D 78 -30.28 -32.73 32.25
C GLN D 78 -29.73 -32.32 33.61
N PRO D 79 -30.32 -32.82 34.71
CA PRO D 79 -29.81 -32.45 36.04
C PRO D 79 -28.46 -33.04 36.39
N GLU D 80 -27.95 -33.97 35.58
CA GLU D 80 -26.65 -34.58 35.83
C GLU D 80 -25.51 -33.81 35.20
N ASP D 81 -25.72 -32.56 34.80
CA ASP D 81 -24.70 -31.78 34.13
C ASP D 81 -24.32 -30.51 34.88
N SER D 82 -24.44 -30.52 36.20
CA SER D 82 -23.94 -29.41 37.01
C SER D 82 -22.43 -29.49 37.02
N ALA D 83 -21.80 -28.81 36.07
CA ALA D 83 -20.37 -28.93 35.88
C ALA D 83 -19.84 -27.70 35.17
N THR D 84 -18.53 -27.59 35.14
CA THR D 84 -17.85 -26.50 34.45
C THR D 84 -17.22 -27.05 33.19
N TYR D 85 -17.46 -26.38 32.07
CA TYR D 85 -17.09 -26.90 30.76
C TYR D 85 -15.92 -26.10 30.22
N TYR D 86 -14.91 -26.80 29.71
CA TYR D 86 -13.69 -26.19 29.25
C TYR D 86 -13.55 -26.36 27.75
N CYS D 87 -12.68 -25.57 27.16
CA CYS D 87 -12.54 -25.48 25.70
C CYS D 87 -11.05 -25.50 25.36
N GLN D 88 -10.50 -26.68 25.13
CA GLN D 88 -9.06 -26.80 24.90
C GLN D 88 -8.76 -27.02 23.43
N GLN D 89 -7.51 -26.73 23.08
CA GLN D 89 -7.02 -26.87 21.72
C GLN D 89 -5.64 -27.49 21.75
N GLY D 90 -5.16 -27.90 20.59
CA GLY D 90 -3.86 -28.51 20.48
C GLY D 90 -3.07 -28.21 19.23
N LYS D 91 -3.22 -27.03 18.63
CA LYS D 91 -2.65 -26.85 17.30
C LYS D 91 -1.14 -26.66 17.33
N SER D 92 -0.68 -25.56 17.91
CA SER D 92 0.72 -25.17 17.75
C SER D 92 1.59 -25.52 18.95
N PHE D 93 1.05 -26.30 19.88
CA PHE D 93 1.67 -26.86 21.09
C PHE D 93 2.25 -25.86 22.08
N PRO D 94 1.55 -24.80 22.49
CA PRO D 94 1.61 -24.44 23.90
C PRO D 94 0.36 -24.83 24.65
N TYR D 95 -0.64 -25.38 23.96
CA TYR D 95 -1.82 -26.03 24.56
C TYR D 95 -2.63 -25.10 25.45
N THR D 96 -2.58 -23.81 25.15
CA THR D 96 -3.29 -22.85 25.96
C THR D 96 -4.75 -22.85 25.57
N PHE D 97 -5.60 -22.41 26.50
CA PHE D 97 -7.04 -22.55 26.29
C PHE D 97 -7.82 -21.60 27.18
N GLY D 98 -9.14 -21.76 27.12
CA GLY D 98 -10.05 -20.82 27.76
C GLY D 98 -10.08 -20.94 29.26
N GLN D 99 -10.89 -20.08 29.87
CA GLN D 99 -10.95 -19.95 31.32
C GLN D 99 -12.06 -20.80 31.93
N GLY D 100 -13.05 -21.20 31.15
CA GLY D 100 -14.10 -22.04 31.69
C GLY D 100 -15.46 -21.39 31.82
N THR D 101 -16.51 -22.20 31.68
CA THR D 101 -17.89 -21.76 31.90
C THR D 101 -18.59 -22.73 32.83
N LYS D 102 -18.98 -22.23 34.00
CA LYS D 102 -19.73 -23.03 34.96
C LYS D 102 -21.22 -22.88 34.67
N LEU D 103 -21.89 -24.00 34.42
CA LEU D 103 -23.29 -24.02 34.05
C LEU D 103 -24.13 -24.39 35.27
N GLU D 104 -24.92 -23.43 35.75
CA GLU D 104 -25.68 -23.62 36.97
C GLU D 104 -27.09 -24.10 36.64
N ILE D 105 -27.56 -25.10 37.37
CA ILE D 105 -28.93 -25.60 37.25
C ILE D 105 -29.79 -24.81 38.22
N LYS D 106 -30.94 -24.33 37.75
CA LYS D 106 -31.84 -23.49 38.55
C LYS D 106 -32.65 -24.36 39.50
N ARG D 107 -32.14 -24.49 40.73
CA ARG D 107 -32.86 -25.13 41.84
C ARG D 107 -32.86 -24.17 43.02
N THR D 108 -33.82 -23.23 43.02
CA THR D 108 -34.04 -22.24 44.08
C THR D 108 -32.80 -21.45 44.54
N SER E 1 19.30 -6.75 -35.52
CA SER E 1 18.20 -6.22 -34.71
C SER E 1 18.36 -4.72 -34.48
N ILE E 2 17.23 -4.02 -34.47
CA ILE E 2 17.09 -2.61 -34.12
C ILE E 2 18.00 -1.71 -34.96
N PRO E 3 17.65 -1.42 -36.21
CA PRO E 3 18.56 -0.68 -37.09
C PRO E 3 18.65 0.79 -36.70
N LEU E 4 19.87 1.31 -36.79
CA LEU E 4 20.15 2.72 -36.56
C LEU E 4 20.12 3.47 -37.89
N GLY E 5 19.13 4.35 -38.04
CA GLY E 5 19.04 5.15 -39.24
C GLY E 5 20.11 6.22 -39.28
N VAL E 6 20.59 6.50 -40.48
CA VAL E 6 21.67 7.46 -40.66
C VAL E 6 21.15 8.59 -41.51
N ILE E 7 21.13 9.79 -40.95
CA ILE E 7 20.84 10.98 -41.74
C ILE E 7 22.15 11.37 -42.41
N HIS E 8 22.31 10.88 -43.63
CA HIS E 8 23.32 11.35 -44.54
C HIS E 8 22.96 12.77 -44.97
N ASN E 9 23.94 13.47 -45.57
CA ASN E 9 23.70 14.83 -46.04
C ASN E 9 22.69 14.88 -47.17
N SER E 10 22.54 13.79 -47.91
CA SER E 10 21.50 13.70 -48.92
C SER E 10 20.16 13.34 -48.29
N THR E 11 20.05 12.14 -47.73
CA THR E 11 18.76 11.61 -47.33
C THR E 11 18.97 10.50 -46.30
N LEU E 12 17.87 9.93 -45.85
CA LEU E 12 17.89 8.93 -44.79
C LEU E 12 18.25 7.57 -45.34
N GLN E 13 19.30 6.98 -44.79
CA GLN E 13 19.77 5.68 -45.21
C GLN E 13 19.88 4.77 -43.99
N VAL E 14 19.25 3.60 -44.07
CA VAL E 14 19.31 2.62 -43.00
C VAL E 14 20.70 2.00 -43.03
N SER E 15 21.24 1.69 -41.85
CA SER E 15 22.55 1.06 -41.77
C SER E 15 22.41 -0.36 -41.27
N ASP E 16 23.35 -1.20 -41.66
CA ASP E 16 23.29 -2.59 -41.26
C ASP E 16 23.91 -2.74 -39.88
N VAL E 17 23.30 -3.58 -39.04
CA VAL E 17 23.92 -3.93 -37.78
C VAL E 17 24.85 -5.14 -37.95
N ASP E 18 24.89 -5.71 -39.15
CA ASP E 18 25.83 -6.78 -39.41
C ASP E 18 27.02 -6.33 -40.25
N LYS E 19 26.81 -5.43 -41.21
CA LYS E 19 27.91 -4.91 -42.00
C LYS E 19 28.48 -3.65 -41.35
N LEU E 20 29.74 -3.38 -41.63
CA LEU E 20 30.47 -2.28 -41.01
C LEU E 20 30.46 -1.09 -41.96
N VAL E 21 29.83 -0.01 -41.54
CA VAL E 21 29.74 1.19 -42.36
C VAL E 21 30.81 2.16 -41.90
N CYS E 22 31.80 2.40 -42.76
CA CYS E 22 32.86 3.35 -42.44
C CYS E 22 32.46 4.78 -42.76
N ARG E 23 31.33 4.98 -43.44
CA ARG E 23 30.87 6.33 -43.76
C ARG E 23 30.26 7.01 -42.54
N ASP E 24 29.91 6.23 -41.51
CA ASP E 24 29.37 6.80 -40.29
C ASP E 24 30.49 7.49 -39.52
N LYS E 25 30.20 8.70 -39.05
CA LYS E 25 31.10 9.40 -38.14
C LYS E 25 30.31 9.77 -36.90
N LEU E 26 30.62 9.12 -35.79
CA LEU E 26 29.85 9.26 -34.56
C LEU E 26 30.81 9.72 -33.48
N SER E 27 30.83 11.02 -33.19
CA SER E 27 31.79 11.58 -32.26
C SER E 27 31.17 12.18 -31.01
N SER E 28 29.99 11.71 -30.61
CA SER E 28 29.37 12.09 -29.35
C SER E 28 28.30 11.07 -29.03
N THR E 29 27.80 11.12 -27.80
CA THR E 29 26.50 10.53 -27.57
C THR E 29 25.41 11.57 -27.46
N ASN E 30 25.68 12.81 -27.84
CA ASN E 30 24.57 13.69 -28.16
C ASN E 30 24.10 13.51 -29.59
N GLN E 31 24.90 12.85 -30.43
CA GLN E 31 24.46 12.54 -31.77
C GLN E 31 23.57 11.31 -31.84
N LEU E 32 23.22 10.71 -30.72
CA LEU E 32 22.26 9.63 -30.70
C LEU E 32 21.03 10.07 -29.94
N ARG E 33 19.94 10.29 -30.66
CA ARG E 33 18.68 10.60 -30.02
C ARG E 33 17.66 9.56 -30.45
N SER E 34 16.75 9.25 -29.56
CA SER E 34 15.74 8.23 -29.79
C SER E 34 14.40 8.91 -29.95
N VAL E 35 13.93 9.02 -31.18
CA VAL E 35 12.78 9.86 -31.50
C VAL E 35 11.55 8.99 -31.63
N GLY E 36 10.40 9.51 -31.17
CA GLY E 36 9.15 8.80 -31.24
C GLY E 36 8.19 9.54 -32.15
N LEU E 37 7.53 8.81 -33.02
CA LEU E 37 6.72 9.40 -34.06
C LEU E 37 5.28 8.96 -33.86
N ASN E 38 4.33 9.70 -34.41
CA ASN E 38 2.93 9.37 -34.23
C ASN E 38 2.33 8.65 -35.43
N LEU E 39 1.37 7.76 -35.14
CA LEU E 39 0.67 7.03 -36.17
C LEU E 39 -0.21 7.90 -37.04
N GLU E 40 -0.65 9.04 -36.54
CA GLU E 40 -1.68 9.79 -37.25
C GLU E 40 -1.13 10.49 -38.48
N GLY E 41 0.19 10.56 -38.59
CA GLY E 41 0.78 10.95 -39.85
C GLY E 41 0.77 9.86 -40.90
N ASN E 42 0.71 8.60 -40.50
CA ASN E 42 0.66 7.52 -41.47
C ASN E 42 -0.69 7.44 -42.15
N GLY E 43 -1.74 8.03 -41.56
CA GLY E 43 -3.04 8.02 -42.18
C GLY E 43 -4.02 7.05 -41.59
N VAL E 44 -3.84 6.65 -40.34
CA VAL E 44 -4.82 5.80 -39.69
C VAL E 44 -6.03 6.66 -39.34
N ALA E 45 -7.16 6.02 -39.13
CA ALA E 45 -8.32 6.72 -38.62
C ALA E 45 -8.06 7.17 -37.19
N THR E 46 -8.74 8.24 -36.77
CA THR E 46 -8.45 8.83 -35.48
C THR E 46 -9.61 8.79 -34.51
N ASP E 47 -10.83 8.66 -34.99
CA ASP E 47 -11.98 8.70 -34.09
C ASP E 47 -12.06 7.43 -33.27
N VAL E 48 -12.46 7.60 -32.02
CA VAL E 48 -12.49 6.56 -30.99
C VAL E 48 -13.21 5.26 -31.37
N PRO E 49 -14.41 5.24 -31.96
CA PRO E 49 -14.96 3.95 -32.37
C PRO E 49 -14.28 3.32 -33.56
N SER E 50 -13.40 4.04 -34.24
CA SER E 50 -12.54 3.44 -35.24
C SER E 50 -11.14 3.20 -34.73
N VAL E 51 -10.89 3.38 -33.44
CA VAL E 51 -9.58 3.17 -32.85
C VAL E 51 -9.61 2.05 -31.83
N THR E 52 -10.60 2.05 -30.94
CA THR E 52 -10.61 1.03 -29.90
C THR E 52 -11.06 -0.34 -30.39
N LYS E 53 -11.21 -0.53 -31.71
CA LYS E 53 -11.12 -1.86 -32.25
C LYS E 53 -9.68 -2.35 -32.33
N ARG E 54 -8.70 -1.47 -32.23
CA ARG E 54 -7.32 -1.92 -32.22
C ARG E 54 -6.77 -2.14 -30.83
N TRP E 55 -7.60 -2.11 -29.80
CA TRP E 55 -7.14 -2.43 -28.46
C TRP E 55 -7.86 -3.67 -27.97
N GLY E 56 -7.12 -4.53 -27.29
CA GLY E 56 -7.73 -5.72 -26.73
C GLY E 56 -7.15 -5.95 -25.35
N PHE E 57 -7.68 -6.94 -24.68
CA PHE E 57 -7.15 -7.35 -23.39
C PHE E 57 -6.51 -8.71 -23.53
N ARG E 58 -5.52 -8.98 -22.70
CA ARG E 58 -4.85 -10.27 -22.69
C ARG E 58 -4.24 -10.43 -21.32
N SER E 59 -4.03 -11.66 -20.89
CA SER E 59 -3.53 -11.92 -19.56
C SER E 59 -2.25 -12.71 -19.62
N GLY E 60 -1.36 -12.43 -18.68
CA GLY E 60 -0.19 -13.26 -18.47
C GLY E 60 1.06 -12.82 -19.19
N VAL E 61 1.17 -11.56 -19.58
CA VAL E 61 2.42 -11.04 -20.12
C VAL E 61 2.73 -9.75 -19.35
N PRO E 62 3.94 -9.55 -18.86
CA PRO E 62 4.23 -8.34 -18.13
C PRO E 62 4.49 -7.20 -19.08
N PRO E 63 4.23 -5.96 -18.67
CA PRO E 63 4.56 -4.81 -19.51
C PRO E 63 6.05 -4.58 -19.62
N LYS E 64 6.43 -3.81 -20.64
CA LYS E 64 7.79 -3.33 -20.81
C LYS E 64 7.74 -1.86 -21.16
N VAL E 65 8.75 -1.10 -20.73
CA VAL E 65 8.77 0.34 -20.90
C VAL E 65 10.15 0.80 -21.35
N VAL E 66 10.20 1.55 -22.44
CA VAL E 66 11.44 2.12 -22.98
C VAL E 66 11.26 3.63 -23.11
N ASN E 67 12.35 4.40 -23.00
CA ASN E 67 12.23 5.84 -23.12
C ASN E 67 12.52 6.33 -24.53
N TYR E 68 12.16 7.58 -24.77
CA TYR E 68 12.48 8.24 -26.02
C TYR E 68 12.60 9.71 -25.74
N GLU E 69 13.35 10.42 -26.57
CA GLU E 69 13.76 11.76 -26.21
C GLU E 69 12.93 12.84 -26.90
N ALA E 70 12.66 12.73 -28.19
CA ALA E 70 11.91 13.74 -28.90
C ALA E 70 10.67 13.10 -29.51
N GLY E 71 9.62 13.90 -29.65
CA GLY E 71 8.35 13.37 -30.12
C GLY E 71 7.69 14.30 -31.09
N GLU E 72 6.48 13.92 -31.50
CA GLU E 72 5.70 14.75 -32.41
C GLU E 72 4.50 15.33 -31.68
N TRP E 73 4.21 16.60 -31.99
CA TRP E 73 2.97 17.24 -31.57
C TRP E 73 1.77 16.44 -32.04
N ALA E 74 1.00 15.96 -31.09
CA ALA E 74 -0.06 15.02 -31.42
C ALA E 74 -1.32 15.77 -31.82
N GLU E 75 -2.10 15.16 -32.70
CA GLU E 75 -3.40 15.74 -33.00
C GLU E 75 -4.47 15.17 -32.09
N ASN E 76 -4.37 13.89 -31.74
CA ASN E 76 -5.34 13.29 -30.84
C ASN E 76 -4.62 12.52 -29.74
N CYS E 77 -5.09 12.68 -28.51
CA CYS E 77 -4.58 12.01 -27.34
C CYS E 77 -5.74 11.43 -26.54
N TYR E 78 -5.55 10.26 -25.95
CA TYR E 78 -6.65 9.53 -25.35
C TYR E 78 -6.40 9.43 -23.85
N ASN E 79 -7.43 9.06 -23.10
CA ASN E 79 -7.29 8.87 -21.66
C ASN E 79 -8.45 7.99 -21.21
N LEU E 80 -8.19 6.99 -20.38
CA LEU E 80 -9.18 5.96 -20.10
C LEU E 80 -9.49 5.82 -18.62
N GLU E 81 -10.76 5.49 -18.33
CA GLU E 81 -11.23 5.07 -17.00
C GLU E 81 -12.25 3.96 -17.21
N ILE E 82 -11.83 2.71 -17.29
CA ILE E 82 -12.77 1.63 -17.56
C ILE E 82 -12.94 0.79 -16.30
N LYS E 83 -14.19 0.54 -15.94
CA LYS E 83 -14.50 -0.30 -14.79
C LYS E 83 -15.20 -1.57 -15.24
N LYS E 84 -14.96 -2.65 -14.51
CA LYS E 84 -15.73 -3.87 -14.67
C LYS E 84 -17.15 -3.63 -14.17
N PRO E 85 -18.13 -4.38 -14.70
CA PRO E 85 -19.53 -4.12 -14.33
C PRO E 85 -19.88 -4.38 -12.88
N ASP E 86 -19.04 -5.09 -12.13
CA ASP E 86 -19.28 -5.23 -10.70
C ASP E 86 -18.75 -4.03 -9.91
N GLY E 87 -17.90 -3.21 -10.51
CA GLY E 87 -17.40 -2.02 -9.86
C GLY E 87 -15.90 -1.95 -9.69
N SER E 88 -15.17 -3.01 -10.00
CA SER E 88 -13.73 -3.01 -9.79
C SER E 88 -13.02 -2.27 -10.91
N GLU E 89 -11.70 -2.17 -10.79
CA GLU E 89 -10.88 -1.48 -11.77
C GLU E 89 -10.39 -2.44 -12.84
N CYS E 90 -10.29 -1.93 -14.07
CA CYS E 90 -9.76 -2.74 -15.15
C CYS E 90 -8.30 -2.45 -15.39
N LEU E 91 -7.95 -1.20 -15.46
CA LEU E 91 -6.61 -0.86 -15.88
C LEU E 91 -5.75 -0.56 -14.66
N PRO E 92 -4.48 -0.92 -14.68
CA PRO E 92 -3.63 -0.72 -13.49
C PRO E 92 -3.30 0.75 -13.31
N ALA E 93 -3.02 1.11 -12.07
CA ALA E 93 -2.71 2.50 -11.75
C ALA E 93 -1.36 2.88 -12.32
N ALA E 94 -1.16 4.18 -12.52
CA ALA E 94 0.06 4.66 -13.11
C ALA E 94 1.20 4.56 -12.12
N PRO E 95 2.33 3.97 -12.50
CA PRO E 95 3.49 3.93 -11.60
C PRO E 95 4.14 5.30 -11.50
N ASP E 96 5.14 5.37 -10.63
CA ASP E 96 5.85 6.62 -10.44
C ASP E 96 6.73 6.91 -11.64
N GLY E 97 6.83 8.18 -12.00
CA GLY E 97 7.56 8.59 -13.18
C GLY E 97 6.71 8.70 -14.42
N ILE E 98 5.51 8.15 -14.40
CA ILE E 98 4.60 8.22 -15.54
C ILE E 98 3.81 9.52 -15.48
N ARG E 99 3.93 10.33 -16.51
CA ARG E 99 3.16 11.54 -16.64
C ARG E 99 2.50 11.55 -18.01
N GLY E 100 1.54 12.45 -18.19
CA GLY E 100 0.78 12.47 -19.44
C GLY E 100 1.61 12.91 -20.62
N PHE E 101 1.07 12.70 -21.82
CA PHE E 101 1.75 13.15 -23.01
C PHE E 101 1.67 14.66 -23.07
N PRO E 102 2.75 15.36 -23.36
CA PRO E 102 2.82 16.78 -23.00
C PRO E 102 2.10 17.71 -23.95
N ARG E 103 2.14 17.48 -25.26
CA ARG E 103 1.52 18.38 -26.23
C ARG E 103 0.39 17.65 -26.92
N CYS E 104 -0.84 18.07 -26.66
CA CYS E 104 -2.00 17.39 -27.20
C CYS E 104 -3.01 18.43 -27.67
N ARG E 105 -3.38 18.34 -28.94
CA ARG E 105 -4.34 19.28 -29.49
C ARG E 105 -5.75 18.95 -29.02
N TYR E 106 -6.09 17.67 -28.90
CA TYR E 106 -7.36 17.27 -28.34
C TYR E 106 -7.15 16.07 -27.44
N VAL E 107 -7.88 16.05 -26.32
CA VAL E 107 -7.76 14.97 -25.35
C VAL E 107 -9.12 14.29 -25.24
N HIS E 108 -9.21 13.08 -25.77
CA HIS E 108 -10.40 12.25 -25.65
C HIS E 108 -10.32 11.56 -24.31
N LYS E 109 -11.14 11.96 -23.37
CA LYS E 109 -11.23 11.27 -22.10
C LYS E 109 -12.45 10.36 -22.12
N VAL E 110 -12.24 9.08 -21.83
CA VAL E 110 -13.28 8.07 -21.94
C VAL E 110 -13.43 7.39 -20.60
N SER E 111 -14.65 7.38 -20.08
CA SER E 111 -14.97 6.58 -18.91
C SER E 111 -16.11 5.63 -19.26
N GLY E 112 -16.31 4.63 -18.43
CA GLY E 112 -17.44 3.74 -18.62
C GLY E 112 -17.10 2.32 -18.25
N THR E 113 -17.92 1.40 -18.76
CA THR E 113 -17.90 0.01 -18.35
C THR E 113 -17.63 -0.90 -19.54
N GLY E 114 -17.16 -2.10 -19.23
CA GLY E 114 -16.91 -3.09 -20.24
C GLY E 114 -16.54 -4.44 -19.65
N PRO E 115 -16.77 -5.51 -20.40
CA PRO E 115 -16.35 -6.84 -19.92
C PRO E 115 -14.84 -7.01 -20.01
N CYS E 116 -14.16 -6.51 -18.98
CA CYS E 116 -12.72 -6.58 -18.94
C CYS E 116 -12.27 -8.00 -18.67
N ALA E 117 -11.64 -8.62 -19.68
CA ALA E 117 -11.21 -10.00 -19.60
C ALA E 117 -9.72 -10.04 -19.91
N GLY E 118 -8.91 -9.84 -18.88
CA GLY E 118 -7.48 -9.83 -19.07
C GLY E 118 -6.81 -9.09 -17.95
N ASP E 119 -5.49 -9.00 -18.05
CA ASP E 119 -4.75 -8.31 -17.01
C ASP E 119 -4.28 -6.94 -17.44
N PHE E 120 -4.15 -6.72 -18.74
CA PHE E 120 -3.64 -5.47 -19.27
C PHE E 120 -4.33 -5.18 -20.59
N ALA E 121 -3.82 -4.17 -21.29
CA ALA E 121 -4.36 -3.80 -22.59
C ALA E 121 -3.23 -3.55 -23.56
N PHE E 122 -3.15 -4.34 -24.61
CA PHE E 122 -2.02 -4.25 -25.52
C PHE E 122 -2.49 -3.66 -26.84
N HIS E 123 -1.55 -3.35 -27.72
CA HIS E 123 -1.90 -2.77 -29.00
C HIS E 123 -1.88 -3.84 -30.07
N LYS E 124 -3.03 -4.04 -30.74
CA LYS E 124 -3.17 -5.21 -31.60
C LYS E 124 -2.32 -5.15 -32.85
N GLU E 125 -1.88 -3.99 -33.29
CA GLU E 125 -1.02 -3.96 -34.44
C GLU E 125 0.45 -3.89 -34.06
N GLY E 126 0.75 -3.84 -32.77
CA GLY E 126 2.13 -3.86 -32.34
C GLY E 126 2.76 -2.51 -32.11
N ALA E 127 1.98 -1.44 -32.13
CA ALA E 127 2.54 -0.15 -31.83
C ALA E 127 2.71 0.02 -30.33
N PHE E 128 3.36 1.10 -29.93
CA PHE E 128 3.55 1.43 -28.55
C PHE E 128 2.49 2.43 -28.10
N PHE E 129 2.51 2.78 -26.83
CA PHE E 129 1.65 3.82 -26.31
C PHE E 129 2.49 4.92 -25.67
N LEU E 130 2.76 5.98 -26.42
CA LEU E 130 3.72 7.01 -26.01
C LEU E 130 3.20 7.82 -24.84
N TYR E 131 4.04 8.00 -23.84
CA TYR E 131 3.76 8.82 -22.67
C TYR E 131 4.79 9.93 -22.59
N ASP E 132 4.89 10.53 -21.40
CA ASP E 132 5.87 11.59 -21.15
C ASP E 132 7.26 11.00 -21.26
N ARG E 133 7.80 11.08 -22.47
CA ARG E 133 9.14 10.58 -22.83
C ARG E 133 9.33 9.10 -22.53
N LEU E 134 8.25 8.34 -22.41
CA LEU E 134 8.32 6.92 -22.14
C LEU E 134 7.38 6.18 -23.07
N ALA E 135 7.91 5.25 -23.83
CA ALA E 135 7.11 4.37 -24.66
C ALA E 135 6.80 3.15 -23.82
N SER E 136 5.54 2.75 -23.80
CA SER E 136 5.13 1.60 -23.03
C SER E 136 4.25 0.71 -23.88
N THR E 137 4.19 -0.57 -23.52
CA THR E 137 3.31 -1.47 -24.24
C THR E 137 2.08 -1.86 -23.46
N VAL E 138 1.66 -1.05 -22.50
CA VAL E 138 0.35 -1.21 -21.91
C VAL E 138 -0.36 0.13 -21.96
N ILE E 139 -1.55 0.15 -21.43
CA ILE E 139 -2.26 1.40 -21.22
C ILE E 139 -2.52 1.55 -19.74
N TYR E 140 -1.82 2.48 -19.10
CA TYR E 140 -2.01 2.73 -17.69
C TYR E 140 -3.22 3.64 -17.51
N ARG E 141 -3.84 3.54 -16.35
CA ARG E 141 -5.13 4.19 -16.12
C ARG E 141 -4.94 5.67 -15.80
N GLY E 142 -5.71 6.50 -16.47
CA GLY E 142 -5.77 7.90 -16.11
C GLY E 142 -4.58 8.71 -16.52
N THR E 143 -3.98 8.44 -17.67
CA THR E 143 -2.80 9.17 -18.10
C THR E 143 -2.86 9.41 -19.60
N THR E 144 -2.81 10.67 -19.99
CA THR E 144 -3.06 11.07 -21.36
C THR E 144 -1.93 10.65 -22.28
N PHE E 145 -2.27 9.91 -23.34
CA PHE E 145 -1.29 9.29 -24.21
C PHE E 145 -1.68 9.41 -25.66
N ALA E 146 -0.77 9.00 -26.54
CA ALA E 146 -1.03 8.93 -27.96
C ALA E 146 -0.78 7.51 -28.45
N GLU E 147 -0.91 7.31 -29.75
CA GLU E 147 -0.50 6.06 -30.38
C GLU E 147 0.60 6.33 -31.39
N GLY E 148 1.61 5.46 -31.37
CA GLY E 148 2.74 5.67 -32.25
C GLY E 148 3.86 4.69 -31.97
N VAL E 149 5.00 4.97 -32.58
CA VAL E 149 6.13 4.07 -32.64
C VAL E 149 7.39 4.86 -32.33
N VAL E 150 8.54 4.16 -32.35
CA VAL E 150 9.83 4.72 -31.94
C VAL E 150 10.85 4.37 -33.00
N ALA E 151 11.69 5.32 -33.38
CA ALA E 151 12.81 5.03 -34.27
C ALA E 151 14.11 5.63 -33.75
N PHE E 152 15.21 4.92 -34.00
CA PHE E 152 16.52 5.30 -33.50
C PHE E 152 17.38 5.80 -34.65
N LEU E 153 18.13 6.86 -34.42
CA LEU E 153 18.82 7.50 -35.53
C LEU E 153 19.98 8.34 -35.03
N ILE E 154 20.82 8.75 -35.98
CA ILE E 154 21.98 9.61 -35.79
C ILE E 154 21.63 10.97 -36.37
N LEU E 155 21.93 12.05 -35.68
CA LEU E 155 21.45 13.36 -36.14
C LEU E 155 22.25 13.95 -37.30
N PRO E 156 23.58 14.18 -37.20
CA PRO E 156 24.11 15.00 -38.29
C PRO E 156 24.54 14.16 -39.48
N SER E 184 -4.99 20.58 -25.62
CA SER E 184 -5.41 21.22 -24.39
C SER E 184 -6.91 21.13 -24.22
N THR E 185 -7.63 20.98 -25.33
CA THR E 185 -9.08 20.93 -25.31
C THR E 185 -9.54 19.55 -24.85
N THR E 186 -10.51 19.51 -23.95
CA THR E 186 -10.98 18.26 -23.36
C THR E 186 -12.34 17.89 -23.93
N ILE E 187 -12.48 16.66 -24.39
CA ILE E 187 -13.75 16.09 -24.84
C ILE E 187 -13.99 14.82 -24.04
N ARG E 188 -15.11 14.75 -23.32
CA ARG E 188 -15.39 13.60 -22.48
C ARG E 188 -16.37 12.67 -23.15
N TYR E 189 -16.20 11.37 -22.92
CA TYR E 189 -17.05 10.35 -23.52
C TYR E 189 -17.68 9.46 -22.45
N GLN E 190 -18.70 8.72 -22.86
CA GLN E 190 -19.24 7.62 -22.07
C GLN E 190 -19.33 6.38 -22.94
N ALA E 191 -18.79 5.29 -22.40
CA ALA E 191 -18.60 4.06 -23.16
C ALA E 191 -19.33 2.92 -22.46
N THR E 192 -20.10 2.17 -23.23
CA THR E 192 -20.79 1.00 -22.74
C THR E 192 -20.33 -0.21 -23.52
N GLY E 193 -19.85 -1.22 -22.79
CA GLY E 193 -19.32 -2.39 -23.44
C GLY E 193 -18.01 -2.13 -24.14
N PHE E 194 -16.93 -1.89 -23.38
CA PHE E 194 -15.74 -1.32 -23.98
C PHE E 194 -14.92 -2.35 -24.75
N GLY E 195 -14.93 -3.59 -24.31
CA GLY E 195 -13.99 -4.52 -24.91
C GLY E 195 -14.51 -5.37 -26.04
N THR E 196 -15.81 -5.37 -26.30
CA THR E 196 -16.39 -6.26 -27.28
C THR E 196 -16.29 -5.65 -28.68
N ASN E 197 -16.99 -6.30 -29.61
CA ASN E 197 -17.15 -5.77 -30.95
C ASN E 197 -18.42 -4.95 -31.07
N GLU E 198 -19.41 -5.22 -30.23
CA GLU E 198 -20.68 -4.51 -30.27
C GLU E 198 -20.69 -3.45 -29.17
N THR E 199 -20.00 -2.35 -29.44
CA THR E 199 -19.80 -1.31 -28.46
C THR E 199 -20.63 -0.09 -28.81
N GLU E 200 -20.89 0.76 -27.82
CA GLU E 200 -21.62 2.00 -28.01
C GLU E 200 -20.93 3.13 -27.29
N TYR E 201 -20.63 4.19 -28.02
CA TYR E 201 -19.99 5.35 -27.40
C TYR E 201 -20.99 6.48 -27.30
N LEU E 202 -20.79 7.33 -26.30
CA LEU E 202 -21.61 8.52 -26.11
C LEU E 202 -20.74 9.75 -25.96
N PHE E 203 -21.07 10.79 -26.72
CA PHE E 203 -20.49 12.11 -26.56
C PHE E 203 -21.16 12.79 -25.38
N GLU E 204 -20.38 13.47 -24.58
CA GLU E 204 -20.92 14.15 -23.41
C GLU E 204 -20.95 15.66 -23.63
N VAL E 205 -22.12 16.26 -23.42
CA VAL E 205 -22.24 17.70 -23.36
C VAL E 205 -22.41 18.17 -21.93
N ASP E 206 -23.50 17.77 -21.29
CA ASP E 206 -23.73 18.06 -19.89
C ASP E 206 -24.05 16.73 -19.22
N ASN E 207 -23.95 16.69 -17.89
CA ASN E 207 -24.00 15.41 -17.19
C ASN E 207 -25.39 14.78 -17.20
N LEU E 208 -26.38 15.41 -17.81
CA LEU E 208 -27.60 14.77 -18.23
C LEU E 208 -27.84 14.89 -19.72
N THR E 209 -26.83 15.29 -20.49
CA THR E 209 -27.02 15.57 -21.90
C THR E 209 -25.97 14.83 -22.71
N TYR E 210 -26.40 13.87 -23.52
CA TYR E 210 -25.49 13.06 -24.30
C TYR E 210 -25.87 13.11 -25.78
N VAL E 211 -24.89 12.84 -26.64
CA VAL E 211 -25.13 12.66 -28.06
C VAL E 211 -24.49 11.35 -28.47
N GLN E 212 -25.23 10.53 -29.18
CA GLN E 212 -24.68 9.26 -29.63
C GLN E 212 -23.75 9.49 -30.81
N LEU E 213 -22.55 8.94 -30.72
CA LEU E 213 -21.55 9.10 -31.77
C LEU E 213 -21.92 8.33 -33.02
N GLU E 214 -21.17 8.62 -34.07
CA GLU E 214 -21.15 7.82 -35.27
C GLU E 214 -19.70 7.48 -35.56
N SER E 215 -19.46 6.84 -36.70
CA SER E 215 -18.09 6.63 -37.11
C SER E 215 -17.47 7.86 -37.73
N ARG E 216 -18.29 8.75 -38.30
CA ARG E 216 -17.76 9.81 -39.14
C ARG E 216 -17.52 11.12 -38.43
N PHE E 217 -17.77 11.20 -37.14
CA PHE E 217 -17.67 12.48 -36.44
C PHE E 217 -16.21 12.86 -36.21
N THR E 218 -15.85 14.05 -36.64
CA THR E 218 -14.58 14.70 -36.37
C THR E 218 -14.71 15.55 -35.12
N PRO E 219 -13.61 15.92 -34.46
CA PRO E 219 -13.75 16.69 -33.23
C PRO E 219 -14.26 18.11 -33.40
N GLN E 220 -13.99 18.78 -34.53
CA GLN E 220 -14.48 20.15 -34.67
C GLN E 220 -15.98 20.16 -34.85
N PHE E 221 -16.53 19.14 -35.51
CA PHE E 221 -17.98 19.04 -35.62
C PHE E 221 -18.61 18.84 -34.25
N LEU E 222 -17.95 18.07 -33.40
CA LEU E 222 -18.45 17.92 -32.04
C LEU E 222 -18.32 19.21 -31.25
N LEU E 223 -17.32 20.03 -31.57
CA LEU E 223 -17.20 21.30 -30.86
C LEU E 223 -18.29 22.28 -31.29
N GLN E 224 -18.63 22.30 -32.59
CA GLN E 224 -19.80 23.06 -33.00
C GLN E 224 -21.07 22.48 -32.40
N LEU E 225 -21.08 21.18 -32.15
CA LEU E 225 -22.28 20.57 -31.59
C LEU E 225 -22.50 21.00 -30.15
N ASN E 226 -21.48 20.96 -29.29
CA ASN E 226 -21.77 21.41 -27.93
C ASN E 226 -21.92 22.92 -27.86
N GLU E 227 -21.34 23.65 -28.81
CA GLU E 227 -21.64 25.08 -28.85
C GLU E 227 -23.12 25.32 -29.14
N THR E 228 -23.65 24.63 -30.15
CA THR E 228 -25.04 24.86 -30.56
C THR E 228 -26.01 24.35 -29.51
N ILE E 229 -25.72 23.19 -28.91
CA ILE E 229 -26.59 22.62 -27.89
C ILE E 229 -26.58 23.47 -26.64
N TYR E 230 -25.39 23.81 -26.14
CA TYR E 230 -25.28 24.48 -24.85
C TYR E 230 -25.74 25.93 -24.96
N ALA E 231 -25.71 26.48 -26.17
CA ALA E 231 -26.19 27.84 -26.33
C ALA E 231 -27.69 27.89 -26.57
N SER E 232 -28.24 26.99 -27.37
CA SER E 232 -29.64 27.12 -27.74
C SER E 232 -30.61 26.61 -26.70
N GLY E 233 -30.12 26.16 -25.55
CA GLY E 233 -31.01 25.78 -24.46
C GLY E 233 -31.65 24.42 -24.61
N LYS E 234 -31.09 23.54 -25.44
CA LYS E 234 -31.67 22.23 -25.67
C LYS E 234 -31.07 21.16 -24.78
N ARG E 235 -30.49 21.53 -23.64
CA ARG E 235 -30.05 20.50 -22.72
C ARG E 235 -31.23 19.98 -21.92
N SER E 236 -30.93 19.00 -21.06
CA SER E 236 -31.99 18.39 -20.26
C SER E 236 -32.43 19.33 -19.15
N ASN E 237 -33.71 19.69 -19.16
CA ASN E 237 -34.29 20.54 -18.13
C ASN E 237 -35.08 19.74 -17.10
N THR E 238 -34.91 18.42 -17.08
CA THR E 238 -35.49 17.54 -16.07
C THR E 238 -34.38 16.71 -15.43
N THR E 239 -34.78 15.73 -14.61
CA THR E 239 -33.80 14.92 -13.91
C THR E 239 -33.15 13.85 -14.77
N GLY E 240 -33.81 13.40 -15.83
CA GLY E 240 -33.35 12.27 -16.61
C GLY E 240 -32.29 12.65 -17.63
N LYS E 241 -31.67 11.62 -18.21
CA LYS E 241 -30.74 11.84 -19.29
C LYS E 241 -31.49 12.25 -20.55
N LEU E 242 -30.73 12.72 -21.53
CA LEU E 242 -31.28 13.17 -22.79
C LEU E 242 -30.28 12.82 -23.87
N ILE E 243 -30.65 11.91 -24.76
CA ILE E 243 -29.74 11.41 -25.78
C ILE E 243 -30.25 11.91 -27.12
N TRP E 244 -29.34 12.28 -28.00
CA TRP E 244 -29.67 12.90 -29.28
C TRP E 244 -29.13 12.05 -30.41
N LYS E 245 -29.81 12.11 -31.54
CA LYS E 245 -29.29 11.50 -32.76
C LYS E 245 -29.00 12.59 -33.77
N VAL E 246 -28.18 12.25 -34.75
CA VAL E 246 -27.85 13.15 -35.83
C VAL E 246 -28.42 12.54 -37.09
N ASN E 247 -29.14 13.34 -37.87
CA ASN E 247 -29.68 12.85 -39.13
C ASN E 247 -28.53 12.58 -40.10
N PRO E 248 -28.72 11.68 -41.06
CA PRO E 248 -27.71 11.52 -42.12
C PRO E 248 -27.83 12.59 -43.22
N GLU E 249 -27.80 13.85 -42.80
CA GLU E 249 -27.87 14.99 -43.70
C GLU E 249 -26.85 16.06 -43.39
N ILE E 250 -26.16 16.00 -42.26
CA ILE E 250 -25.37 17.11 -41.76
C ILE E 250 -23.90 16.72 -41.85
N ASP E 251 -23.12 17.57 -42.50
CA ASP E 251 -21.75 17.23 -42.85
C ASP E 251 -20.81 17.30 -41.64
N THR E 252 -19.57 16.91 -41.87
CA THR E 252 -18.49 17.16 -40.93
C THR E 252 -17.61 18.30 -41.44
N THR E 253 -16.89 18.93 -40.51
CA THR E 253 -16.09 20.10 -40.86
C THR E 253 -14.85 19.74 -41.68
N ILE E 254 -14.31 18.54 -41.50
CA ILE E 254 -13.23 18.08 -42.34
C ILE E 254 -13.68 16.82 -43.06
N ALA E 258 -5.78 12.35 -44.91
CA ALA E 258 -4.90 13.52 -44.82
C ALA E 258 -5.54 14.62 -43.98
N PHE E 259 -5.06 14.73 -42.74
CA PHE E 259 -5.60 15.75 -41.83
C PHE E 259 -5.04 17.13 -42.14
N TRP E 260 -3.76 17.19 -42.47
CA TRP E 260 -2.99 18.40 -42.72
C TRP E 260 -3.26 19.02 -44.09
N GLU E 261 -4.20 18.44 -44.85
CA GLU E 261 -4.57 18.84 -46.21
C GLU E 261 -3.37 18.82 -47.15
N VAL F 1 17.69 2.88 -50.11
CA VAL F 1 17.16 3.81 -49.12
C VAL F 1 15.88 3.25 -48.52
N ILE F 2 15.25 4.05 -47.68
CA ILE F 2 13.96 3.70 -47.10
C ILE F 2 12.87 4.38 -47.92
N VAL F 3 11.90 3.59 -48.37
CA VAL F 3 10.81 4.09 -49.19
C VAL F 3 9.52 3.92 -48.41
N ASN F 4 8.73 4.98 -48.34
CA ASN F 4 7.49 4.94 -47.57
C ASN F 4 6.46 4.12 -48.33
N ALA F 5 5.68 3.34 -47.58
CA ALA F 5 4.61 2.52 -48.14
C ALA F 5 3.33 2.66 -47.33
N GLN F 6 3.24 3.68 -46.54
CA GLN F 6 2.05 3.92 -45.75
C GLN F 6 0.95 4.50 -46.62
N PRO F 7 -0.31 4.48 -46.16
CA PRO F 7 -1.36 5.20 -46.90
C PRO F 7 -1.15 6.70 -47.00
N LYS F 8 -0.81 7.37 -45.90
CA LYS F 8 -0.59 8.80 -45.93
C LYS F 8 0.77 9.12 -45.32
N CYS F 9 1.30 10.28 -45.68
CA CYS F 9 2.58 10.70 -45.10
C CYS F 9 2.49 12.19 -44.82
N ASN F 10 2.52 12.57 -43.56
CA ASN F 10 2.45 13.96 -43.18
C ASN F 10 3.84 14.57 -43.29
N PRO F 11 4.07 15.47 -44.24
CA PRO F 11 5.41 16.01 -44.44
C PRO F 11 5.78 17.15 -43.51
N ASN F 12 5.07 17.34 -42.40
CA ASN F 12 5.38 18.40 -41.46
C ASN F 12 5.59 17.80 -40.08
N LEU F 13 6.84 17.70 -39.66
CA LEU F 13 7.17 17.17 -38.35
C LEU F 13 7.29 18.34 -37.39
N HIS F 14 6.18 18.66 -36.73
CA HIS F 14 6.15 19.61 -35.63
C HIS F 14 6.59 18.88 -34.37
N TYR F 15 7.74 19.27 -33.80
CA TYR F 15 8.41 18.43 -32.83
C TYR F 15 8.67 19.14 -31.52
N TRP F 16 8.76 18.35 -30.47
CA TRP F 16 9.02 18.83 -29.13
C TRP F 16 10.12 17.98 -28.50
N THR F 17 11.05 18.64 -27.83
CA THR F 17 12.19 17.96 -27.25
C THR F 17 12.45 18.53 -25.86
N THR F 18 13.52 18.08 -25.23
CA THR F 18 13.96 18.61 -23.96
C THR F 18 15.42 18.99 -24.06
N GLN F 19 15.80 20.03 -23.32
CA GLN F 19 17.19 20.41 -23.15
C GLN F 19 17.45 20.75 -21.69
N ILE F 25 20.63 32.96 -18.58
CA ILE F 25 19.66 32.14 -17.90
C ILE F 25 18.97 32.94 -16.80
N GLY F 26 19.71 33.20 -15.72
CA GLY F 26 19.17 33.98 -14.61
C GLY F 26 18.43 33.17 -13.58
N LEU F 27 19.09 32.18 -12.98
CA LEU F 27 18.55 31.30 -11.93
C LEU F 27 17.30 30.56 -12.36
N ALA F 28 17.28 30.03 -13.59
CA ALA F 28 16.25 29.07 -13.94
C ALA F 28 16.71 27.65 -13.70
N TRP F 29 18.00 27.46 -13.44
CA TRP F 29 18.56 26.14 -13.25
C TRP F 29 18.14 25.53 -11.93
N ILE F 30 18.21 26.32 -10.86
CA ILE F 30 17.86 25.89 -9.52
C ILE F 30 16.38 25.54 -9.46
N PRO F 31 16.00 24.34 -9.03
CA PRO F 31 14.63 23.87 -9.27
C PRO F 31 13.59 24.53 -8.40
N TYR F 32 13.98 25.18 -7.31
CA TYR F 32 12.99 25.93 -6.54
C TYR F 32 12.49 27.14 -7.29
N PHE F 33 13.32 27.76 -8.12
CA PHE F 33 12.90 28.86 -8.97
C PHE F 33 12.61 28.40 -10.39
N GLY F 34 12.78 27.12 -10.69
CA GLY F 34 12.66 26.63 -12.03
C GLY F 34 11.21 26.56 -12.46
N PRO F 35 10.99 26.31 -13.74
CA PRO F 35 9.63 26.26 -14.26
C PRO F 35 8.93 24.98 -13.82
N ALA F 36 7.62 24.99 -13.97
CA ALA F 36 6.85 23.80 -13.70
C ALA F 36 7.09 22.76 -14.78
N ALA F 37 6.54 21.56 -14.57
CA ALA F 37 6.85 20.44 -15.46
C ALA F 37 6.26 20.61 -16.84
N GLU F 38 5.21 21.42 -16.97
CA GLU F 38 4.50 21.52 -18.23
C GLU F 38 5.14 22.54 -19.17
N GLY F 39 6.21 23.18 -18.76
CA GLY F 39 6.86 24.19 -19.58
C GLY F 39 8.34 24.01 -19.81
N ILE F 40 8.86 22.79 -19.68
CA ILE F 40 10.29 22.58 -19.82
C ILE F 40 10.59 22.03 -21.21
N TYR F 41 9.64 22.20 -22.13
CA TYR F 41 9.73 21.59 -23.44
C TYR F 41 10.06 22.62 -24.49
N THR F 42 11.18 22.44 -25.16
CA THR F 42 11.52 23.25 -26.31
C THR F 42 10.72 22.75 -27.51
N GLU F 43 10.10 23.67 -28.23
CA GLU F 43 9.39 23.33 -29.43
C GLU F 43 10.24 23.68 -30.64
N GLY F 44 9.69 23.46 -31.82
CA GLY F 44 10.39 23.79 -33.05
C GLY F 44 9.62 23.20 -34.21
N LEU F 45 9.97 23.64 -35.41
CA LEU F 45 9.29 23.16 -36.61
C LEU F 45 10.32 22.79 -37.65
N MET F 46 10.11 21.65 -38.32
CA MET F 46 10.98 21.19 -39.39
C MET F 46 10.12 20.72 -40.56
N HIS F 47 10.49 21.14 -41.77
CA HIS F 47 9.73 20.82 -42.97
C HIS F 47 10.33 19.63 -43.70
N ASN F 48 9.59 19.16 -44.71
CA ASN F 48 9.98 18.01 -45.50
C ASN F 48 11.16 18.40 -46.37
N GLN F 49 12.34 18.11 -45.88
CA GLN F 49 13.56 18.33 -46.65
C GLN F 49 13.92 17.02 -47.33
N ASP F 50 13.36 16.82 -48.54
CA ASP F 50 13.66 15.68 -49.42
C ASP F 50 13.33 14.34 -48.78
N GLY F 51 12.06 14.13 -48.47
CA GLY F 51 11.58 12.86 -48.01
C GLY F 51 12.08 12.41 -46.67
N LEU F 52 12.61 13.33 -45.86
CA LEU F 52 13.22 12.93 -44.60
C LEU F 52 12.18 12.53 -43.58
N ILE F 53 11.04 13.21 -43.59
CA ILE F 53 10.01 12.89 -42.61
C ILE F 53 9.23 11.65 -43.02
N CYS F 54 8.98 11.48 -44.32
CA CYS F 54 8.44 10.21 -44.80
C CYS F 54 9.40 9.07 -44.53
N GLY F 55 10.71 9.34 -44.66
CA GLY F 55 11.70 8.34 -44.34
C GLY F 55 11.65 7.92 -42.89
N LEU F 56 11.53 8.88 -41.97
CA LEU F 56 11.44 8.53 -40.57
C LEU F 56 10.15 7.82 -40.26
N ARG F 57 9.06 8.18 -40.93
CA ARG F 57 7.79 7.52 -40.63
C ARG F 57 7.79 6.09 -41.12
N GLN F 58 8.58 5.79 -42.15
CA GLN F 58 8.69 4.39 -42.54
C GLN F 58 9.69 3.64 -41.66
N LEU F 59 10.80 4.30 -41.29
CA LEU F 59 11.84 3.66 -40.51
C LEU F 59 11.36 3.31 -39.12
N ALA F 60 10.46 4.14 -38.58
CA ALA F 60 9.86 3.84 -37.30
C ALA F 60 9.01 2.60 -37.38
N ASN F 61 8.35 2.38 -38.52
CA ASN F 61 7.56 1.17 -38.63
C ASN F 61 8.45 -0.05 -38.83
N GLU F 62 9.60 0.11 -39.49
CA GLU F 62 10.45 -1.07 -39.64
C GLU F 62 11.21 -1.42 -38.36
N THR F 63 11.37 -0.45 -37.46
CA THR F 63 12.07 -0.78 -36.21
C THR F 63 11.10 -1.09 -35.09
N THR F 64 9.80 -0.87 -35.32
CA THR F 64 8.77 -1.19 -34.33
C THR F 64 8.78 -2.64 -33.88
N GLN F 65 8.72 -3.56 -34.83
CA GLN F 65 8.60 -4.96 -34.49
C GLN F 65 9.87 -5.50 -33.85
N ALA F 66 11.05 -5.12 -34.36
CA ALA F 66 12.29 -5.63 -33.81
C ALA F 66 12.53 -5.09 -32.40
N LEU F 67 12.16 -3.83 -32.16
CA LEU F 67 12.25 -3.31 -30.80
C LEU F 67 11.27 -4.01 -29.88
N GLN F 68 10.08 -4.35 -30.39
CA GLN F 68 9.11 -5.10 -29.60
C GLN F 68 9.67 -6.45 -29.20
N LEU F 69 10.41 -7.07 -30.12
CA LEU F 69 11.03 -8.36 -29.85
C LEU F 69 12.10 -8.26 -28.78
N PHE F 70 12.97 -7.25 -28.90
CA PHE F 70 14.02 -7.00 -27.90
C PHE F 70 13.43 -6.73 -26.53
N LEU F 71 12.32 -5.99 -26.47
CA LEU F 71 11.72 -5.72 -25.17
C LEU F 71 11.04 -6.94 -24.61
N ARG F 72 10.57 -7.85 -25.47
CA ARG F 72 10.06 -9.10 -24.94
C ARG F 72 11.17 -9.95 -24.37
N ALA F 73 12.38 -9.78 -24.86
CA ALA F 73 13.46 -10.69 -24.50
C ALA F 73 14.21 -10.33 -23.21
N THR F 74 13.82 -9.31 -22.45
CA THR F 74 14.54 -8.99 -21.23
C THR F 74 13.62 -8.96 -20.01
N THR F 75 14.18 -8.52 -18.88
CA THR F 75 13.41 -8.41 -17.64
C THR F 75 13.43 -7.04 -17.00
N GLU F 76 14.11 -6.08 -17.59
CA GLU F 76 14.12 -4.74 -17.02
C GLU F 76 12.75 -4.10 -17.17
N LEU F 77 12.24 -3.55 -16.08
CA LEU F 77 10.93 -2.93 -16.15
C LEU F 77 11.00 -1.58 -16.86
N ARG F 78 12.16 -0.93 -16.80
CA ARG F 78 12.36 0.38 -17.41
C ARG F 78 13.68 0.34 -18.15
N THR F 79 13.67 -0.06 -19.41
CA THR F 79 14.90 -0.14 -20.18
C THR F 79 15.31 1.28 -20.55
N PHE F 80 16.61 1.57 -20.42
CA PHE F 80 17.12 2.86 -20.84
C PHE F 80 18.44 2.76 -21.60
N SER F 81 19.10 1.63 -21.58
CA SER F 81 20.50 1.56 -21.99
C SER F 81 20.68 1.17 -23.44
N ILE F 82 19.69 1.40 -24.30
CA ILE F 82 19.74 0.85 -25.65
C ILE F 82 20.76 1.61 -26.49
N LEU F 83 20.72 2.94 -26.40
CA LEU F 83 21.67 3.78 -27.13
C LEU F 83 23.10 3.52 -26.70
N ASN F 84 23.32 3.26 -25.42
CA ASN F 84 24.67 2.96 -24.98
C ASN F 84 25.12 1.61 -25.51
N ARG F 85 24.22 0.64 -25.59
CA ARG F 85 24.58 -0.64 -26.18
C ARG F 85 24.90 -0.48 -27.65
N LYS F 86 24.20 0.44 -28.34
CA LYS F 86 24.49 0.70 -29.74
C LYS F 86 25.86 1.35 -29.90
N ALA F 87 26.22 2.23 -28.99
CA ALA F 87 27.51 2.88 -29.09
C ALA F 87 28.64 1.90 -28.79
N ILE F 88 28.44 1.02 -27.81
CA ILE F 88 29.48 0.05 -27.49
C ILE F 88 29.61 -0.97 -28.60
N ASP F 89 28.50 -1.35 -29.23
CA ASP F 89 28.55 -2.20 -30.41
C ASP F 89 29.27 -1.52 -31.55
N PHE F 90 29.08 -0.21 -31.68
CA PHE F 90 29.72 0.52 -32.75
C PHE F 90 31.23 0.55 -32.55
N LEU F 91 31.66 0.81 -31.32
CA LEU F 91 33.09 0.84 -31.01
C LEU F 91 33.73 -0.52 -31.21
N LEU F 92 33.05 -1.58 -30.79
CA LEU F 92 33.63 -2.90 -30.95
C LEU F 92 33.63 -3.32 -32.41
N GLN F 93 32.64 -2.87 -33.19
CA GLN F 93 32.63 -3.24 -34.60
C GLN F 93 33.70 -2.50 -35.38
N ARG F 94 34.12 -1.33 -34.91
CA ARG F 94 35.20 -0.70 -35.65
C ARG F 94 36.58 -1.05 -35.13
N TRP F 95 36.76 -1.30 -33.83
CA TRP F 95 38.11 -1.59 -33.38
C TRP F 95 38.25 -2.86 -32.56
N GLY F 96 37.30 -3.18 -31.69
CA GLY F 96 37.49 -4.19 -30.65
C GLY F 96 37.84 -5.60 -31.05
N GLN G 1 -57.06 5.46 -22.36
CA GLN G 1 -56.24 6.02 -23.43
C GLN G 1 -55.24 5.01 -23.96
N VAL G 2 -54.03 5.06 -23.39
CA VAL G 2 -52.96 4.15 -23.75
C VAL G 2 -53.28 2.77 -23.21
N GLN G 3 -53.40 1.79 -24.11
CA GLN G 3 -53.75 0.44 -23.73
C GLN G 3 -52.57 -0.48 -23.98
N VAL G 4 -52.22 -1.27 -22.97
CA VAL G 4 -51.25 -2.34 -23.08
C VAL G 4 -51.89 -3.59 -22.52
N GLU G 5 -51.92 -4.66 -23.31
CA GLU G 5 -52.71 -5.84 -22.99
C GLU G 5 -51.89 -7.08 -23.25
N GLU G 6 -51.92 -8.02 -22.31
CA GLU G 6 -51.30 -9.31 -22.53
C GLU G 6 -52.31 -10.30 -23.11
N SER G 7 -51.77 -11.30 -23.82
CA SER G 7 -52.57 -12.33 -24.43
C SER G 7 -51.68 -13.52 -24.75
N GLY G 8 -52.31 -14.68 -24.94
CA GLY G 8 -51.61 -15.86 -25.34
C GLY G 8 -51.21 -16.80 -24.23
N GLY G 9 -51.79 -16.66 -23.05
CA GLY G 9 -51.44 -17.51 -21.92
C GLY G 9 -52.13 -18.85 -21.97
N GLY G 10 -52.21 -19.48 -20.81
CA GLY G 10 -52.87 -20.76 -20.69
C GLY G 10 -52.08 -21.68 -19.80
N VAL G 11 -52.03 -22.94 -20.20
CA VAL G 11 -51.28 -23.98 -19.49
C VAL G 11 -50.41 -24.69 -20.52
N VAL G 12 -49.28 -25.23 -20.08
CA VAL G 12 -48.34 -25.88 -20.98
C VAL G 12 -47.59 -26.96 -20.22
N GLN G 13 -47.14 -27.97 -20.96
CA GLN G 13 -46.38 -29.05 -20.37
C GLN G 13 -44.97 -28.57 -20.04
N PRO G 14 -44.30 -29.23 -19.08
CA PRO G 14 -42.88 -28.92 -18.86
C PRO G 14 -42.02 -29.33 -20.04
N GLY G 15 -41.07 -28.47 -20.38
CA GLY G 15 -40.26 -28.68 -21.55
C GLY G 15 -40.86 -28.17 -22.84
N GLY G 16 -42.09 -27.68 -22.81
CA GLY G 16 -42.75 -27.17 -24.00
C GLY G 16 -42.33 -25.76 -24.36
N SER G 17 -43.23 -25.07 -25.06
CA SER G 17 -42.94 -23.75 -25.60
C SER G 17 -44.25 -23.05 -25.93
N LEU G 18 -44.27 -21.73 -25.78
CA LEU G 18 -45.39 -20.93 -26.24
C LEU G 18 -44.91 -19.52 -26.56
N ARG G 19 -45.83 -18.72 -27.08
CA ARG G 19 -45.54 -17.35 -27.49
C ARG G 19 -46.63 -16.42 -26.94
N LEU G 20 -46.21 -15.28 -26.41
CA LEU G 20 -47.15 -14.27 -25.93
C LEU G 20 -47.30 -13.16 -26.94
N SER G 21 -48.44 -12.48 -26.89
CA SER G 21 -48.72 -11.34 -27.77
C SER G 21 -49.13 -10.15 -26.92
N CYS G 22 -48.22 -9.19 -26.79
CA CYS G 22 -48.49 -7.94 -26.10
C CYS G 22 -48.82 -6.88 -27.15
N ALA G 23 -50.10 -6.72 -27.43
CA ALA G 23 -50.56 -5.70 -28.35
C ALA G 23 -50.80 -4.40 -27.60
N ALA G 24 -50.61 -3.29 -28.30
CA ALA G 24 -50.77 -1.98 -27.69
C ALA G 24 -51.20 -0.96 -28.73
N SER G 25 -51.91 0.05 -28.28
CA SER G 25 -52.41 1.09 -29.16
C SER G 25 -52.53 2.38 -28.36
N GLY G 26 -52.65 3.48 -29.09
CA GLY G 26 -52.82 4.79 -28.48
C GLY G 26 -51.58 5.65 -28.40
N PHE G 27 -50.47 5.23 -29.02
CA PHE G 27 -49.24 5.99 -28.98
C PHE G 27 -48.33 5.56 -30.11
N MET G 28 -47.28 6.35 -30.32
CA MET G 28 -46.26 6.05 -31.33
C MET G 28 -45.42 4.89 -30.83
N PHE G 29 -45.78 3.70 -31.30
CA PHE G 29 -45.19 2.49 -30.73
C PHE G 29 -43.77 2.27 -31.22
N SER G 30 -43.44 2.81 -32.39
CA SER G 30 -42.10 2.57 -32.92
C SER G 30 -41.06 3.47 -32.29
N ASN G 31 -41.43 4.31 -31.33
CA ASN G 31 -40.49 5.24 -30.73
C ASN G 31 -40.30 4.98 -29.24
N TYR G 32 -40.99 3.99 -28.69
CA TYR G 32 -40.87 3.73 -27.27
C TYR G 32 -40.33 2.33 -27.04
N GLY G 33 -39.52 2.16 -25.99
CA GLY G 33 -39.04 0.85 -25.64
C GLY G 33 -40.05 0.06 -24.82
N MET G 34 -39.91 -1.27 -24.86
CA MET G 34 -40.86 -2.18 -24.20
C MET G 34 -40.12 -3.17 -23.31
N HIS G 35 -40.80 -3.64 -22.27
CA HIS G 35 -40.25 -4.54 -21.26
C HIS G 35 -41.02 -5.83 -21.12
N TRP G 36 -40.48 -6.75 -20.30
CA TRP G 36 -41.20 -7.92 -19.80
C TRP G 36 -40.83 -8.16 -18.34
N VAL G 37 -41.84 -8.21 -17.47
CA VAL G 37 -41.62 -8.35 -16.03
C VAL G 37 -42.42 -9.53 -15.51
N ARG G 38 -41.77 -10.43 -14.77
CA ARG G 38 -42.35 -11.65 -14.25
C ARG G 38 -42.72 -11.51 -12.78
N GLN G 39 -43.90 -12.04 -12.43
CA GLN G 39 -44.33 -12.12 -11.05
C GLN G 39 -44.95 -13.48 -10.80
N ALA G 40 -44.25 -14.32 -10.02
CA ALA G 40 -44.83 -15.55 -9.54
C ALA G 40 -46.02 -15.26 -8.63
N PRO G 41 -47.06 -16.10 -8.67
CA PRO G 41 -48.27 -15.81 -7.86
C PRO G 41 -48.06 -15.95 -6.37
N GLY G 42 -46.96 -16.57 -5.94
CA GLY G 42 -46.60 -16.56 -4.55
C GLY G 42 -45.52 -15.57 -4.17
N LYS G 43 -45.01 -14.79 -5.11
CA LYS G 43 -43.84 -13.95 -4.87
C LYS G 43 -44.07 -12.56 -5.46
N GLY G 44 -42.98 -11.80 -5.57
CA GLY G 44 -43.02 -10.45 -6.11
C GLY G 44 -42.60 -10.39 -7.56
N LEU G 45 -42.30 -9.17 -8.00
CA LEU G 45 -41.87 -8.94 -9.37
C LEU G 45 -40.42 -9.39 -9.58
N GLU G 46 -40.10 -9.71 -10.82
CA GLU G 46 -38.72 -9.85 -11.28
C GLU G 46 -38.67 -9.63 -12.77
N TRP G 47 -37.62 -8.95 -13.22
CA TRP G 47 -37.51 -8.51 -14.60
C TRP G 47 -37.13 -9.68 -15.49
N MET G 48 -37.62 -9.67 -16.73
CA MET G 48 -37.23 -10.67 -17.72
C MET G 48 -36.44 -10.09 -18.88
N ALA G 49 -37.01 -9.13 -19.61
CA ALA G 49 -36.38 -8.75 -20.86
C ALA G 49 -36.69 -7.31 -21.21
N PHE G 50 -35.90 -6.76 -22.12
CA PHE G 50 -36.04 -5.40 -22.60
C PHE G 50 -35.50 -5.25 -24.00
N ILE G 51 -36.30 -4.66 -24.87
CA ILE G 51 -35.87 -4.34 -26.22
C ILE G 51 -35.95 -2.83 -26.38
N ARG G 52 -35.07 -2.27 -27.21
CA ARG G 52 -35.11 -0.86 -27.52
C ARG G 52 -36.17 -0.58 -28.58
N TYR G 53 -36.23 0.68 -28.99
CA TYR G 53 -37.28 1.07 -29.92
C TYR G 53 -36.98 0.61 -31.34
N ASP G 54 -35.72 0.62 -31.74
CA ASP G 54 -35.34 0.37 -33.12
C ASP G 54 -34.94 -1.08 -33.38
N ASP G 55 -35.12 -1.95 -32.39
CA ASP G 55 -34.62 -3.33 -32.39
C ASP G 55 -33.12 -3.36 -32.67
N SER G 56 -32.36 -2.69 -31.82
CA SER G 56 -30.91 -2.72 -31.96
C SER G 56 -30.26 -3.62 -30.93
N LYS G 57 -30.71 -3.54 -29.68
CA LYS G 57 -30.16 -4.35 -28.61
C LYS G 57 -31.28 -5.15 -27.97
N LYS G 58 -30.90 -6.24 -27.32
CA LYS G 58 -31.82 -7.05 -26.56
C LYS G 58 -31.17 -7.37 -25.23
N PHE G 59 -31.86 -7.04 -24.13
CA PHE G 59 -31.29 -7.19 -22.80
C PHE G 59 -32.10 -8.21 -22.02
N TYR G 60 -31.40 -9.22 -21.50
CA TYR G 60 -32.01 -10.36 -20.85
C TYR G 60 -31.57 -10.46 -19.41
N ALA G 61 -32.47 -10.94 -18.55
CA ALA G 61 -32.09 -11.24 -17.18
C ALA G 61 -31.24 -12.51 -17.14
N ASP G 62 -30.62 -12.76 -15.99
CA ASP G 62 -29.66 -13.85 -15.89
C ASP G 62 -30.33 -15.22 -15.96
N SER G 63 -31.46 -15.40 -15.28
CA SER G 63 -32.07 -16.72 -15.22
C SER G 63 -32.87 -17.06 -16.46
N VAL G 64 -32.87 -16.21 -17.49
CA VAL G 64 -33.68 -16.42 -18.67
C VAL G 64 -32.86 -16.39 -19.95
N LYS G 65 -31.54 -16.45 -19.84
CA LYS G 65 -30.68 -16.38 -21.02
C LYS G 65 -30.77 -17.64 -21.85
N GLY G 66 -30.80 -17.48 -23.16
CA GLY G 66 -30.81 -18.60 -24.07
C GLY G 66 -32.18 -19.21 -24.29
N ARG G 67 -32.90 -19.49 -23.19
CA ARG G 67 -34.21 -20.10 -23.29
C ARG G 67 -35.24 -19.14 -23.86
N PHE G 68 -35.18 -17.87 -23.47
CA PHE G 68 -36.22 -16.91 -23.77
C PHE G 68 -35.74 -15.90 -24.80
N THR G 69 -36.62 -15.53 -25.70
CA THR G 69 -36.28 -14.67 -26.83
C THR G 69 -37.31 -13.56 -26.97
N ILE G 70 -36.84 -12.32 -26.92
CA ILE G 70 -37.69 -11.16 -27.12
C ILE G 70 -37.65 -10.80 -28.60
N SER G 71 -38.74 -10.23 -29.09
CA SER G 71 -38.81 -9.71 -30.44
C SER G 71 -39.93 -8.68 -30.48
N ARG G 72 -39.91 -7.82 -31.49
CA ARG G 72 -40.96 -6.82 -31.59
C ARG G 72 -41.31 -6.62 -33.05
N ASP G 73 -42.46 -6.02 -33.27
CA ASP G 73 -42.91 -5.63 -34.60
C ASP G 73 -43.60 -4.29 -34.48
N ASN G 74 -43.04 -3.28 -35.11
CA ASN G 74 -43.64 -1.95 -35.14
C ASN G 74 -44.66 -1.80 -36.26
N SER G 75 -44.95 -2.87 -36.98
CA SER G 75 -46.03 -2.85 -37.95
C SER G 75 -47.39 -3.03 -37.30
N LYS G 76 -47.57 -4.16 -36.62
CA LYS G 76 -48.84 -4.46 -35.96
C LYS G 76 -48.95 -3.85 -34.58
N ASN G 77 -47.99 -3.01 -34.19
CA ASN G 77 -47.95 -2.31 -32.89
C ASN G 77 -48.00 -3.30 -31.74
N THR G 78 -47.16 -4.33 -31.84
CA THR G 78 -47.33 -5.50 -31.01
C THR G 78 -45.97 -6.03 -30.57
N LEU G 79 -45.85 -6.27 -29.27
CA LEU G 79 -44.68 -6.89 -28.68
C LEU G 79 -44.86 -8.39 -28.63
N TYR G 80 -43.78 -9.14 -28.82
CA TYR G 80 -43.82 -10.59 -28.77
C TYR G 80 -42.75 -11.11 -27.82
N LEU G 81 -42.97 -12.32 -27.31
CA LEU G 81 -42.01 -12.99 -26.44
C LEU G 81 -42.07 -14.48 -26.72
N GLN G 82 -40.99 -15.03 -27.23
CA GLN G 82 -40.90 -16.45 -27.55
C GLN G 82 -40.18 -17.17 -26.42
N MET G 83 -40.77 -18.24 -25.93
CA MET G 83 -40.26 -18.96 -24.77
C MET G 83 -40.01 -20.41 -25.13
N ASN G 84 -38.87 -20.94 -24.68
CA ASN G 84 -38.51 -22.33 -24.90
C ASN G 84 -37.97 -22.91 -23.60
N SER G 85 -38.08 -24.24 -23.47
CA SER G 85 -37.54 -25.03 -22.35
C SER G 85 -38.11 -24.56 -21.01
N LEU G 86 -39.42 -24.68 -20.89
CA LEU G 86 -40.12 -24.11 -19.75
C LEU G 86 -39.95 -24.99 -18.52
N ARG G 87 -39.93 -24.35 -17.35
CA ARG G 87 -39.71 -25.04 -16.10
C ARG G 87 -40.81 -24.70 -15.11
N ALA G 88 -40.79 -25.41 -13.98
CA ALA G 88 -41.90 -25.36 -13.04
C ALA G 88 -41.93 -24.05 -12.25
N GLU G 89 -40.79 -23.38 -12.12
CA GLU G 89 -40.76 -22.09 -11.45
C GLU G 89 -41.32 -20.96 -12.30
N ASP G 90 -41.48 -21.18 -13.60
CA ASP G 90 -41.90 -20.15 -14.51
C ASP G 90 -43.40 -19.91 -14.49
N THR G 91 -44.14 -20.70 -13.73
CA THR G 91 -45.57 -20.49 -13.59
C THR G 91 -45.81 -19.20 -12.84
N ALA G 92 -46.41 -18.22 -13.52
CA ALA G 92 -46.40 -16.85 -13.05
C ALA G 92 -47.39 -16.04 -13.88
N LEU G 93 -47.52 -14.76 -13.54
CA LEU G 93 -48.01 -13.78 -14.48
C LEU G 93 -46.84 -13.17 -15.22
N TYR G 94 -47.07 -12.84 -16.49
CA TYR G 94 -46.10 -12.20 -17.35
C TYR G 94 -46.58 -10.83 -17.74
N TYR G 95 -45.89 -9.80 -17.26
CA TYR G 95 -46.25 -8.43 -17.58
C TYR G 95 -45.44 -7.93 -18.76
N CYS G 96 -46.07 -7.16 -19.64
CA CYS G 96 -45.36 -6.39 -20.65
C CYS G 96 -45.58 -4.91 -20.38
N ALA G 97 -44.49 -4.14 -20.45
CA ALA G 97 -44.48 -2.81 -19.88
C ALA G 97 -43.89 -1.80 -20.84
N LYS G 98 -44.45 -0.61 -20.78
CA LYS G 98 -44.09 0.53 -21.61
C LYS G 98 -43.33 1.53 -20.75
N GLU G 99 -42.25 2.09 -21.30
CA GLU G 99 -41.44 3.00 -20.52
C GLU G 99 -41.70 4.45 -20.89
N LEU G 100 -41.06 5.37 -20.16
CA LEU G 100 -41.33 6.79 -20.25
C LEU G 100 -40.21 7.50 -21.00
N LEU G 101 -40.59 8.50 -21.79
CA LEU G 101 -39.71 9.33 -22.59
C LEU G 101 -40.53 10.44 -23.23
N GLN G 102 -39.90 11.61 -23.37
CA GLN G 102 -40.44 12.65 -24.23
C GLN G 102 -39.58 12.76 -25.47
N VAL G 103 -40.20 13.14 -26.58
CA VAL G 103 -39.56 13.09 -27.88
C VAL G 103 -39.25 14.52 -28.32
N TYR G 104 -37.99 14.94 -28.15
CA TYR G 104 -37.59 16.30 -28.48
C TYR G 104 -37.18 16.33 -29.94
N THR G 105 -38.13 16.61 -30.82
CA THR G 105 -37.83 16.69 -32.25
C THR G 105 -37.36 18.06 -32.67
N SER G 106 -37.48 19.06 -31.81
CA SER G 106 -37.18 20.45 -32.16
C SER G 106 -35.67 20.63 -32.22
N ALA G 107 -35.09 20.10 -33.30
CA ALA G 107 -33.66 20.20 -33.55
C ALA G 107 -33.38 19.88 -35.01
N TRP G 108 -32.10 19.88 -35.33
CA TRP G 108 -31.59 19.35 -36.58
C TRP G 108 -31.75 17.84 -36.68
N GLY G 109 -31.73 17.14 -35.56
CA GLY G 109 -31.89 15.70 -35.55
C GLY G 109 -32.62 15.29 -34.29
N GLU G 110 -33.23 14.11 -34.35
CA GLU G 110 -34.13 13.69 -33.28
C GLU G 110 -33.35 13.21 -32.07
N GLY G 111 -34.09 12.70 -31.11
CA GLY G 111 -33.51 12.23 -29.88
C GLY G 111 -34.55 12.32 -28.81
N HIS G 112 -34.28 11.62 -27.71
CA HIS G 112 -35.27 11.59 -26.65
C HIS G 112 -34.59 11.44 -25.31
N SER G 113 -35.40 11.51 -24.26
CA SER G 113 -34.96 11.41 -22.89
C SER G 113 -35.29 10.03 -22.34
N TYR G 114 -34.81 9.72 -21.14
CA TYR G 114 -35.34 8.49 -20.58
C TYR G 114 -35.99 8.61 -19.22
N TYR G 115 -35.22 8.97 -18.18
CA TYR G 115 -35.58 8.76 -16.78
C TYR G 115 -36.17 7.36 -16.56
N TYR G 116 -35.28 6.36 -16.54
CA TYR G 116 -35.61 4.94 -16.62
C TYR G 116 -36.59 4.48 -15.55
N ALA G 117 -37.81 4.17 -15.98
CA ALA G 117 -38.88 3.63 -15.15
C ALA G 117 -40.01 3.21 -16.07
N LEU G 118 -41.07 2.72 -15.45
CA LEU G 118 -42.21 2.17 -16.17
C LEU G 118 -43.50 2.82 -15.68
N ASP G 119 -44.42 3.11 -16.61
CA ASP G 119 -45.71 3.68 -16.21
C ASP G 119 -46.91 2.82 -16.61
N VAL G 120 -47.04 2.43 -17.87
CA VAL G 120 -48.28 1.85 -18.35
C VAL G 120 -48.12 0.33 -18.34
N TRP G 121 -48.79 -0.33 -17.42
CA TRP G 121 -48.67 -1.76 -17.22
C TRP G 121 -49.91 -2.46 -17.77
N GLY G 122 -49.70 -3.65 -18.32
CA GLY G 122 -50.82 -4.51 -18.64
C GLY G 122 -51.28 -5.27 -17.41
N LEU G 123 -52.42 -5.95 -17.58
CA LEU G 123 -52.95 -6.74 -16.48
C LEU G 123 -52.12 -7.97 -16.19
N GLY G 124 -51.38 -8.46 -17.17
CA GLY G 124 -50.67 -9.71 -17.04
C GLY G 124 -51.46 -10.89 -17.56
N THR G 125 -50.81 -11.81 -18.25
CA THR G 125 -51.43 -13.06 -18.67
C THR G 125 -50.88 -14.21 -17.84
N ALA G 126 -51.66 -15.28 -17.74
CA ALA G 126 -51.31 -16.39 -16.87
C ALA G 126 -50.70 -17.54 -17.66
N VAL G 127 -49.56 -18.01 -17.19
CA VAL G 127 -48.85 -19.13 -17.80
C VAL G 127 -48.56 -20.17 -16.73
N THR G 128 -48.95 -21.42 -16.99
CA THR G 128 -48.81 -22.51 -16.04
C THR G 128 -48.04 -23.66 -16.66
N VAL G 129 -46.97 -24.08 -15.99
CA VAL G 129 -46.13 -25.19 -16.41
C VAL G 129 -46.48 -26.40 -15.55
N SER G 130 -47.32 -27.28 -16.09
CA SER G 130 -47.88 -28.41 -15.36
C SER G 130 -48.44 -29.41 -16.36
N SER G 131 -49.25 -30.34 -15.86
CA SER G 131 -50.02 -31.21 -16.73
C SER G 131 -51.50 -30.87 -16.75
N ALA G 132 -51.99 -30.12 -15.76
CA ALA G 132 -53.39 -29.70 -15.70
C ALA G 132 -53.57 -28.40 -14.90
N ILE H 1 -25.17 -4.85 -8.45
CA ILE H 1 -26.39 -5.17 -9.17
C ILE H 1 -27.41 -5.83 -8.26
N GLN H 2 -27.34 -5.52 -6.97
CA GLN H 2 -28.27 -6.05 -5.99
C GLN H 2 -28.92 -4.91 -5.25
N MET H 3 -30.06 -5.19 -4.64
CA MET H 3 -30.80 -4.16 -3.93
C MET H 3 -31.65 -4.80 -2.84
N THR H 4 -31.59 -4.22 -1.64
CA THR H 4 -32.23 -4.78 -0.46
C THR H 4 -32.95 -3.67 0.29
N GLN H 5 -34.22 -3.91 0.60
CA GLN H 5 -35.10 -2.92 1.19
C GLN H 5 -35.08 -2.98 2.71
N SER H 6 -36.07 -2.30 3.32
CA SER H 6 -36.44 -2.34 4.72
C SER H 6 -37.17 -3.66 4.98
N PRO H 7 -37.48 -4.05 6.23
CA PRO H 7 -38.23 -5.29 6.45
C PRO H 7 -39.61 -5.30 5.81
N SER H 8 -39.96 -6.47 5.28
CA SER H 8 -41.06 -6.63 4.33
C SER H 8 -42.43 -6.43 4.95
N SER H 9 -42.57 -6.60 6.25
CA SER H 9 -43.86 -6.47 6.91
C SER H 9 -43.78 -5.30 7.88
N VAL H 10 -44.40 -4.19 7.52
CA VAL H 10 -44.49 -3.03 8.39
C VAL H 10 -45.96 -2.75 8.63
N SER H 11 -46.33 -2.53 9.89
CA SER H 11 -47.71 -2.28 10.27
C SER H 11 -47.85 -0.89 10.87
N ALA H 12 -48.96 -0.23 10.53
CA ALA H 12 -49.24 1.10 11.06
C ALA H 12 -50.73 1.34 10.99
N SER H 13 -51.17 2.38 11.68
CA SER H 13 -52.56 2.80 11.66
C SER H 13 -52.74 3.97 10.70
N VAL H 14 -54.00 4.36 10.48
CA VAL H 14 -54.32 5.42 9.55
C VAL H 14 -53.91 6.75 10.16
N GLY H 15 -53.16 7.54 9.38
CA GLY H 15 -52.64 8.81 9.83
C GLY H 15 -51.17 8.80 10.17
N ASP H 16 -50.53 7.64 10.12
CA ASP H 16 -49.13 7.54 10.54
C ASP H 16 -48.19 7.97 9.43
N ARG H 17 -46.98 8.35 9.83
CA ARG H 17 -45.89 8.61 8.90
C ARG H 17 -44.90 7.47 8.92
N VAL H 18 -44.72 6.81 7.79
CA VAL H 18 -43.85 5.65 7.69
C VAL H 18 -42.78 5.90 6.63
N THR H 19 -41.64 5.24 6.81
CA THR H 19 -40.52 5.32 5.88
C THR H 19 -40.10 3.93 5.47
N ILE H 20 -39.57 3.81 4.25
CA ILE H 20 -39.07 2.55 3.71
C ILE H 20 -37.64 2.79 3.23
N THR H 21 -36.69 2.11 3.87
CA THR H 21 -35.29 2.24 3.52
C THR H 21 -34.97 1.29 2.37
N CYS H 22 -34.25 1.80 1.37
CA CYS H 22 -33.84 0.97 0.25
C CYS H 22 -32.34 1.10 0.08
N ARG H 23 -31.64 -0.05 0.05
CA ARG H 23 -30.19 -0.08 -0.02
C ARG H 23 -29.74 -0.75 -1.30
N ALA H 24 -28.70 -0.20 -1.93
CA ALA H 24 -28.19 -0.72 -3.19
C ALA H 24 -26.73 -1.13 -3.04
N SER H 25 -26.39 -2.24 -3.68
CA SER H 25 -25.05 -2.78 -3.60
C SER H 25 -24.02 -1.97 -4.38
N GLN H 26 -24.44 -1.24 -5.41
CA GLN H 26 -23.55 -0.39 -6.18
C GLN H 26 -24.08 1.04 -6.15
N ASP H 27 -23.25 1.96 -6.64
CA ASP H 27 -23.68 3.35 -6.74
C ASP H 27 -24.67 3.50 -7.87
N ILE H 28 -25.83 4.06 -7.58
CA ILE H 28 -26.85 4.18 -8.61
C ILE H 28 -27.01 5.63 -9.06
N SER H 29 -26.89 6.59 -8.13
CA SER H 29 -26.97 8.03 -8.39
C SER H 29 -28.32 8.44 -9.00
N ASN H 30 -29.37 8.28 -8.20
CA ASN H 30 -30.75 8.75 -8.44
C ASN H 30 -31.42 8.07 -9.62
N TRP H 31 -31.05 6.84 -9.95
CA TRP H 31 -31.84 6.07 -10.90
C TRP H 31 -32.67 5.01 -10.18
N LEU H 32 -33.67 5.46 -9.42
CA LEU H 32 -34.55 4.54 -8.70
C LEU H 32 -36.01 4.81 -9.00
N ALA H 33 -36.85 3.86 -8.58
CA ALA H 33 -38.28 3.92 -8.83
C ALA H 33 -39.03 3.21 -7.71
N TRP H 34 -40.17 3.77 -7.32
CA TRP H 34 -41.02 3.21 -6.28
C TRP H 34 -42.38 2.85 -6.86
N TYR H 35 -42.72 1.57 -6.82
CA TYR H 35 -43.93 1.08 -7.44
C TYR H 35 -44.91 0.59 -6.39
N GLN H 36 -46.17 0.95 -6.57
CA GLN H 36 -47.26 0.62 -5.65
C GLN H 36 -48.09 -0.50 -6.27
N GLN H 37 -48.02 -1.69 -5.68
CA GLN H 37 -48.80 -2.81 -6.18
C GLN H 37 -49.98 -3.08 -5.25
N LYS H 38 -51.12 -2.56 -5.59
CA LYS H 38 -52.35 -2.96 -4.94
C LYS H 38 -52.66 -4.41 -5.30
N PRO H 39 -53.29 -5.16 -4.38
CA PRO H 39 -53.64 -6.55 -4.69
C PRO H 39 -54.75 -6.64 -5.73
N GLY H 40 -54.59 -7.60 -6.64
CA GLY H 40 -55.50 -7.73 -7.75
C GLY H 40 -55.32 -6.73 -8.85
N LYS H 41 -54.26 -5.94 -8.80
CA LYS H 41 -54.05 -4.85 -9.73
C LYS H 41 -52.65 -4.92 -10.31
N ALA H 42 -52.49 -4.30 -11.46
CA ALA H 42 -51.15 -4.03 -11.97
C ALA H 42 -50.48 -2.97 -11.11
N PRO H 43 -49.17 -3.00 -10.97
CA PRO H 43 -48.47 -1.95 -10.23
C PRO H 43 -48.53 -0.61 -10.95
N GLU H 44 -48.16 0.46 -10.23
CA GLU H 44 -48.23 1.80 -10.76
C GLU H 44 -47.03 2.60 -10.29
N LEU H 45 -46.56 3.53 -11.12
CA LEU H 45 -45.42 4.37 -10.78
C LEU H 45 -45.81 5.47 -9.79
N LEU H 46 -45.01 5.61 -8.73
CA LEU H 46 -45.15 6.70 -7.78
C LEU H 46 -44.09 7.78 -8.01
N ILE H 47 -42.82 7.42 -7.84
CA ILE H 47 -41.71 8.34 -7.98
C ILE H 47 -40.63 7.68 -8.82
N TYR H 48 -40.29 8.30 -9.95
CA TYR H 48 -39.12 7.94 -10.71
C TYR H 48 -37.97 8.85 -10.33
N THR H 49 -36.76 8.29 -10.39
CA THR H 49 -35.47 8.99 -10.19
C THR H 49 -35.35 9.64 -8.81
N ALA H 50 -36.10 9.09 -7.84
CA ALA H 50 -36.01 9.40 -6.40
C ALA H 50 -36.45 10.82 -6.04
N SER H 51 -36.93 11.59 -7.00
CA SER H 51 -37.29 12.96 -6.68
C SER H 51 -38.68 13.37 -7.15
N ILE H 52 -39.08 12.96 -8.35
CA ILE H 52 -40.27 13.52 -8.95
C ILE H 52 -41.46 12.61 -8.70
N LEU H 53 -42.51 13.18 -8.12
CA LEU H 53 -43.78 12.47 -7.99
C LEU H 53 -44.48 12.44 -9.35
N GLN H 54 -45.03 11.30 -9.70
CA GLN H 54 -45.78 11.19 -10.93
C GLN H 54 -47.14 11.86 -10.77
N SER H 55 -47.66 12.40 -11.86
CA SER H 55 -48.99 13.00 -11.88
C SER H 55 -50.05 11.98 -11.53
N GLY H 56 -51.15 12.46 -10.94
CA GLY H 56 -52.24 11.62 -10.53
C GLY H 56 -52.15 11.12 -9.11
N VAL H 57 -50.97 11.12 -8.52
CA VAL H 57 -50.76 10.64 -7.16
C VAL H 57 -50.70 11.86 -6.25
N SER H 58 -51.34 11.78 -5.09
CA SER H 58 -51.39 12.88 -4.16
C SER H 58 -50.03 13.13 -3.52
N SER H 59 -49.91 14.28 -2.87
CA SER H 59 -48.62 14.77 -2.38
C SER H 59 -48.15 14.08 -1.11
N ARG H 60 -48.94 13.16 -0.55
CA ARG H 60 -48.55 12.50 0.69
C ARG H 60 -47.40 11.52 0.48
N PHE H 61 -47.08 11.18 -0.75
CA PHE H 61 -45.93 10.37 -1.08
C PHE H 61 -44.75 11.26 -1.45
N SER H 62 -43.59 10.95 -0.88
CA SER H 62 -42.37 11.67 -1.22
C SER H 62 -41.20 10.74 -0.98
N GLY H 63 -40.04 11.12 -1.49
CA GLY H 63 -38.86 10.29 -1.34
C GLY H 63 -37.64 11.07 -1.75
N SER H 64 -36.50 10.63 -1.23
CA SER H 64 -35.24 11.32 -1.47
C SER H 64 -34.10 10.38 -1.10
N GLY H 65 -32.89 10.92 -1.22
CA GLY H 65 -31.69 10.17 -0.89
C GLY H 65 -30.55 10.55 -1.80
N SER H 66 -29.38 10.02 -1.47
CA SER H 66 -28.18 10.29 -2.25
C SER H 66 -27.32 9.03 -2.29
N GLY H 67 -26.97 8.61 -3.51
CA GLY H 67 -26.15 7.43 -3.69
C GLY H 67 -26.88 6.11 -3.59
N THR H 68 -26.55 5.33 -2.56
CA THR H 68 -27.07 3.97 -2.43
C THR H 68 -28.15 3.83 -1.37
N ASP H 69 -28.37 4.85 -0.55
CA ASP H 69 -29.31 4.78 0.56
C ASP H 69 -30.44 5.76 0.26
N PHE H 70 -31.53 5.26 -0.31
CA PHE H 70 -32.68 6.11 -0.60
C PHE H 70 -33.81 5.71 0.32
N THR H 71 -34.83 6.57 0.39
CA THR H 71 -35.95 6.31 1.27
C THR H 71 -37.22 6.94 0.72
N LEU H 72 -38.23 6.10 0.51
CA LEU H 72 -39.59 6.54 0.24
C LEU H 72 -40.27 6.87 1.56
N THR H 73 -41.11 7.90 1.56
CA THR H 73 -41.78 8.35 2.76
C THR H 73 -43.23 8.69 2.47
N ILE H 74 -44.14 8.12 3.23
CA ILE H 74 -45.55 8.50 3.21
C ILE H 74 -45.72 9.58 4.26
N SER H 75 -46.36 10.69 3.90
CA SER H 75 -46.58 11.77 4.86
C SER H 75 -47.60 11.35 5.92
N SER H 76 -48.82 11.04 5.50
CA SER H 76 -49.85 10.57 6.41
C SER H 76 -50.53 9.38 5.75
N LEU H 77 -50.66 8.29 6.50
CA LEU H 77 -51.16 7.06 5.91
C LEU H 77 -52.67 7.13 5.69
N GLN H 78 -53.11 6.66 4.55
CA GLN H 78 -54.51 6.58 4.17
C GLN H 78 -54.95 5.13 4.07
N PRO H 79 -56.24 4.84 4.26
CA PRO H 79 -56.69 3.44 4.18
C PRO H 79 -56.67 2.86 2.77
N GLU H 80 -56.45 3.67 1.75
CA GLU H 80 -56.40 3.20 0.38
C GLU H 80 -55.00 2.75 -0.04
N ASP H 81 -54.09 2.52 0.91
CA ASP H 81 -52.73 2.15 0.58
C ASP H 81 -52.32 0.80 1.14
N SER H 82 -53.28 -0.11 1.30
CA SER H 82 -52.95 -1.50 1.66
C SER H 82 -52.33 -2.16 0.44
N ALA H 83 -51.01 -2.09 0.36
CA ALA H 83 -50.32 -2.55 -0.83
C ALA H 83 -48.88 -2.88 -0.49
N THR H 84 -48.21 -3.51 -1.43
CA THR H 84 -46.80 -3.87 -1.27
C THR H 84 -45.99 -2.95 -2.17
N TYR H 85 -44.95 -2.35 -1.62
CA TYR H 85 -44.20 -1.30 -2.29
C TYR H 85 -42.85 -1.85 -2.72
N TYR H 86 -42.47 -1.59 -3.96
CA TYR H 86 -41.24 -2.12 -4.53
C TYR H 86 -40.27 -1.00 -4.82
N CYS H 87 -39.01 -1.36 -5.02
CA CYS H 87 -37.92 -0.40 -5.14
C CYS H 87 -37.04 -0.82 -6.30
N GLN H 88 -37.33 -0.32 -7.50
CA GLN H 88 -36.61 -0.75 -8.69
C GLN H 88 -35.61 0.30 -9.14
N GLN H 89 -34.64 -0.17 -9.92
CA GLN H 89 -33.57 0.67 -10.45
C GLN H 89 -33.36 0.32 -11.92
N GLY H 90 -32.60 1.16 -12.60
CA GLY H 90 -32.31 0.94 -14.00
C GLY H 90 -30.92 1.35 -14.47
N LYS H 91 -29.89 1.27 -13.63
CA LYS H 91 -28.64 1.91 -14.01
C LYS H 91 -27.88 1.10 -15.05
N SER H 92 -27.42 -0.10 -14.69
CA SER H 92 -26.46 -0.83 -15.51
C SER H 92 -27.09 -1.94 -16.34
N PHE H 93 -28.42 -1.98 -16.38
CA PHE H 93 -29.29 -2.87 -17.15
C PHE H 93 -29.11 -4.36 -16.91
N PRO H 94 -29.08 -4.86 -15.67
CA PRO H 94 -29.79 -6.12 -15.42
C PRO H 94 -31.08 -5.90 -14.66
N TYR H 95 -31.39 -4.64 -14.30
CA TYR H 95 -32.70 -4.22 -13.76
C TYR H 95 -33.11 -4.97 -12.51
N THR H 96 -32.13 -5.41 -11.74
CA THR H 96 -32.43 -6.16 -10.54
C THR H 96 -32.82 -5.20 -9.43
N PHE H 97 -33.57 -5.70 -8.46
CA PHE H 97 -34.15 -4.82 -7.46
C PHE H 97 -34.54 -5.58 -6.20
N GLY H 98 -35.19 -4.86 -5.29
CA GLY H 98 -35.47 -5.37 -3.97
C GLY H 98 -36.57 -6.41 -3.95
N GLN H 99 -36.84 -6.90 -2.74
CA GLN H 99 -37.77 -8.00 -2.55
C GLN H 99 -39.17 -7.52 -2.21
N GLY H 100 -39.32 -6.29 -1.74
CA GLY H 100 -40.65 -5.79 -1.44
C GLY H 100 -40.97 -5.58 0.02
N THR H 101 -41.80 -4.59 0.31
CA THR H 101 -42.31 -4.33 1.65
C THR H 101 -43.82 -4.20 1.63
N LYS H 102 -44.49 -5.13 2.30
CA LYS H 102 -45.94 -5.09 2.42
C LYS H 102 -46.33 -4.27 3.63
N LEU H 103 -47.11 -3.23 3.41
CA LEU H 103 -47.50 -2.29 4.47
C LEU H 103 -48.90 -2.62 4.93
N GLU H 104 -49.03 -3.08 6.16
CA GLU H 104 -50.30 -3.53 6.71
C GLU H 104 -50.99 -2.41 7.46
N ILE H 105 -52.28 -2.23 7.21
CA ILE H 105 -53.09 -1.27 7.93
C ILE H 105 -53.67 -1.97 9.15
N LYS H 106 -53.58 -1.33 10.32
CA LYS H 106 -54.03 -1.92 11.57
C LYS H 106 -55.55 -1.82 11.69
N ARG H 107 -56.23 -2.89 11.28
CA ARG H 107 -57.67 -3.05 11.47
C ARG H 107 -57.91 -4.39 12.15
N THR H 108 -57.79 -4.42 13.49
CA THR H 108 -58.02 -5.59 14.35
C THR H 108 -57.31 -6.88 13.92
N SER I 1 28.56 20.45 -21.11
CA SER I 1 27.85 20.11 -19.88
C SER I 1 28.64 19.12 -19.03
N ILE I 2 28.55 19.30 -17.71
CA ILE I 2 29.09 18.40 -16.69
C ILE I 2 30.58 18.16 -16.87
N PRO I 3 31.45 19.10 -16.48
CA PRO I 3 32.88 18.94 -16.75
C PRO I 3 33.52 17.89 -15.87
N LEU I 4 34.44 17.14 -16.48
CA LEU I 4 35.23 16.14 -15.78
C LEU I 4 36.55 16.75 -15.36
N GLY I 5 36.74 16.89 -14.04
CA GLY I 5 37.99 17.41 -13.53
C GLY I 5 39.12 16.42 -13.67
N VAL I 6 40.30 16.93 -13.93
CA VAL I 6 41.47 16.10 -14.16
C VAL I 6 42.49 16.39 -13.09
N ILE I 7 42.80 15.40 -12.27
CA ILE I 7 43.91 15.53 -11.35
C ILE I 7 45.17 15.22 -12.13
N HIS I 8 45.77 16.27 -12.64
CA HIS I 8 47.12 16.25 -13.17
C HIS I 8 48.10 16.02 -12.00
N ASN I 9 49.33 15.66 -12.35
CA ASN I 9 50.35 15.43 -11.32
C ASN I 9 50.70 16.72 -10.58
N SER I 10 50.49 17.87 -11.20
CA SER I 10 50.67 19.13 -10.51
C SER I 10 49.44 19.48 -9.67
N THR I 11 48.31 19.70 -10.33
CA THR I 11 47.15 20.29 -9.65
C THR I 11 45.90 19.98 -10.46
N LEU I 12 44.77 20.44 -9.95
CA LEU I 12 43.48 20.15 -10.54
C LEU I 12 43.20 21.05 -11.72
N GLN I 13 42.94 20.46 -12.87
CA GLN I 13 42.66 21.20 -14.09
C GLN I 13 41.35 20.70 -14.68
N VAL I 14 40.44 21.62 -14.94
CA VAL I 14 39.16 21.31 -15.56
C VAL I 14 39.43 20.99 -17.03
N SER I 15 38.69 20.03 -17.56
CA SER I 15 38.83 19.66 -18.97
C SER I 15 37.59 20.07 -19.74
N ASP I 16 37.77 20.35 -21.02
CA ASP I 16 36.65 20.75 -21.84
C ASP I 16 35.91 19.53 -22.34
N VAL I 17 34.58 19.62 -22.35
CA VAL I 17 33.78 18.57 -22.99
C VAL I 17 33.61 18.87 -24.47
N ASP I 18 34.09 20.01 -24.94
CA ASP I 18 34.05 20.31 -26.36
C ASP I 18 35.42 20.15 -27.03
N LYS I 19 36.50 20.50 -26.35
CA LYS I 19 37.83 20.31 -26.91
C LYS I 19 38.38 18.94 -26.51
N LEU I 20 39.29 18.43 -27.33
CA LEU I 20 39.83 17.10 -27.15
C LEU I 20 41.17 17.20 -26.44
N VAL I 21 41.25 16.65 -25.24
CA VAL I 21 42.47 16.70 -24.45
C VAL I 21 43.20 15.38 -24.63
N CYS I 22 44.37 15.44 -25.28
CA CYS I 22 45.17 14.24 -25.48
C CYS I 22 46.06 13.95 -24.28
N ARG I 23 46.14 14.88 -23.32
CA ARG I 23 46.95 14.65 -22.12
C ARG I 23 46.25 13.71 -21.16
N ASP I 24 44.95 13.50 -21.33
CA ASP I 24 44.22 12.57 -20.48
C ASP I 24 44.60 11.14 -20.85
N LYS I 25 44.87 10.33 -19.84
CA LYS I 25 45.05 8.90 -20.03
C LYS I 25 44.09 8.18 -19.12
N LEU I 26 43.09 7.53 -19.71
CA LEU I 26 42.00 6.92 -18.96
C LEU I 26 41.96 5.46 -19.34
N SER I 27 42.54 4.59 -18.51
CA SER I 27 42.67 3.18 -18.85
C SER I 27 41.90 2.26 -17.92
N SER I 28 40.84 2.73 -17.28
CA SER I 28 39.94 1.92 -16.50
C SER I 28 38.65 2.68 -16.30
N THR I 29 37.62 1.99 -15.82
CA THR I 29 36.55 2.72 -15.19
C THR I 29 36.60 2.62 -13.68
N ASN I 30 37.71 2.17 -13.11
CA ASN I 30 37.96 2.48 -11.73
C ASN I 30 38.62 3.83 -11.56
N GLN I 31 39.14 4.41 -12.63
CA GLN I 31 39.68 5.75 -12.58
C GLN I 31 38.61 6.82 -12.67
N LEU I 32 37.34 6.46 -12.73
CA LEU I 32 36.26 7.44 -12.68
C LEU I 32 35.48 7.22 -11.41
N ARG I 33 35.61 8.14 -10.46
CA ARG I 33 34.80 8.11 -9.26
C ARG I 33 34.03 9.41 -9.16
N SER I 34 32.84 9.34 -8.62
CA SER I 34 31.96 10.48 -8.50
C SER I 34 31.88 10.88 -7.05
N VAL I 35 32.56 11.95 -6.68
CA VAL I 35 32.77 12.30 -5.29
C VAL I 35 31.80 13.40 -4.91
N GLY I 36 31.29 13.33 -3.66
CA GLY I 36 30.37 14.33 -3.16
C GLY I 36 31.00 15.06 -2.01
N LEU I 37 30.87 16.37 -2.01
CA LEU I 37 31.57 17.23 -1.06
C LEU I 37 30.53 17.96 -0.23
N ASN I 38 30.93 18.44 0.94
CA ASN I 38 30.00 19.12 1.83
C ASN I 38 30.12 20.64 1.75
N LEU I 39 28.98 21.31 1.94
CA LEU I 39 28.94 22.76 1.96
C LEU I 39 29.65 23.37 3.14
N GLU I 40 29.80 22.64 4.24
CA GLU I 40 30.26 23.26 5.47
C GLU I 40 31.75 23.57 5.41
N GLY I 41 32.45 23.00 4.45
CA GLY I 41 33.79 23.46 4.16
C GLY I 41 33.85 24.78 3.42
N ASN I 42 32.81 25.13 2.69
CA ASN I 42 32.80 26.41 1.98
C ASN I 42 32.63 27.58 2.94
N GLY I 43 32.12 27.33 4.15
CA GLY I 43 31.95 28.39 5.11
C GLY I 43 30.55 28.90 5.27
N VAL I 44 29.54 28.10 4.94
CA VAL I 44 28.18 28.49 5.20
C VAL I 44 27.92 28.37 6.70
N ALA I 45 26.90 29.07 7.17
CA ALA I 45 26.46 28.88 8.54
C ALA I 45 25.88 27.48 8.71
N THR I 46 25.91 26.96 9.93
CA THR I 46 25.51 25.59 10.15
C THR I 46 24.33 25.43 11.08
N ASP I 47 24.04 26.42 11.91
CA ASP I 47 22.95 26.28 12.86
C ASP I 47 21.61 26.34 12.16
N VAL I 48 20.68 25.52 12.64
CA VAL I 48 19.36 25.29 12.07
C VAL I 48 18.54 26.55 11.77
N PRO I 49 18.40 27.56 12.65
CA PRO I 49 17.67 28.75 12.22
C PRO I 49 18.40 29.61 11.23
N SER I 50 19.68 29.35 10.98
CA SER I 50 20.38 29.98 9.87
C SER I 50 20.50 29.08 8.67
N VAL I 51 19.85 27.93 8.67
CA VAL I 51 19.90 26.99 7.57
C VAL I 51 18.53 26.81 6.93
N THR I 52 17.50 26.62 7.74
CA THR I 52 16.19 26.37 7.16
C THR I 52 15.52 27.61 6.60
N LYS I 53 16.23 28.74 6.52
CA LYS I 53 15.84 29.77 5.57
C LYS I 53 16.25 29.40 4.15
N ARG I 54 17.13 28.42 3.97
CA ARG I 54 17.47 28.01 2.62
C ARG I 54 16.63 26.84 2.13
N TRP I 55 15.59 26.45 2.85
CA TRP I 55 14.70 25.41 2.37
C TRP I 55 13.32 26.00 2.16
N GLY I 56 12.67 25.59 1.08
CA GLY I 56 11.33 26.04 0.82
C GLY I 56 10.52 24.88 0.30
N PHE I 57 9.23 25.12 0.12
CA PHE I 57 8.36 24.13 -0.48
C PHE I 57 7.93 24.62 -1.85
N ARG I 58 7.64 23.68 -2.73
CA ARG I 58 7.18 24.00 -4.07
C ARG I 58 6.42 22.79 -4.56
N SER I 59 5.50 22.99 -5.48
CA SER I 59 4.67 21.92 -5.96
C SER I 59 4.80 21.75 -7.45
N GLY I 60 4.71 20.51 -7.91
CA GLY I 60 4.60 20.22 -9.32
C GLY I 60 5.90 19.96 -10.04
N VAL I 61 6.95 19.56 -9.35
CA VAL I 61 8.18 19.11 -10.00
C VAL I 61 8.56 17.78 -9.37
N PRO I 62 8.87 16.75 -10.16
CA PRO I 62 9.22 15.47 -9.57
C PRO I 62 10.66 15.48 -9.09
N PRO I 63 11.00 14.69 -8.08
CA PRO I 63 12.39 14.59 -7.64
C PRO I 63 13.25 13.86 -8.65
N LYS I 64 14.56 14.06 -8.51
CA LYS I 64 15.56 13.32 -9.27
C LYS I 64 16.64 12.85 -8.31
N VAL I 65 17.24 11.71 -8.58
CA VAL I 65 18.21 11.10 -7.68
C VAL I 65 19.40 10.57 -8.47
N VAL I 66 20.61 10.97 -8.09
CA VAL I 66 21.85 10.51 -8.72
C VAL I 66 22.74 9.94 -7.62
N ASN I 67 23.61 8.97 -7.96
CA ASN I 67 24.48 8.40 -6.95
C ASN I 67 25.86 9.06 -6.94
N TYR I 68 26.61 8.78 -5.89
CA TYR I 68 27.98 9.23 -5.78
C TYR I 68 28.71 8.22 -4.92
N GLU I 69 30.02 8.15 -5.10
CA GLU I 69 30.75 7.03 -4.52
C GLU I 69 31.48 7.38 -3.25
N ALA I 70 32.18 8.51 -3.18
CA ALA I 70 32.92 8.87 -2.00
C ALA I 70 32.41 10.21 -1.48
N GLY I 71 32.52 10.41 -0.17
CA GLY I 71 31.96 11.60 0.43
C GLY I 71 32.88 12.17 1.49
N GLU I 72 32.40 13.22 2.15
CA GLU I 72 33.16 13.82 3.23
C GLU I 72 32.48 13.57 4.56
N TRP I 73 33.31 13.30 5.57
CA TRP I 73 32.86 13.25 6.96
C TRP I 73 32.18 14.55 7.34
N ALA I 74 30.91 14.46 7.69
CA ALA I 74 30.11 15.65 7.88
C ALA I 74 30.27 16.15 9.30
N GLU I 75 30.16 17.46 9.47
CA GLU I 75 30.14 18.00 10.81
C GLU I 75 28.71 18.12 11.32
N ASN I 76 27.77 18.44 10.45
CA ASN I 76 26.38 18.52 10.86
C ASN I 76 25.50 17.77 9.88
N CYS I 77 24.56 17.00 10.42
CA CYS I 77 23.58 16.24 9.66
C CYS I 77 22.20 16.48 10.23
N TYR I 78 21.19 16.54 9.37
CA TYR I 78 19.86 16.97 9.78
C TYR I 78 18.91 15.81 9.62
N ASN I 79 17.73 15.92 10.21
CA ASN I 79 16.69 14.89 10.06
C ASN I 79 15.36 15.53 10.42
N LEU I 80 14.32 15.30 9.63
CA LEU I 80 13.10 16.07 9.74
C LEU I 80 11.87 15.19 9.98
N GLU I 81 10.92 15.73 10.76
CA GLU I 81 9.57 15.18 10.92
C GLU I 81 8.61 16.37 11.00
N ILE I 82 8.11 16.84 9.87
CA ILE I 82 7.24 18.01 9.88
C ILE I 82 5.82 17.58 9.56
N LYS I 83 4.88 18.02 10.38
CA LYS I 83 3.47 17.75 10.14
C LYS I 83 2.71 19.03 9.85
N LYS I 84 1.68 18.91 9.01
CA LYS I 84 0.74 19.99 8.83
C LYS I 84 -0.09 20.16 10.09
N PRO I 85 -0.60 21.38 10.35
CA PRO I 85 -1.31 21.63 11.61
C PRO I 85 -2.60 20.86 11.79
N ASP I 86 -3.17 20.28 10.73
CA ASP I 86 -4.31 19.40 10.91
C ASP I 86 -3.90 17.98 11.31
N GLY I 87 -2.64 17.62 11.15
CA GLY I 87 -2.16 16.32 11.55
C GLY I 87 -1.57 15.46 10.46
N SER I 88 -1.67 15.88 9.20
CA SER I 88 -1.18 15.06 8.11
C SER I 88 0.33 15.18 7.97
N GLU I 89 0.88 14.43 7.02
CA GLU I 89 2.31 14.43 6.78
C GLU I 89 2.69 15.46 5.74
N CYS I 90 3.87 16.07 5.92
CA CYS I 90 4.35 17.01 4.92
C CYS I 90 5.33 16.36 3.97
N LEU I 91 6.27 15.64 4.49
CA LEU I 91 7.35 15.15 3.66
C LEU I 91 7.08 13.71 3.27
N PRO I 92 7.43 13.31 2.05
CA PRO I 92 7.12 11.95 1.60
C PRO I 92 8.01 10.94 2.28
N ALA I 93 7.50 9.71 2.37
CA ALA I 93 8.24 8.64 3.03
C ALA I 93 9.46 8.25 2.21
N ALA I 94 10.44 7.66 2.87
CA ALA I 94 11.66 7.30 2.20
C ALA I 94 11.43 6.08 1.31
N PRO I 95 11.84 6.13 0.05
CA PRO I 95 11.72 4.96 -0.81
C PRO I 95 12.74 3.90 -0.44
N ASP I 96 12.64 2.76 -1.10
CA ASP I 96 13.56 1.67 -0.85
C ASP I 96 14.93 2.01 -1.40
N GLY I 97 15.96 1.57 -0.69
CA GLY I 97 17.32 1.90 -1.06
C GLY I 97 17.86 3.16 -0.40
N ILE I 98 16.99 3.98 0.17
CA ILE I 98 17.41 5.20 0.85
C ILE I 98 17.78 4.87 2.28
N ARG I 99 19.01 5.17 2.65
CA ARG I 99 19.47 5.02 4.01
C ARG I 99 20.11 6.34 4.45
N GLY I 100 20.34 6.47 5.75
CA GLY I 100 20.87 7.73 6.27
C GLY I 100 22.29 7.99 5.85
N PHE I 101 22.75 9.22 6.07
CA PHE I 101 24.11 9.57 5.76
C PHE I 101 25.01 8.89 6.79
N PRO I 102 26.09 8.25 6.38
CA PRO I 102 26.72 7.26 7.25
C PRO I 102 27.60 7.83 8.35
N ARG I 103 28.37 8.88 8.09
CA ARG I 103 29.28 9.43 9.09
C ARG I 103 28.82 10.83 9.45
N CYS I 104 28.34 11.00 10.68
CA CYS I 104 27.80 12.28 11.12
C CYS I 104 28.29 12.57 12.52
N ARG I 105 28.93 13.72 12.68
CA ARG I 105 29.44 14.10 13.98
C ARG I 105 28.31 14.57 14.89
N TYR I 106 27.33 15.28 14.35
CA TYR I 106 26.15 15.65 15.10
C TYR I 106 24.92 15.49 14.23
N VAL I 107 23.83 15.02 14.82
CA VAL I 107 22.59 14.80 14.11
C VAL I 107 21.51 15.68 14.72
N HIS I 108 21.12 16.70 13.99
CA HIS I 108 20.03 17.58 14.39
C HIS I 108 18.74 16.91 13.95
N LYS I 109 17.98 16.40 14.89
CA LYS I 109 16.68 15.85 14.59
C LYS I 109 15.62 16.88 14.95
N VAL I 110 14.76 17.19 13.99
CA VAL I 110 13.78 18.28 14.14
C VAL I 110 12.41 17.70 13.90
N SER I 111 11.51 17.89 14.86
CA SER I 111 10.11 17.57 14.66
C SER I 111 9.28 18.82 14.91
N GLY I 112 8.03 18.80 14.47
CA GLY I 112 7.15 19.91 14.77
C GLY I 112 6.20 20.18 13.62
N THR I 113 5.66 21.40 13.64
CA THR I 113 4.56 21.78 12.76
C THR I 113 4.95 22.98 11.90
N GLY I 114 4.24 23.13 10.80
CA GLY I 114 4.44 24.24 9.91
C GLY I 114 3.41 24.29 8.80
N PRO I 115 3.18 25.49 8.25
CA PRO I 115 2.26 25.61 7.11
C PRO I 115 2.89 25.06 5.85
N CYS I 116 2.79 23.74 5.70
CA CYS I 116 3.35 23.07 4.54
C CYS I 116 2.52 23.38 3.29
N ALA I 117 3.13 24.13 2.37
CA ALA I 117 2.44 24.55 1.16
C ALA I 117 3.28 24.11 -0.03
N GLY I 118 3.07 22.88 -0.46
CA GLY I 118 3.83 22.35 -1.57
C GLY I 118 3.80 20.84 -1.55
N ASP I 119 4.50 20.26 -2.50
CA ASP I 119 4.53 18.81 -2.58
C ASP I 119 5.83 18.23 -2.10
N PHE I 120 6.90 19.02 -2.13
CA PHE I 120 8.23 18.54 -1.75
C PHE I 120 8.99 19.69 -1.10
N ALA I 121 10.27 19.47 -0.89
CA ALA I 121 11.14 20.49 -0.32
C ALA I 121 12.45 20.55 -1.08
N PHE I 122 12.73 21.69 -1.70
CA PHE I 122 13.89 21.77 -2.56
C PHE I 122 14.92 22.67 -1.90
N HIS I 123 16.12 22.73 -2.48
CA HIS I 123 17.17 23.55 -1.90
C HIS I 123 17.27 24.86 -2.67
N LYS I 124 17.10 25.97 -1.95
CA LYS I 124 16.93 27.25 -2.63
C LYS I 124 18.19 27.74 -3.32
N GLU I 125 19.36 27.29 -2.94
CA GLU I 125 20.54 27.72 -3.65
C GLU I 125 20.97 26.72 -4.71
N GLY I 126 20.25 25.61 -4.84
CA GLY I 126 20.57 24.66 -5.89
C GLY I 126 21.48 23.53 -5.50
N ALA I 127 21.78 23.38 -4.22
CA ALA I 127 22.59 22.26 -3.81
C ALA I 127 21.75 20.99 -3.75
N PHE I 128 22.40 19.87 -3.54
CA PHE I 128 21.74 18.59 -3.39
C PHE I 128 21.56 18.27 -1.91
N PHE I 129 20.92 17.15 -1.64
CA PHE I 129 20.79 16.65 -0.29
C PHE I 129 21.39 15.25 -0.20
N LEU I 130 22.64 15.14 0.23
CA LEU I 130 23.39 13.89 0.17
C LEU I 130 22.85 12.88 1.15
N TYR I 131 22.64 11.66 0.68
CA TYR I 131 22.21 10.52 1.48
C TYR I 131 23.27 9.44 1.39
N ASP I 132 22.86 8.22 1.76
CA ASP I 132 23.74 7.06 1.70
C ASP I 132 24.09 6.79 0.26
N ARG I 133 25.18 7.38 -0.19
CA ARG I 133 25.73 7.26 -1.54
C ARG I 133 24.73 7.70 -2.62
N LEU I 134 23.73 8.49 -2.26
CA LEU I 134 22.74 8.96 -3.21
C LEU I 134 22.52 10.45 -3.01
N ALA I 135 22.72 11.22 -4.06
CA ALA I 135 22.41 12.63 -4.04
C ALA I 135 20.99 12.78 -4.53
N SER I 136 20.18 13.54 -3.82
CA SER I 136 18.79 13.73 -4.20
C SER I 136 18.46 15.21 -4.14
N THR I 137 17.43 15.61 -4.88
CA THR I 137 17.01 16.99 -4.82
C THR I 137 15.70 17.17 -4.09
N VAL I 138 15.36 16.26 -3.19
CA VAL I 138 14.28 16.53 -2.25
C VAL I 138 14.79 16.24 -0.86
N ILE I 139 13.92 16.37 0.11
CA ILE I 139 14.20 15.94 1.46
C ILE I 139 13.18 14.89 1.85
N TYR I 140 13.60 13.64 1.92
CA TYR I 140 12.71 12.57 2.31
C TYR I 140 12.59 12.55 3.83
N ARG I 141 11.48 12.04 4.31
CA ARG I 141 11.15 12.14 5.73
C ARG I 141 11.88 11.09 6.54
N GLY I 142 12.48 11.53 7.63
CA GLY I 142 13.04 10.58 8.58
C GLY I 142 14.32 9.93 8.17
N THR I 143 15.20 10.63 7.47
CA THR I 143 16.44 10.05 6.99
C THR I 143 17.56 11.06 7.12
N THR I 144 18.60 10.69 7.85
CA THR I 144 19.66 11.61 8.23
C THR I 144 20.53 11.98 7.04
N PHE I 145 20.65 13.27 6.77
CA PHE I 145 21.31 13.77 5.57
C PHE I 145 22.19 14.96 5.87
N ALA I 146 22.95 15.38 4.86
CA ALA I 146 23.76 16.59 4.94
C ALA I 146 23.36 17.52 3.81
N GLU I 147 24.07 18.64 3.71
CA GLU I 147 23.94 19.53 2.57
C GLU I 147 25.25 19.62 1.83
N GLY I 148 25.18 19.58 0.51
CA GLY I 148 26.39 19.60 -0.28
C GLY I 148 26.11 19.35 -1.75
N VAL I 149 27.19 19.13 -2.48
CA VAL I 149 27.21 19.10 -3.93
C VAL I 149 28.01 17.89 -4.38
N VAL I 150 28.12 17.72 -5.69
CA VAL I 150 28.74 16.54 -6.32
C VAL I 150 29.71 17.03 -7.38
N ALA I 151 30.89 16.43 -7.45
CA ALA I 151 31.81 16.72 -8.54
C ALA I 151 32.38 15.44 -9.13
N PHE I 152 32.62 15.46 -10.44
CA PHE I 152 33.08 14.29 -11.18
C PHE I 152 34.54 14.50 -11.58
N LEU I 153 35.34 13.44 -11.47
CA LEU I 153 36.76 13.62 -11.66
C LEU I 153 37.44 12.30 -11.98
N ILE I 154 38.69 12.42 -12.43
CA ILE I 154 39.57 11.30 -12.75
C ILE I 154 40.62 11.23 -11.64
N LEU I 155 40.92 10.03 -11.16
CA LEU I 155 41.79 9.95 -9.99
C LEU I 155 43.28 10.13 -10.28
N PRO I 156 43.93 9.34 -11.15
CA PRO I 156 45.39 9.48 -11.10
C PRO I 156 45.89 10.56 -12.04
N SER I 184 27.31 10.92 15.53
CA SER I 184 26.66 9.89 16.33
C SER I 184 25.83 10.51 17.44
N THR I 185 26.17 11.74 17.83
CA THR I 185 25.50 12.41 18.91
C THR I 185 24.17 12.98 18.42
N THR I 186 23.10 12.79 19.18
CA THR I 186 21.77 13.20 18.79
C THR I 186 21.34 14.42 19.57
N ILE I 187 20.85 15.44 18.85
CA ILE I 187 20.27 16.64 19.44
C ILE I 187 18.86 16.80 18.87
N ARG I 188 17.85 16.82 19.72
CA ARG I 188 16.48 16.90 19.26
C ARG I 188 15.95 18.32 19.38
N TYR I 189 15.10 18.72 18.43
CA TYR I 189 14.53 20.05 18.39
C TYR I 189 13.01 19.99 18.38
N GLN I 190 12.40 21.13 18.67
CA GLN I 190 10.98 21.36 18.42
C GLN I 190 10.80 22.65 17.65
N ALA I 191 10.02 22.55 16.57
CA ALA I 191 9.89 23.62 15.60
C ALA I 191 8.43 24.01 15.48
N THR I 192 8.18 25.31 15.55
CA THR I 192 6.85 25.85 15.36
C THR I 192 6.86 26.81 14.20
N GLY I 193 5.98 26.55 13.22
CA GLY I 193 5.96 27.35 12.03
C GLY I 193 7.16 27.13 11.15
N PHE I 194 7.27 25.97 10.52
CA PHE I 194 8.54 25.57 9.93
C PHE I 194 8.82 26.27 8.61
N GLY I 195 7.78 26.56 7.85
CA GLY I 195 8.05 27.02 6.50
C GLY I 195 8.08 28.51 6.29
N THR I 196 7.69 29.30 7.28
CA THR I 196 7.57 30.74 7.10
C THR I 196 8.91 31.43 7.33
N ASN I 197 8.86 32.74 7.41
CA ASN I 197 10.01 33.54 7.79
C ASN I 197 10.02 33.81 9.29
N GLU I 198 8.85 33.79 9.91
CA GLU I 198 8.74 34.05 11.35
C GLU I 198 8.61 32.73 12.09
N THR I 199 9.75 32.06 12.25
CA THR I 199 9.79 30.73 12.81
C THR I 199 10.38 30.77 14.21
N GLU I 200 10.09 29.73 14.99
CA GLU I 200 10.63 29.62 16.34
C GLU I 200 11.12 28.20 16.58
N TYR I 201 12.37 28.07 16.97
CA TYR I 201 12.92 26.74 17.26
C TYR I 201 13.08 26.57 18.75
N LEU I 202 12.99 25.32 19.20
CA LEU I 202 13.20 24.98 20.60
C LEU I 202 14.21 23.85 20.72
N PHE I 203 15.20 24.05 21.59
CA PHE I 203 16.12 23.00 22.00
C PHE I 203 15.43 22.11 23.01
N GLU I 204 15.63 20.82 22.89
CA GLU I 204 15.00 19.88 23.80
C GLU I 204 16.03 19.31 24.78
N VAL I 205 15.73 19.41 26.07
CA VAL I 205 16.48 18.70 27.09
C VAL I 205 15.71 17.50 27.59
N ASP I 206 14.57 17.73 28.21
CA ASP I 206 13.69 16.66 28.65
C ASP I 206 12.31 16.97 28.09
N ASN I 207 11.43 15.98 28.06
CA ASN I 207 10.18 16.12 27.32
C ASN I 207 9.20 17.09 27.99
N LEU I 208 9.56 17.68 29.12
CA LEU I 208 8.92 18.87 29.62
C LEU I 208 9.89 20.02 29.81
N THR I 209 11.09 19.93 29.24
CA THR I 209 12.13 20.91 29.48
C THR I 209 12.70 21.39 28.16
N TYR I 210 12.50 22.64 27.84
CA TYR I 210 12.95 23.20 26.57
C TYR I 210 13.81 24.43 26.81
N VAL I 211 14.66 24.74 25.84
CA VAL I 211 15.42 25.99 25.84
C VAL I 211 15.20 26.64 24.49
N GLN I 212 14.87 27.92 24.48
CA GLN I 212 14.68 28.61 23.24
C GLN I 212 16.02 28.94 22.60
N LEU I 213 16.16 28.58 21.33
CA LEU I 213 17.40 28.81 20.60
C LEU I 213 17.64 30.28 20.33
N GLU I 214 18.85 30.57 19.88
CA GLU I 214 19.19 31.83 19.28
C GLU I 214 19.83 31.54 17.94
N SER I 215 20.33 32.58 17.28
CA SER I 215 21.07 32.35 16.06
C SER I 215 22.50 31.91 16.35
N ARG I 216 23.05 32.26 17.51
CA ARG I 216 24.48 32.12 17.73
C ARG I 216 24.87 30.82 18.42
N PHE I 217 23.94 29.95 18.74
CA PHE I 217 24.27 28.76 19.51
C PHE I 217 24.98 27.73 18.65
N THR I 218 26.13 27.29 19.11
CA THR I 218 26.89 26.18 18.56
C THR I 218 26.49 24.90 19.27
N PRO I 219 26.74 23.73 18.69
CA PRO I 219 26.30 22.50 19.35
C PRO I 219 27.03 22.16 20.65
N GLN I 220 28.30 22.53 20.80
CA GLN I 220 29.00 22.19 22.05
C GLN I 220 28.46 23.00 23.20
N PHE I 221 28.07 24.25 22.94
CA PHE I 221 27.44 25.06 23.97
C PHE I 221 26.13 24.45 24.41
N LEU I 222 25.38 23.89 23.46
CA LEU I 222 24.16 23.20 23.82
C LEU I 222 24.43 21.92 24.58
N LEU I 223 25.57 21.28 24.32
CA LEU I 223 25.90 20.08 25.08
C LEU I 223 26.29 20.42 26.53
N GLN I 224 27.02 21.51 26.72
CA GLN I 224 27.24 21.99 28.08
C GLN I 224 25.93 22.42 28.73
N LEU I 225 24.99 22.88 27.92
CA LEU I 225 23.73 23.34 28.49
C LEU I 225 22.91 22.17 29.01
N ASN I 226 22.75 21.08 28.25
CA ASN I 226 21.97 20.00 28.83
C ASN I 226 22.74 19.27 29.91
N GLU I 227 24.08 19.33 29.87
CA GLU I 227 24.81 18.79 31.02
C GLU I 227 24.50 19.57 32.29
N THR I 228 24.54 20.90 32.21
CA THR I 228 24.35 21.74 33.40
C THR I 228 22.91 21.65 33.88
N ILE I 229 21.95 21.67 32.95
CA ILE I 229 20.54 21.61 33.31
C ILE I 229 20.20 20.25 33.92
N TYR I 230 20.58 19.17 33.24
CA TYR I 230 20.15 17.84 33.66
C TYR I 230 20.88 17.42 34.93
N ALA I 231 22.04 18.02 35.19
CA ALA I 231 22.74 17.69 36.42
C ALA I 231 22.27 18.52 37.60
N SER I 232 22.03 19.82 37.39
CA SER I 232 21.75 20.68 38.54
C SER I 232 20.32 20.62 39.01
N GLY I 233 19.48 19.77 38.41
CA GLY I 233 18.14 19.58 38.91
C GLY I 233 17.15 20.65 38.53
N LYS I 234 17.44 21.44 37.49
CA LYS I 234 16.56 22.52 37.09
C LYS I 234 15.60 22.12 35.99
N ARG I 235 15.30 20.84 35.84
CA ARG I 235 14.27 20.46 34.91
C ARG I 235 12.89 20.69 35.52
N SER I 236 11.87 20.41 34.72
CA SER I 236 10.50 20.60 35.20
C SER I 236 10.11 19.53 36.19
N ASN I 237 9.77 19.96 37.40
CA ASN I 237 9.31 19.06 38.45
C ASN I 237 7.79 19.06 38.60
N THR I 238 7.08 19.61 37.63
CA THR I 238 5.62 19.57 37.57
C THR I 238 5.18 19.00 36.23
N THR I 239 3.88 19.08 35.95
CA THR I 239 3.36 18.51 34.73
C THR I 239 3.59 19.37 33.50
N GLY I 240 3.75 20.68 33.65
CA GLY I 240 3.82 21.59 32.54
C GLY I 240 5.20 21.66 31.91
N LYS I 241 5.26 22.30 30.75
CA LYS I 241 6.53 22.57 30.11
C LYS I 241 7.29 23.63 30.87
N LEU I 242 8.56 23.76 30.54
CA LEU I 242 9.45 24.72 31.18
C LEU I 242 10.41 25.23 30.12
N ILE I 243 10.31 26.50 29.78
CA ILE I 243 11.11 27.07 28.71
C ILE I 243 12.08 28.05 29.35
N TRP I 244 13.30 28.09 28.82
CA TRP I 244 14.38 28.87 29.40
C TRP I 244 14.89 29.87 28.39
N LYS I 245 15.38 30.99 28.88
CA LYS I 245 16.08 31.94 28.03
C LYS I 245 17.54 32.01 28.44
N VAL I 246 18.36 32.52 27.54
CA VAL I 246 19.77 32.72 27.81
C VAL I 246 20.02 34.21 27.78
N ASN I 247 20.69 34.72 28.80
CA ASN I 247 21.03 36.13 28.83
C ASN I 247 22.03 36.45 27.73
N PRO I 248 22.07 37.67 27.25
CA PRO I 248 23.14 38.08 26.31
C PRO I 248 24.44 38.41 27.01
N GLU I 249 24.93 37.46 27.83
CA GLU I 249 26.18 37.59 28.56
C GLU I 249 27.05 36.35 28.47
N ILE I 250 26.55 35.24 27.97
CA ILE I 250 27.21 33.94 28.08
C ILE I 250 27.69 33.52 26.71
N ASP I 251 28.97 33.21 26.61
CA ASP I 251 29.61 33.01 25.31
C ASP I 251 29.25 31.66 24.71
N THR I 252 29.71 31.44 23.49
CA THR I 252 29.71 30.12 22.87
C THR I 252 31.10 29.52 22.90
N THR I 253 31.17 28.19 22.80
CA THR I 253 32.45 27.49 22.91
C THR I 253 33.33 27.70 21.68
N ILE I 254 32.75 27.92 20.51
CA ILE I 254 33.52 28.26 19.35
C ILE I 254 33.06 29.62 18.85
N ALA I 258 35.16 29.52 9.82
CA ALA I 258 36.17 28.47 9.89
C ALA I 258 35.96 27.60 11.13
N PHE I 259 35.41 26.42 10.90
CA PHE I 259 35.16 25.50 12.02
C PHE I 259 36.42 24.78 12.45
N TRP I 260 37.25 24.40 11.48
CA TRP I 260 38.47 23.63 11.66
C TRP I 260 39.64 24.44 12.18
N GLU I 261 39.40 25.72 12.49
CA GLU I 261 40.40 26.71 12.95
C GLU I 261 41.54 26.86 11.96
N VAL J 1 43.42 27.14 -14.60
CA VAL J 1 43.07 26.21 -13.53
C VAL J 1 41.78 26.64 -12.88
N ILE J 2 41.40 25.93 -11.83
CA ILE J 2 40.23 26.28 -11.03
C ILE J 2 40.71 27.05 -9.81
N VAL J 3 40.12 28.22 -9.59
CA VAL J 3 40.49 29.09 -8.49
C VAL J 3 39.30 29.20 -7.56
N ASN J 4 39.54 28.98 -6.26
CA ASN J 4 38.44 29.02 -5.30
C ASN J 4 38.02 30.46 -5.07
N ALA J 5 36.71 30.66 -4.92
CA ALA J 5 36.13 31.97 -4.67
C ALA J 5 35.11 31.91 -3.54
N GLN J 6 35.14 30.86 -2.78
CA GLN J 6 34.22 30.72 -1.67
C GLN J 6 34.67 31.60 -0.50
N PRO J 7 33.79 31.85 0.48
CA PRO J 7 34.26 32.53 1.70
C PRO J 7 35.30 31.76 2.49
N LYS J 8 35.10 30.46 2.73
CA LYS J 8 36.07 29.67 3.46
C LYS J 8 36.44 28.44 2.65
N CYS J 9 37.60 27.87 2.97
CA CYS J 9 38.03 26.66 2.29
C CYS J 9 38.68 25.76 3.33
N ASN J 10 38.06 24.63 3.62
CA ASN J 10 38.60 23.69 4.59
C ASN J 10 39.64 22.82 3.91
N PRO J 11 40.91 22.97 4.24
CA PRO J 11 41.96 22.24 3.54
C PRO J 11 42.17 20.81 4.05
N ASN J 12 41.23 20.24 4.78
CA ASN J 12 41.35 18.88 5.27
C ASN J 12 40.16 18.06 4.81
N LEU J 13 40.36 17.22 3.82
CA LEU J 13 39.31 16.37 3.29
C LEU J 13 39.41 15.02 4.01
N HIS J 14 38.67 14.90 5.11
CA HIS J 14 38.47 13.63 5.79
C HIS J 14 37.37 12.86 5.07
N TYR J 15 37.72 11.73 4.47
CA TYR J 15 36.86 11.12 3.47
C TYR J 15 36.51 9.68 3.81
N TRP J 16 35.37 9.25 3.29
CA TRP J 16 34.88 7.91 3.48
C TRP J 16 34.42 7.36 2.14
N THR J 17 34.77 6.10 1.87
CA THR J 17 34.47 5.48 0.59
C THR J 17 33.99 4.06 0.84
N THR J 18 33.77 3.33 -0.23
CA THR J 18 33.42 1.93 -0.15
C THR J 18 34.35 1.12 -1.05
N GLN J 19 34.62 -0.10 -0.62
CA GLN J 19 35.35 -1.07 -1.43
C GLN J 19 34.69 -2.43 -1.34
N ILE J 25 41.20 -12.22 4.20
CA ILE J 25 39.82 -11.86 4.46
C ILE J 25 39.26 -12.75 5.56
N GLY J 26 39.00 -14.01 5.23
CA GLY J 26 38.48 -14.95 6.19
C GLY J 26 36.97 -14.97 6.31
N LEU J 27 36.28 -15.23 5.21
CA LEU J 27 34.81 -15.32 5.12
C LEU J 27 34.11 -14.05 5.59
N ALA J 28 34.62 -12.88 5.20
CA ALA J 28 33.84 -11.66 5.35
C ALA J 28 33.04 -11.35 4.11
N TRP J 29 33.32 -12.06 3.00
CA TRP J 29 32.65 -11.80 1.75
C TRP J 29 31.22 -12.28 1.76
N ILE J 30 30.99 -13.48 2.27
CA ILE J 30 29.67 -14.09 2.35
C ILE J 30 28.78 -13.27 3.27
N PRO J 31 27.61 -12.82 2.82
CA PRO J 31 26.89 -11.78 3.56
C PRO J 31 26.24 -12.26 4.82
N TYR J 32 26.06 -13.56 5.01
CA TYR J 32 25.54 -14.02 6.28
C TYR J 32 26.55 -13.85 7.40
N PHE J 33 27.84 -13.93 7.10
CA PHE J 33 28.88 -13.65 8.08
C PHE J 33 29.44 -12.24 7.93
N GLY J 34 28.96 -11.49 6.96
CA GLY J 34 29.52 -10.20 6.67
C GLY J 34 29.15 -9.16 7.70
N PRO J 35 29.76 -7.99 7.64
CA PRO J 35 29.48 -6.96 8.63
C PRO J 35 28.12 -6.33 8.37
N ALA J 36 27.64 -5.60 9.37
CA ALA J 36 26.41 -4.85 9.22
C ALA J 36 26.64 -3.66 8.31
N ALA J 37 25.56 -2.97 7.98
CA ALA J 37 25.62 -1.92 6.97
C ALA J 37 26.41 -0.71 7.46
N GLU J 38 26.51 -0.53 8.77
CA GLU J 38 27.11 0.68 9.30
C GLU J 38 28.62 0.58 9.41
N GLY J 39 29.20 -0.55 9.02
CA GLY J 39 30.64 -0.74 9.12
C GLY J 39 31.33 -1.16 7.85
N ILE J 40 30.75 -0.92 6.68
CA ILE J 40 31.34 -1.36 5.44
C ILE J 40 32.09 -0.22 4.79
N TYR J 41 32.40 0.81 5.56
CA TYR J 41 32.97 2.05 5.02
C TYR J 41 34.44 2.15 5.37
N THR J 42 35.27 2.22 4.35
CA THR J 42 36.68 2.51 4.54
C THR J 42 36.84 4.00 4.76
N GLU J 43 37.60 4.36 5.78
CA GLU J 43 37.89 5.75 6.05
C GLU J 43 39.29 6.06 5.54
N GLY J 44 39.72 7.30 5.76
CA GLY J 44 41.05 7.71 5.36
C GLY J 44 41.16 9.21 5.50
N LEU J 45 42.38 9.72 5.45
CA LEU J 45 42.61 11.15 5.59
C LEU J 45 43.55 11.62 4.50
N MET J 46 43.23 12.76 3.89
CA MET J 46 44.07 13.37 2.88
C MET J 46 44.21 14.86 3.16
N HIS J 47 45.42 15.38 3.08
CA HIS J 47 45.72 16.76 3.38
C HIS J 47 45.77 17.61 2.12
N ASN J 48 45.84 18.93 2.33
CA ASN J 48 45.86 19.90 1.25
C ASN J 48 47.20 19.79 0.54
N GLN J 49 47.23 19.02 -0.53
CA GLN J 49 48.41 18.91 -1.36
C GLN J 49 48.25 19.90 -2.51
N ASP J 50 48.71 21.14 -2.29
CA ASP J 50 48.77 22.21 -3.29
C ASP J 50 47.40 22.55 -3.86
N GLY J 51 46.51 23.02 -3.00
CA GLY J 51 45.22 23.54 -3.41
C GLY J 51 44.27 22.53 -4.01
N LEU J 52 44.51 21.24 -3.78
CA LEU J 52 43.69 20.23 -4.42
C LEU J 52 42.30 20.17 -3.82
N ILE J 53 42.20 20.37 -2.50
CA ILE J 53 40.90 20.28 -1.87
C ILE J 53 40.10 21.56 -2.09
N CYS J 54 40.77 22.71 -2.08
CA CYS J 54 40.11 23.95 -2.50
C CYS J 54 39.68 23.87 -3.95
N GLY J 55 40.49 23.22 -4.79
CA GLY J 55 40.12 23.01 -6.18
C GLY J 55 38.87 22.17 -6.32
N LEU J 56 38.78 21.08 -5.56
CA LEU J 56 37.57 20.26 -5.63
C LEU J 56 36.36 21.00 -5.07
N ARG J 57 36.56 21.82 -4.05
CA ARG J 57 35.41 22.50 -3.47
C ARG J 57 34.90 23.57 -4.42
N GLN J 58 35.76 24.12 -5.28
CA GLN J 58 35.24 25.03 -6.27
C GLN J 58 34.64 24.30 -7.47
N LEU J 59 35.27 23.19 -7.86
CA LEU J 59 34.82 22.45 -9.04
C LEU J 59 33.47 21.82 -8.80
N ALA J 60 33.20 21.43 -7.56
CA ALA J 60 31.89 20.91 -7.22
C ALA J 60 30.83 21.99 -7.36
N ASN J 61 31.18 23.23 -7.06
CA ASN J 61 30.20 24.29 -7.23
C ASN J 61 30.00 24.61 -8.70
N GLU J 62 31.04 24.49 -9.53
CA GLU J 62 30.83 24.78 -10.94
C GLU J 62 30.09 23.66 -11.66
N THR J 63 30.12 22.44 -11.12
CA THR J 63 29.40 21.36 -11.80
C THR J 63 28.02 21.14 -11.18
N THR J 64 27.74 21.81 -10.06
CA THR J 64 26.43 21.72 -9.41
C THR J 64 25.27 22.10 -10.31
N GLN J 65 25.34 23.28 -10.91
CA GLN J 65 24.24 23.79 -11.70
C GLN J 65 24.03 22.98 -12.98
N ALA J 66 25.12 22.63 -13.66
CA ALA J 66 25.00 21.89 -14.91
C ALA J 66 24.46 20.49 -14.67
N LEU J 67 24.89 19.85 -13.57
CA LEU J 67 24.33 18.56 -13.22
C LEU J 67 22.85 18.67 -12.86
N GLN J 68 22.48 19.78 -12.20
CA GLN J 68 21.07 20.01 -11.89
C GLN J 68 20.25 20.13 -13.15
N LEU J 69 20.82 20.76 -14.17
CA LEU J 69 20.15 20.92 -15.45
C LEU J 69 19.95 19.57 -16.14
N PHE J 70 21.02 18.77 -16.18
CA PHE J 70 20.95 17.43 -16.77
C PHE J 70 19.93 16.56 -16.06
N LEU J 71 19.84 16.67 -14.74
CA LEU J 71 18.86 15.86 -14.03
C LEU J 71 17.46 16.36 -14.25
N ARG J 72 17.29 17.65 -14.52
CA ARG J 72 15.97 18.13 -14.88
C ARG J 72 15.57 17.61 -16.25
N ALA J 73 16.55 17.32 -17.11
CA ALA J 73 16.23 17.00 -18.49
C ALA J 73 15.90 15.52 -18.76
N THR J 74 15.81 14.65 -17.77
CA THR J 74 15.50 13.25 -18.04
C THR J 74 14.29 12.78 -17.25
N THR J 75 14.02 11.47 -17.32
CA THR J 75 12.91 10.86 -16.60
C THR J 75 13.31 9.70 -15.71
N GLU J 76 14.58 9.34 -15.64
CA GLU J 76 14.98 8.26 -14.76
C GLU J 76 14.86 8.69 -13.31
N LEU J 77 14.23 7.86 -12.50
CA LEU J 77 14.06 8.21 -11.11
C LEU J 77 15.37 8.04 -10.35
N ARG J 78 16.22 7.14 -10.81
CA ARG J 78 17.50 6.85 -10.16
C ARG J 78 18.56 6.79 -11.25
N THR J 79 19.16 7.91 -11.57
CA THR J 79 20.18 7.96 -12.60
C THR J 79 21.46 7.33 -12.05
N PHE J 80 22.11 6.49 -12.84
CA PHE J 80 23.38 5.93 -12.45
C PHE J 80 24.41 5.92 -13.55
N SER J 81 24.01 6.16 -14.79
CA SER J 81 24.86 5.84 -15.93
C SER J 81 25.70 7.01 -16.40
N ILE J 82 25.97 7.99 -15.55
CA ILE J 82 26.59 9.23 -16.02
C ILE J 82 28.06 9.00 -16.36
N LEU J 83 28.77 8.29 -15.48
CA LEU J 83 30.18 7.97 -15.72
C LEU J 83 30.37 7.12 -16.96
N ASN J 84 29.44 6.20 -17.22
CA ASN J 84 29.55 5.40 -18.42
C ASN J 84 29.31 6.24 -19.66
N ARG J 85 28.39 7.20 -19.59
CA ARG J 85 28.20 8.10 -20.71
C ARG J 85 29.43 8.95 -20.94
N LYS J 86 30.13 9.32 -19.87
CA LYS J 86 31.36 10.10 -20.01
C LYS J 86 32.45 9.25 -20.65
N ALA J 87 32.51 7.98 -20.31
CA ALA J 87 33.53 7.13 -20.90
C ALA J 87 33.25 6.86 -22.37
N ILE J 88 31.98 6.67 -22.73
CA ILE J 88 31.64 6.43 -24.12
C ILE J 88 31.84 7.69 -24.94
N ASP J 89 31.56 8.87 -24.36
CA ASP J 89 31.87 10.13 -25.01
C ASP J 89 33.37 10.29 -25.20
N PHE J 90 34.15 9.84 -24.23
CA PHE J 90 35.59 9.94 -24.32
C PHE J 90 36.13 9.09 -25.44
N LEU J 91 35.64 7.86 -25.53
CA LEU J 91 36.07 6.95 -26.59
C LEU J 91 35.68 7.47 -27.97
N LEU J 92 34.48 8.00 -28.09
CA LEU J 92 34.06 8.49 -29.38
C LEU J 92 34.80 9.77 -29.74
N GLN J 93 35.16 10.59 -28.74
CA GLN J 93 35.88 11.81 -29.06
C GLN J 93 37.32 11.53 -29.44
N ARG J 94 37.88 10.40 -29.00
CA ARG J 94 39.23 10.13 -29.47
C ARG J 94 39.28 9.27 -30.72
N TRP J 95 38.34 8.37 -30.95
CA TRP J 95 38.43 7.54 -32.14
C TRP J 95 37.20 7.51 -33.02
N GLY J 96 36.01 7.46 -32.43
CA GLY J 96 34.78 7.11 -33.15
C GLY J 96 34.37 7.95 -34.35
N GLN K 1 -6.79 40.13 46.02
CA GLN K 1 -5.37 40.25 45.70
C GLN K 1 -5.18 40.68 44.25
N VAL K 2 -4.99 39.69 43.40
CA VAL K 2 -4.81 39.91 41.97
C VAL K 2 -6.13 40.35 41.36
N GLN K 3 -6.15 41.54 40.79
CA GLN K 3 -7.36 42.11 40.21
C GLN K 3 -7.22 42.20 38.70
N VAL K 4 -8.20 41.68 37.99
CA VAL K 4 -8.33 41.84 36.55
C VAL K 4 -9.73 42.35 36.27
N GLU K 5 -9.84 43.47 35.58
CA GLU K 5 -11.10 44.17 35.44
C GLU K 5 -11.29 44.61 34.00
N GLU K 6 -12.50 44.39 33.48
CA GLU K 6 -12.83 44.91 32.17
C GLU K 6 -13.47 46.28 32.28
N SER K 7 -13.34 47.06 31.20
CA SER K 7 -13.90 48.39 31.12
C SER K 7 -13.99 48.81 29.66
N GLY K 8 -14.82 49.80 29.40
CA GLY K 8 -14.94 50.37 28.08
C GLY K 8 -16.07 49.83 27.23
N GLY K 9 -17.04 49.15 27.82
CA GLY K 9 -18.14 48.57 27.08
C GLY K 9 -19.20 49.59 26.74
N GLY K 10 -20.41 49.09 26.47
CA GLY K 10 -21.53 49.94 26.17
C GLY K 10 -22.32 49.38 25.02
N VAL K 11 -22.77 50.27 24.15
CA VAL K 11 -23.52 49.92 22.96
C VAL K 11 -22.86 50.62 21.77
N VAL K 12 -22.98 50.04 20.58
CA VAL K 12 -22.33 50.59 19.40
C VAL K 12 -23.15 50.22 18.18
N GLN K 13 -23.06 51.07 17.15
CA GLN K 13 -23.76 50.81 15.91
C GLN K 13 -23.06 49.68 15.14
N PRO K 14 -23.79 48.99 14.26
CA PRO K 14 -23.14 48.01 13.38
C PRO K 14 -22.21 48.70 12.40
N GLY K 15 -21.05 48.08 12.20
CA GLY K 15 -20.03 48.68 11.38
C GLY K 15 -19.12 49.65 12.10
N GLY K 16 -19.40 49.95 13.36
CA GLY K 16 -18.58 50.88 14.12
C GLY K 16 -17.33 50.26 14.68
N SER K 17 -16.85 50.84 15.78
CA SER K 17 -15.57 50.46 16.37
C SER K 17 -15.52 50.95 17.81
N LEU K 18 -14.85 50.19 18.67
CA LEU K 18 -14.56 50.66 20.02
C LEU K 18 -13.31 49.97 20.53
N ARG K 19 -12.89 50.38 21.73
CA ARG K 19 -11.68 49.88 22.36
C ARG K 19 -11.97 49.52 23.81
N LEU K 20 -11.49 48.37 24.25
CA LEU K 20 -11.63 47.95 25.64
C LEU K 20 -10.35 48.21 26.41
N SER K 21 -10.49 48.36 27.73
CA SER K 21 -9.36 48.58 28.61
C SER K 21 -9.40 47.55 29.73
N CYS K 22 -8.52 46.57 29.66
CA CYS K 22 -8.37 45.56 30.70
C CYS K 22 -7.19 45.96 31.57
N ALA K 23 -7.47 46.68 32.64
CA ALA K 23 -6.44 47.06 33.60
C ALA K 23 -6.29 45.98 34.65
N ALA K 24 -5.08 45.86 35.18
CA ALA K 24 -4.80 44.83 36.15
C ALA K 24 -3.68 45.29 37.08
N SER K 25 -3.71 44.78 38.31
CA SER K 25 -2.71 45.15 39.31
C SER K 25 -2.55 43.98 40.26
N GLY K 26 -1.46 44.02 41.03
CA GLY K 26 -1.18 43.01 42.01
C GLY K 26 -0.17 41.96 41.61
N PHE K 27 0.49 42.11 40.46
CA PHE K 27 1.46 41.13 40.01
C PHE K 27 2.37 41.76 38.97
N MET K 28 3.45 41.04 38.65
CA MET K 28 4.41 41.46 37.64
C MET K 28 3.75 41.28 36.27
N PHE K 29 3.21 42.38 35.76
CA PHE K 29 2.37 42.28 34.57
C PHE K 29 3.20 42.10 33.32
N SER K 30 4.46 42.54 33.34
CA SER K 30 5.27 42.43 32.13
C SER K 30 5.83 41.04 31.94
N ASN K 31 5.51 40.09 32.82
CA ASN K 31 6.08 38.76 32.72
C ASN K 31 5.01 37.71 32.49
N TYR K 32 3.74 38.10 32.41
CA TYR K 32 2.68 37.13 32.23
C TYR K 32 1.95 37.40 30.93
N GLY K 33 1.50 36.34 30.26
CA GLY K 33 0.69 36.51 29.07
C GLY K 33 -0.77 36.77 29.38
N MET K 34 -1.48 37.38 28.42
CA MET K 34 -2.86 37.78 28.61
C MET K 34 -3.72 37.28 27.45
N HIS K 35 -5.01 37.06 27.75
CA HIS K 35 -5.97 36.50 26.79
C HIS K 35 -7.18 37.40 26.56
N TRP K 36 -8.03 37.00 25.61
CA TRP K 36 -9.37 37.54 25.44
C TRP K 36 -10.34 36.42 25.08
N VAL K 37 -11.40 36.26 25.87
CA VAL K 37 -12.36 35.18 25.68
C VAL K 37 -13.77 35.75 25.59
N ARG K 38 -14.49 35.34 24.54
CA ARG K 38 -15.83 35.84 24.23
C ARG K 38 -16.90 34.86 24.69
N GLN K 39 -17.97 35.40 25.27
CA GLN K 39 -19.15 34.62 25.62
C GLN K 39 -20.39 35.41 25.24
N ALA K 40 -21.10 34.92 24.22
CA ALA K 40 -22.41 35.45 23.89
C ALA K 40 -23.38 35.18 25.05
N PRO K 41 -24.31 36.11 25.32
CA PRO K 41 -25.21 35.92 26.47
C PRO K 41 -26.21 34.80 26.30
N GLY K 42 -26.37 34.27 25.08
CA GLY K 42 -27.16 33.08 24.88
C GLY K 42 -26.35 31.81 24.69
N LYS K 43 -25.01 31.88 24.75
CA LYS K 43 -24.17 30.76 24.41
C LYS K 43 -23.06 30.61 25.44
N GLY K 44 -22.05 29.81 25.08
CA GLY K 44 -20.91 29.56 25.94
C GLY K 44 -19.71 30.40 25.58
N LEU K 45 -18.56 29.98 26.10
CA LEU K 45 -17.31 30.68 25.85
C LEU K 45 -16.79 30.38 24.44
N GLU K 46 -16.00 31.32 23.92
CA GLU K 46 -15.17 31.08 22.75
C GLU K 46 -14.00 32.05 22.78
N TRP K 47 -12.83 31.56 22.38
CA TRP K 47 -11.59 32.31 22.50
C TRP K 47 -11.51 33.36 21.41
N MET K 48 -10.89 34.50 21.74
CA MET K 48 -10.65 35.54 20.74
C MET K 48 -9.16 35.75 20.45
N ALA K 49 -8.36 36.07 21.46
CA ALA K 49 -7.01 36.52 21.15
C ALA K 49 -6.06 36.20 22.29
N PHE K 50 -4.77 36.24 21.98
CA PHE K 50 -3.71 35.98 22.95
C PHE K 50 -2.43 36.69 22.54
N ILE K 51 -1.85 37.41 23.49
CA ILE K 51 -0.56 38.04 23.30
C ILE K 51 0.40 37.45 24.31
N ARG K 52 1.67 37.39 23.95
CA ARG K 52 2.70 36.93 24.86
C ARG K 52 3.10 38.05 25.80
N TYR K 53 4.10 37.76 26.63
CA TYR K 53 4.49 38.74 27.63
C TYR K 53 5.31 39.87 27.04
N ASP K 54 6.15 39.58 26.06
CA ASP K 54 7.10 40.55 25.53
C ASP K 54 6.60 41.27 24.29
N ASP K 55 5.34 41.06 23.92
CA ASP K 55 4.74 41.51 22.65
C ASP K 55 5.59 41.04 21.47
N SER K 56 5.74 39.73 21.36
CA SER K 56 6.46 39.18 20.22
C SER K 56 5.53 38.56 19.20
N LYS K 57 4.53 37.81 19.65
CA LYS K 57 3.57 37.17 18.77
C LYS K 57 2.17 37.61 19.16
N LYS K 58 1.26 37.49 18.21
CA LYS K 58 -0.14 37.76 18.43
C LYS K 58 -0.94 36.64 17.80
N PHE K 59 -1.78 35.99 18.59
CA PHE K 59 -2.52 34.83 18.14
C PHE K 59 -4.01 35.12 18.14
N TYR K 60 -4.65 34.91 16.99
CA TYR K 60 -6.03 35.28 16.77
C TYR K 60 -6.87 34.06 16.44
N ALA K 61 -8.12 34.09 16.87
CA ALA K 61 -9.05 33.06 16.45
C ALA K 61 -9.45 33.26 15.00
N ASP K 62 -10.10 32.25 14.43
CA ASP K 62 -10.40 32.28 13.00
C ASP K 62 -11.45 33.31 12.64
N SER K 63 -12.52 33.42 13.43
CA SER K 63 -13.61 34.31 13.06
C SER K 63 -13.32 35.77 13.39
N VAL K 64 -12.13 36.10 13.86
CA VAL K 64 -11.82 37.45 14.30
C VAL K 64 -10.58 38.00 13.62
N LYS K 65 -10.08 37.34 12.58
CA LYS K 65 -8.87 37.77 11.91
C LYS K 65 -9.10 39.05 11.11
N GLY K 66 -8.13 39.95 11.18
CA GLY K 66 -8.19 41.19 10.41
C GLY K 66 -9.01 42.27 11.07
N ARG K 67 -10.22 41.92 11.50
CA ARG K 67 -11.11 42.92 12.11
C ARG K 67 -10.62 43.33 13.49
N PHE K 68 -10.10 42.39 14.27
CA PHE K 68 -9.79 42.63 15.68
C PHE K 68 -8.28 42.65 15.89
N THR K 69 -7.85 43.54 16.77
CA THR K 69 -6.43 43.79 16.98
C THR K 69 -6.14 43.82 18.48
N ILE K 70 -5.24 42.95 18.91
CA ILE K 70 -4.79 42.92 20.29
C ILE K 70 -3.56 43.81 20.41
N SER K 71 -3.38 44.39 21.59
CA SER K 71 -2.19 45.16 21.91
C SER K 71 -2.06 45.20 23.42
N ARG K 72 -0.86 45.50 23.89
CA ARG K 72 -0.67 45.57 25.33
C ARG K 72 0.28 46.71 25.65
N ASP K 73 0.27 47.11 26.92
CA ASP K 73 1.20 48.10 27.42
C ASP K 73 1.60 47.67 28.83
N ASN K 74 2.88 47.38 29.01
CA ASN K 74 3.41 47.02 30.31
C ASN K 74 3.80 48.23 31.13
N SER K 75 3.53 49.43 30.65
CA SER K 75 3.72 50.64 31.42
C SER K 75 2.56 50.87 32.39
N LYS K 76 1.36 51.00 31.85
CA LYS K 76 0.18 51.26 32.66
C LYS K 76 -0.45 49.99 33.21
N ASN K 77 0.22 48.84 33.04
CA ASN K 77 -0.22 47.53 33.52
C ASN K 77 -1.61 47.19 32.98
N THR K 78 -1.78 47.39 31.68
CA THR K 78 -3.10 47.43 31.09
C THR K 78 -3.11 46.74 29.74
N LEU K 79 -4.07 45.85 29.56
CA LEU K 79 -4.32 45.18 28.30
C LEU K 79 -5.33 45.98 27.49
N TYR K 80 -5.16 45.98 26.16
CA TYR K 80 -6.06 46.68 25.27
C TYR K 80 -6.53 45.74 24.17
N LEU K 81 -7.69 46.08 23.59
CA LEU K 81 -8.25 45.32 22.48
C LEU K 81 -8.97 46.29 21.56
N GLN K 82 -8.46 46.44 20.34
CA GLN K 82 -9.05 47.33 19.36
C GLN K 82 -9.91 46.53 18.41
N MET K 83 -11.13 46.97 18.20
CA MET K 83 -12.12 46.23 17.41
C MET K 83 -12.62 47.10 16.27
N ASN K 84 -12.73 46.51 15.09
CA ASN K 84 -13.25 47.18 13.91
C ASN K 84 -14.23 46.27 13.19
N SER K 85 -15.14 46.89 12.43
CA SER K 85 -16.12 46.21 11.57
C SER K 85 -17.01 45.26 12.38
N LEU K 86 -17.74 45.82 13.33
CA LEU K 86 -18.49 45.02 14.28
C LEU K 86 -19.76 44.48 13.66
N ARG K 87 -20.16 43.30 14.12
CA ARG K 87 -21.31 42.60 13.56
C ARG K 87 -22.27 42.22 14.68
N ALA K 88 -23.44 41.73 14.27
CA ALA K 88 -24.53 41.52 15.21
C ALA K 88 -24.31 40.30 16.11
N GLU K 89 -23.49 39.35 15.66
CA GLU K 89 -23.18 38.19 16.50
C GLU K 89 -22.18 38.53 17.60
N ASP K 90 -21.50 39.67 17.51
CA ASP K 90 -20.46 40.03 18.45
C ASP K 90 -21.00 40.59 19.75
N THR K 91 -22.32 40.75 19.87
CA THR K 91 -22.92 41.21 21.10
C THR K 91 -22.76 40.13 22.16
N ALA K 92 -21.99 40.43 23.20
CA ALA K 92 -21.50 39.40 24.10
C ALA K 92 -20.91 40.07 25.33
N LEU K 93 -20.45 39.23 26.26
CA LEU K 93 -19.45 39.68 27.21
C LEU K 93 -18.06 39.38 26.66
N TYR K 94 -17.12 40.26 26.99
CA TYR K 94 -15.73 40.13 26.59
C TYR K 94 -14.87 39.96 27.83
N TYR K 95 -14.28 38.78 27.98
CA TYR K 95 -13.42 38.50 29.11
C TYR K 95 -11.96 38.74 28.74
N CYS K 96 -11.20 39.30 29.68
CA CYS K 96 -9.75 39.34 29.57
C CYS K 96 -9.15 38.50 30.69
N ALA K 97 -8.17 37.67 30.35
CA ALA K 97 -7.77 36.59 31.22
C ALA K 97 -6.25 36.53 31.36
N LYS K 98 -5.83 36.15 32.56
CA LYS K 98 -4.45 36.03 32.95
C LYS K 98 -4.10 34.56 33.06
N GLU K 99 -2.93 34.18 32.55
CA GLU K 99 -2.56 32.78 32.56
C GLU K 99 -1.56 32.45 33.67
N LEU K 100 -1.24 31.17 33.80
CA LEU K 100 -0.45 30.65 34.89
C LEU K 100 0.97 30.34 34.44
N LEU K 101 1.92 30.61 35.34
CA LEU K 101 3.34 30.38 35.15
C LEU K 101 4.07 30.67 36.45
N GLN K 102 5.13 29.91 36.71
CA GLN K 102 6.08 30.28 37.74
C GLN K 102 7.36 30.74 37.09
N VAL K 103 8.06 31.65 37.75
CA VAL K 103 9.20 32.34 37.16
C VAL K 103 10.48 31.81 37.80
N TYR K 104 11.16 30.91 37.12
CA TYR K 104 12.36 30.29 37.66
C TYR K 104 13.56 31.16 37.28
N THR K 105 13.90 32.10 38.15
CA THR K 105 15.03 32.97 37.90
C THR K 105 16.33 32.40 38.39
N SER K 106 16.28 31.32 39.17
CA SER K 106 17.48 30.76 39.80
C SER K 106 18.30 30.01 38.75
N ALA K 107 18.98 30.81 37.91
CA ALA K 107 19.84 30.28 36.86
C ALA K 107 20.75 31.38 36.37
N TRP K 108 21.54 31.03 35.36
CA TRP K 108 22.30 31.97 34.58
C TRP K 108 21.40 32.87 33.74
N GLY K 109 20.23 32.38 33.32
CA GLY K 109 19.32 33.16 32.53
C GLY K 109 17.90 32.77 32.89
N GLU K 110 16.97 33.68 32.61
CA GLU K 110 15.62 33.51 33.08
C GLU K 110 14.85 32.50 32.24
N GLY K 111 13.57 32.39 32.55
CA GLY K 111 12.73 31.44 31.86
C GLY K 111 11.59 31.09 32.77
N HIS K 112 10.56 30.50 32.17
CA HIS K 112 9.39 30.21 32.98
C HIS K 112 8.70 28.98 32.42
N SER K 113 7.68 28.54 33.14
CA SER K 113 6.88 27.37 32.82
C SER K 113 5.55 27.81 32.22
N TYR K 114 4.78 26.86 31.71
CA TYR K 114 3.43 27.30 31.37
C TYR K 114 2.29 26.54 32.02
N TYR K 115 2.16 25.24 31.71
CA TYR K 115 0.93 24.48 31.92
C TYR K 115 -0.30 25.27 31.49
N TYR K 116 -0.52 25.34 30.17
CA TYR K 116 -1.45 26.27 29.52
C TYR K 116 -2.87 26.15 30.03
N ALA K 117 -3.31 27.19 30.75
CA ALA K 117 -4.67 27.34 31.27
C ALA K 117 -4.80 28.73 31.83
N LEU K 118 -5.97 29.03 32.36
CA LEU K 118 -6.32 30.35 32.85
C LEU K 118 -6.85 30.27 34.28
N ASP K 119 -6.45 31.23 35.12
CA ASP K 119 -6.95 31.25 36.49
C ASP K 119 -7.71 32.52 36.84
N VAL K 120 -7.16 33.69 36.63
CA VAL K 120 -7.73 34.91 37.18
C VAL K 120 -8.56 35.59 36.09
N TRP K 121 -9.87 35.54 36.24
CA TRP K 121 -10.79 36.06 35.24
C TRP K 121 -11.39 37.36 35.73
N GLY K 122 -11.63 38.26 34.79
CA GLY K 122 -12.41 39.44 35.06
C GLY K 122 -13.89 39.13 34.99
N LEU K 123 -14.68 40.11 35.42
CA LEU K 123 -16.13 39.94 35.39
C LEU K 123 -16.69 39.95 33.98
N GLY K 124 -15.98 40.58 33.05
CA GLY K 124 -16.50 40.77 31.72
C GLY K 124 -17.20 42.10 31.55
N THR K 125 -16.98 42.76 30.42
CA THR K 125 -17.71 43.98 30.08
C THR K 125 -18.70 43.69 28.97
N ALA K 126 -19.75 44.50 28.89
CA ALA K 126 -20.83 44.25 27.95
C ALA K 126 -20.72 45.11 26.71
N VAL K 127 -20.80 44.48 25.55
CA VAL K 127 -20.73 45.16 24.27
C VAL K 127 -21.94 44.74 23.45
N THR K 128 -22.67 45.74 22.93
CA THR K 128 -23.89 45.51 22.17
C THR K 128 -23.81 46.18 20.81
N VAL K 129 -24.05 45.40 19.76
CA VAL K 129 -24.04 45.88 18.39
C VAL K 129 -25.48 46.00 17.93
N SER K 130 -26.02 47.22 17.99
CA SER K 130 -27.43 47.49 17.73
C SER K 130 -27.58 48.99 17.47
N SER K 131 -28.83 49.46 17.53
CA SER K 131 -29.10 50.89 17.51
C SER K 131 -29.54 51.41 18.87
N ALA K 132 -29.99 50.53 19.78
CA ALA K 132 -30.40 50.94 21.12
C ALA K 132 -30.26 49.79 22.12
N ILE L 1 -8.25 20.43 15.77
CA ILE L 1 -8.49 21.68 16.47
C ILE L 1 -9.95 21.80 16.88
N GLN L 2 -10.60 20.66 17.09
CA GLN L 2 -11.99 20.64 17.52
C GLN L 2 -12.11 19.84 18.79
N MET L 3 -13.20 20.05 19.52
CA MET L 3 -13.40 19.36 20.78
C MET L 3 -14.88 19.27 21.09
N THR L 4 -15.32 18.08 21.47
CA THR L 4 -16.73 17.78 21.66
C THR L 4 -16.90 17.01 22.97
N GLN L 5 -17.83 17.48 23.80
CA GLN L 5 -18.02 16.97 25.14
C GLN L 5 -19.08 15.88 25.18
N SER L 6 -19.53 15.56 26.40
CA SER L 6 -20.67 14.70 26.74
C SER L 6 -21.94 15.50 26.47
N PRO L 7 -23.15 14.92 26.52
CA PRO L 7 -24.36 15.72 26.31
C PRO L 7 -24.55 16.84 27.34
N SER L 8 -25.04 17.96 26.83
CA SER L 8 -24.98 19.25 27.51
C SER L 8 -25.89 19.33 28.72
N SER L 9 -26.92 18.52 28.80
CA SER L 9 -27.86 18.57 29.91
C SER L 9 -27.80 17.24 30.63
N VAL L 10 -27.18 17.24 31.81
CA VAL L 10 -27.12 16.07 32.67
C VAL L 10 -27.77 16.43 33.99
N SER L 11 -28.65 15.57 34.47
CA SER L 11 -29.37 15.81 35.71
C SER L 11 -29.03 14.75 36.74
N ALA L 12 -28.90 15.17 37.99
CA ALA L 12 -28.60 14.27 39.08
C ALA L 12 -29.07 14.89 40.39
N SER L 13 -29.12 14.07 41.42
CA SER L 13 -29.47 14.52 42.76
C SER L 13 -28.21 14.73 43.60
N VAL L 14 -28.41 15.28 44.79
CA VAL L 14 -27.29 15.59 45.67
C VAL L 14 -26.73 14.29 46.23
N GLY L 15 -25.41 14.13 46.12
CA GLY L 15 -24.74 12.93 46.56
C GLY L 15 -24.31 12.00 45.44
N ASP L 16 -24.68 12.32 44.20
CA ASP L 16 -24.41 11.42 43.10
C ASP L 16 -22.97 11.57 42.59
N ARG L 17 -22.49 10.54 41.92
CA ARG L 17 -21.22 10.59 41.21
C ARG L 17 -21.48 10.68 39.71
N VAL L 18 -21.02 11.76 39.09
CA VAL L 18 -21.24 12.00 37.68
C VAL L 18 -19.91 12.16 36.96
N THR L 19 -19.91 11.84 35.67
CA THR L 19 -18.74 11.96 34.82
C THR L 19 -19.09 12.75 33.58
N ILE L 20 -18.11 13.46 33.04
CA ILE L 20 -18.26 14.25 31.82
C ILE L 20 -17.17 13.82 30.85
N THR L 21 -17.58 13.25 29.73
CA THR L 21 -16.64 12.80 28.71
C THR L 21 -16.28 13.97 27.80
N CYS L 22 -15.00 14.12 27.51
CA CYS L 22 -14.54 15.16 26.60
C CYS L 22 -13.68 14.53 25.53
N ARG L 23 -14.02 14.78 24.27
CA ARG L 23 -13.36 14.19 23.13
C ARG L 23 -12.68 15.26 22.29
N ALA L 24 -11.48 14.97 21.80
CA ALA L 24 -10.71 15.91 21.02
C ALA L 24 -10.41 15.33 19.64
N SER L 25 -10.47 16.20 18.63
CA SER L 25 -10.25 15.78 17.26
C SER L 25 -8.78 15.48 16.95
N GLN L 26 -7.85 16.07 17.69
CA GLN L 26 -6.43 15.80 17.51
C GLN L 26 -5.84 15.32 18.83
N ASP L 27 -4.60 14.84 18.75
CA ASP L 27 -3.92 14.42 19.97
C ASP L 27 -3.49 15.65 20.76
N ILE L 28 -3.89 15.70 22.02
CA ILE L 28 -3.57 16.85 22.84
C ILE L 28 -2.48 16.55 23.86
N SER L 29 -2.49 15.34 24.43
CA SER L 29 -1.50 14.86 25.40
C SER L 29 -1.45 15.72 26.66
N ASN L 30 -2.54 15.70 27.41
CA ASN L 30 -2.72 16.28 28.74
C ASN L 30 -2.62 17.79 28.76
N TRP L 31 -2.96 18.48 27.68
CA TRP L 31 -3.12 19.93 27.75
C TRP L 31 -4.60 20.30 27.75
N LEU L 32 -5.29 19.98 28.84
CA LEU L 32 -6.71 20.31 28.96
C LEU L 32 -7.00 21.08 30.24
N ALA L 33 -8.22 21.62 30.30
CA ALA L 33 -8.65 22.44 31.42
C ALA L 33 -10.16 22.32 31.60
N TRP L 34 -10.59 22.28 32.86
CA TRP L 34 -11.99 22.18 33.21
C TRP L 34 -12.42 23.41 33.99
N TYR L 35 -13.36 24.18 33.43
CA TYR L 35 -13.77 25.44 34.02
C TYR L 35 -15.20 25.35 34.52
N GLN L 36 -15.43 25.90 35.70
CA GLN L 36 -16.72 25.88 36.36
C GLN L 36 -17.34 27.27 36.27
N GLN L 37 -18.41 27.40 35.48
CA GLN L 37 -19.07 28.69 35.34
C GLN L 37 -20.38 28.67 36.11
N LYS L 38 -20.35 29.21 37.31
CA LYS L 38 -21.58 29.48 38.02
C LYS L 38 -22.33 30.61 37.32
N PRO L 39 -23.66 30.60 37.38
CA PRO L 39 -24.43 31.67 36.73
C PRO L 39 -24.27 32.99 37.48
N GLY L 40 -24.16 34.07 36.70
CA GLY L 40 -23.90 35.38 37.25
C GLY L 40 -22.48 35.60 37.69
N LYS L 41 -21.57 34.68 37.38
CA LYS L 41 -20.20 34.72 37.88
C LYS L 41 -19.24 34.55 36.71
N ALA L 42 -18.02 35.01 36.93
CA ALA L 42 -16.93 34.64 36.05
C ALA L 42 -16.59 33.17 36.27
N PRO L 43 -16.11 32.48 35.23
CA PRO L 43 -15.70 31.08 35.42
C PRO L 43 -14.44 30.98 36.29
N GLU L 44 -14.14 29.76 36.71
CA GLU L 44 -13.01 29.52 37.60
C GLU L 44 -12.32 28.21 37.23
N LEU L 45 -11.00 28.15 37.41
CA LEU L 45 -10.23 26.96 37.09
C LEU L 45 -10.42 25.86 38.13
N LEU L 46 -10.71 24.65 37.67
CA LEU L 46 -10.76 23.47 38.53
C LEU L 46 -9.51 22.62 38.39
N ILE L 47 -9.27 22.10 37.20
CA ILE L 47 -8.13 21.23 36.93
C ILE L 47 -7.48 21.66 35.63
N TYR L 48 -6.21 22.04 35.71
CA TYR L 48 -5.38 22.23 34.54
C TYR L 48 -4.59 20.97 34.25
N THR L 49 -4.34 20.73 32.96
CA THR L 49 -3.50 19.63 32.44
C THR L 49 -3.99 18.25 32.84
N ALA L 50 -5.29 18.15 33.11
CA ALA L 50 -6.05 16.89 33.31
C ALA L 50 -5.64 16.13 34.58
N SER L 51 -4.75 16.68 35.39
CA SER L 51 -4.33 15.94 36.57
C SER L 51 -4.38 16.72 37.86
N ILE L 52 -4.00 17.99 37.84
CA ILE L 52 -3.78 18.71 39.08
C ILE L 52 -5.02 19.52 39.43
N LEU L 53 -5.55 19.30 40.62
CA LEU L 53 -6.61 20.14 41.15
C LEU L 53 -6.02 21.47 41.60
N GLN L 54 -6.72 22.56 41.27
CA GLN L 54 -6.27 23.87 41.71
C GLN L 54 -6.60 24.03 43.19
N SER L 55 -5.77 24.82 43.88
CA SER L 55 -5.99 25.14 45.28
C SER L 55 -7.30 25.90 45.47
N GLY L 56 -7.90 25.73 46.65
CA GLY L 56 -9.17 26.35 46.97
C GLY L 56 -10.38 25.51 46.65
N VAL L 57 -10.24 24.52 45.77
CA VAL L 57 -11.34 23.65 45.38
C VAL L 57 -11.22 22.36 46.16
N SER L 58 -12.35 21.85 46.66
CA SER L 58 -12.33 20.63 47.46
C SER L 58 -12.01 19.41 46.60
N SER L 59 -11.73 18.30 47.29
CA SER L 59 -11.19 17.12 46.64
C SER L 59 -12.25 16.31 45.91
N ARG L 60 -13.52 16.71 45.95
CA ARG L 60 -14.57 15.94 45.29
C ARG L 60 -14.49 16.05 43.78
N PHE L 61 -13.72 16.99 43.25
CA PHE L 61 -13.48 17.09 41.82
C PHE L 61 -12.17 16.38 41.47
N SER L 62 -12.22 15.57 40.42
CA SER L 62 -11.03 14.90 39.92
C SER L 62 -11.23 14.64 38.44
N GLY L 63 -10.14 14.31 37.77
CA GLY L 63 -10.21 14.05 36.35
C GLY L 63 -8.92 13.40 35.88
N SER L 64 -9.02 12.71 34.75
CA SER L 64 -7.91 11.96 34.21
C SER L 64 -8.19 11.63 32.75
N GLY L 65 -7.25 10.89 32.16
CA GLY L 65 -7.40 10.46 30.78
C GLY L 65 -6.05 10.42 30.10
N SER L 66 -6.06 9.89 28.87
CA SER L 66 -4.84 9.78 28.09
C SER L 66 -5.19 10.04 26.63
N GLY L 67 -4.45 10.97 26.03
CA GLY L 67 -4.66 11.30 24.63
C GLY L 67 -5.83 12.22 24.36
N THR L 68 -6.84 11.70 23.66
CA THR L 68 -7.96 12.51 23.20
C THR L 68 -9.24 12.31 24.00
N ASP L 69 -9.28 11.30 24.86
CA ASP L 69 -10.48 10.96 25.60
C ASP L 69 -10.22 11.22 27.07
N PHE L 70 -10.61 12.38 27.56
CA PHE L 70 -10.42 12.71 28.96
C PHE L 70 -11.77 12.75 29.63
N THR L 71 -11.78 12.75 30.95
CA THR L 71 -13.02 12.75 31.70
C THR L 71 -12.84 13.42 33.05
N LEU L 72 -13.64 14.46 33.28
CA LEU L 72 -13.80 15.08 34.59
C LEU L 72 -14.80 14.26 35.39
N THR L 73 -14.56 14.14 36.69
CA THR L 73 -15.41 13.34 37.55
C THR L 73 -15.65 14.05 38.87
N ILE L 74 -16.91 14.20 39.25
CA ILE L 74 -17.30 14.67 40.56
C ILE L 74 -17.45 13.44 41.44
N SER L 75 -16.84 13.47 42.62
CA SER L 75 -16.95 12.33 43.55
C SER L 75 -18.35 12.22 44.12
N SER L 76 -18.80 13.25 44.84
CA SER L 76 -20.15 13.28 45.36
C SER L 76 -20.71 14.67 45.09
N LEU L 77 -21.91 14.73 44.53
CA LEU L 77 -22.46 16.00 44.09
C LEU L 77 -22.94 16.82 45.28
N GLN L 78 -22.65 18.10 45.26
CA GLN L 78 -23.05 19.06 46.26
C GLN L 78 -24.04 20.05 45.67
N PRO L 79 -24.91 20.65 46.48
CA PRO L 79 -25.89 21.62 45.94
C PRO L 79 -25.27 22.93 45.48
N GLU L 80 -24.00 23.18 45.77
CA GLU L 80 -23.33 24.40 45.35
C GLU L 80 -22.70 24.29 43.98
N ASP L 81 -23.07 23.28 43.18
CA ASP L 81 -22.46 23.07 41.88
C ASP L 81 -23.45 23.14 40.73
N SER L 82 -24.52 23.92 40.89
CA SER L 82 -25.43 24.18 39.78
C SER L 82 -24.72 25.11 38.82
N ALA L 83 -24.04 24.54 37.83
CA ALA L 83 -23.20 25.32 36.95
C ALA L 83 -23.00 24.56 35.66
N THR L 84 -22.44 25.26 34.67
CA THR L 84 -22.12 24.67 33.39
C THR L 84 -20.61 24.51 33.30
N TYR L 85 -20.17 23.32 32.91
CA TYR L 85 -18.76 22.95 32.98
C TYR L 85 -18.19 22.91 31.57
N TYR L 86 -17.04 23.52 31.38
CA TYR L 86 -16.43 23.63 30.06
C TYR L 86 -15.13 22.84 30.03
N CYS L 87 -14.65 22.58 28.82
CA CYS L 87 -13.52 21.70 28.58
C CYS L 87 -12.59 22.35 27.58
N GLN L 88 -11.62 23.12 28.06
CA GLN L 88 -10.75 23.87 27.16
C GLN L 88 -9.38 23.22 27.05
N GLN L 89 -8.70 23.57 25.96
CA GLN L 89 -7.38 23.07 25.65
C GLN L 89 -6.50 24.21 25.18
N GLY L 90 -5.20 23.96 25.10
CA GLY L 90 -4.26 24.96 24.66
C GLY L 90 -3.09 24.46 23.84
N LYS L 91 -3.25 23.40 23.05
CA LYS L 91 -2.05 22.80 22.46
C LYS L 91 -1.50 23.61 21.30
N SER L 92 -2.24 23.71 20.21
CA SER L 92 -1.68 24.23 18.96
C SER L 92 -2.06 25.68 18.70
N PHE L 93 -2.65 26.35 19.68
CA PHE L 93 -3.04 27.76 19.74
C PHE L 93 -4.00 28.24 18.66
N PRO L 94 -5.13 27.56 18.39
CA PRO L 94 -6.35 28.33 18.15
C PRO L 94 -7.30 28.26 19.32
N TYR L 95 -6.95 27.51 20.37
CA TYR L 95 -7.63 27.52 21.67
C TYR L 95 -9.11 27.15 21.58
N THR L 96 -9.46 26.36 20.58
CA THR L 96 -10.83 25.98 20.40
C THR L 96 -11.19 24.87 21.37
N PHE L 97 -12.48 24.75 21.67
CA PHE L 97 -12.89 23.84 22.74
C PHE L 97 -14.36 23.47 22.62
N GLY L 98 -14.83 22.74 23.63
CA GLY L 98 -16.15 22.15 23.59
C GLY L 98 -17.27 23.15 23.77
N GLN L 99 -18.49 22.64 23.73
CA GLN L 99 -19.68 23.47 23.74
C GLN L 99 -20.26 23.62 25.15
N GLY L 100 -19.91 22.74 26.08
CA GLY L 100 -20.41 22.89 27.44
C GLY L 100 -21.41 21.86 27.88
N THR L 101 -21.39 21.54 29.18
CA THR L 101 -22.37 20.66 29.80
C THR L 101 -22.95 21.33 31.03
N LYS L 102 -24.25 21.60 31.00
CA LYS L 102 -24.94 22.17 32.15
C LYS L 102 -25.46 21.03 33.03
N LEU L 103 -25.04 21.04 34.29
CA LEU L 103 -25.37 19.99 35.24
C LEU L 103 -26.51 20.46 36.13
N GLU L 104 -27.67 19.83 35.99
CA GLU L 104 -28.86 20.25 36.71
C GLU L 104 -29.01 19.45 38.00
N ILE L 105 -29.30 20.14 39.09
CA ILE L 105 -29.59 19.51 40.36
C ILE L 105 -31.09 19.23 40.43
N LYS L 106 -31.45 18.02 40.83
CA LYS L 106 -32.85 17.59 40.87
C LYS L 106 -33.55 18.16 42.10
N ARG L 107 -34.20 19.31 41.92
CA ARG L 107 -35.07 19.91 42.93
C ARG L 107 -36.42 20.18 42.30
N THR L 108 -37.28 19.16 42.26
CA THR L 108 -38.66 19.21 41.73
C THR L 108 -38.82 19.84 40.33
C1 NAG M . 0.27 -38.28 -4.79
C2 NAG M . -0.07 -36.96 -5.49
C3 NAG M . -1.56 -36.85 -5.66
C4 NAG M . -2.06 -37.99 -6.52
C5 NAG M . -1.72 -39.31 -5.85
C6 NAG M . -1.99 -40.49 -6.74
C7 NAG M . 1.65 -35.30 -4.95
C8 NAG M . 2.02 -34.16 -4.06
N2 NAG M . 0.44 -35.83 -4.74
O3 NAG M . -1.82 -35.63 -6.34
O4 NAG M . -3.47 -37.94 -6.69
O5 NAG M . -0.31 -39.38 -5.54
O6 NAG M . -1.61 -41.68 -6.09
O7 NAG M . 2.40 -35.73 -5.81
C1 NAG M . -3.78 -37.56 -8.04
C2 NAG M . -5.16 -38.13 -8.45
C3 NAG M . -5.56 -37.62 -9.83
C4 NAG M . -5.44 -36.10 -9.93
C5 NAG M . -4.06 -35.64 -9.46
C6 NAG M . -3.91 -34.14 -9.42
C7 NAG M . -4.47 -40.47 -9.04
C8 NAG M . -4.74 -41.91 -8.73
N2 NAG M . -5.22 -39.58 -8.37
O3 NAG M . -6.90 -38.03 -10.07
O4 NAG M . -5.64 -35.70 -11.28
O5 NAG M . -3.81 -36.13 -8.13
O6 NAG M . -4.95 -33.55 -8.66
O7 NAG M . -3.60 -40.15 -9.86
C1 BMA M . -6.86 -34.94 -11.48
C2 BMA M . -6.84 -34.39 -12.91
C3 BMA M . -8.08 -33.53 -13.13
C4 BMA M . -9.38 -34.29 -12.77
C5 BMA M . -9.27 -34.98 -11.39
C6 BMA M . -10.43 -35.91 -11.14
O2 BMA M . -6.93 -35.45 -13.84
O3 BMA M . -8.14 -33.09 -14.47
O4 BMA M . -10.46 -33.38 -12.75
O5 BMA M . -8.03 -35.74 -11.30
O6 BMA M . -10.71 -35.88 -9.75
C1 MAN M . -7.57 -31.77 -14.58
C2 MAN M . -8.37 -31.02 -15.65
C3 MAN M . -8.09 -31.66 -17.03
C4 MAN M . -6.57 -31.78 -17.31
C5 MAN M . -5.88 -32.50 -16.15
C6 MAN M . -4.36 -32.53 -16.31
O2 MAN M . -7.93 -29.67 -15.77
O3 MAN M . -8.74 -30.96 -18.08
O4 MAN M . -6.37 -32.49 -18.52
O5 MAN M . -6.19 -31.82 -14.91
O6 MAN M . -4.06 -32.84 -17.67
C1 MAN M . -11.62 -34.78 -9.51
C2 MAN M . -11.43 -34.34 -8.03
C3 MAN M . -12.06 -35.34 -7.06
C4 MAN M . -13.50 -35.72 -7.47
C5 MAN M . -13.50 -36.22 -8.93
C6 MAN M . -14.89 -36.54 -9.43
O2 MAN M . -12.07 -33.09 -7.77
O3 MAN M . -12.05 -34.86 -5.72
O4 MAN M . -13.99 -36.75 -6.62
O5 MAN M . -12.96 -35.19 -9.78
O6 MAN M . -15.61 -37.19 -8.39
C1 NAG N . -10.25 -46.57 8.85
C2 NAG N . -11.37 -47.23 9.65
C3 NAG N . -10.78 -48.06 10.78
C4 NAG N . -9.72 -49.03 10.26
C5 NAG N . -8.70 -48.31 9.36
C6 NAG N . -7.74 -49.25 8.67
C7 NAG N . -13.37 -45.81 9.53
C8 NAG N . -14.20 -44.79 10.24
N2 NAG N . -12.29 -46.24 10.18
O3 NAG N . -11.82 -48.79 11.42
O4 NAG N . -9.04 -49.57 11.38
O5 NAG N . -9.38 -47.56 8.34
O6 NAG N . -7.38 -48.76 7.38
O7 NAG N . -13.66 -46.23 8.41
C1 NAG N . -9.23 -50.99 11.49
C2 NAG N . -8.88 -51.42 12.92
C3 NAG N . -9.06 -52.93 13.07
C4 NAG N . -10.45 -53.35 12.63
C5 NAG N . -10.78 -52.83 11.23
C6 NAG N . -12.21 -53.09 10.81
C7 NAG N . -7.26 -50.36 14.41
C8 NAG N . -5.82 -50.02 14.64
N2 NAG N . -7.53 -51.02 13.28
O3 NAG N . -8.82 -53.31 14.42
O4 NAG N . -10.55 -54.78 12.61
O5 NAG N . -10.57 -51.40 11.18
O6 NAG N . -12.68 -54.29 11.39
O7 NAG N . -8.14 -50.04 15.20
C1 NAG O . 33.28 -23.52 -4.11
C2 NAG O . 31.95 -23.53 -3.35
C3 NAG O . 32.19 -23.85 -1.88
C4 NAG O . 33.04 -25.10 -1.71
C5 NAG O . 34.29 -24.99 -2.58
C6 NAG O . 35.13 -26.26 -2.59
C7 NAG O . 29.95 -22.18 -3.69
C8 NAG O . 29.38 -20.79 -3.78
N2 NAG O . 31.26 -22.26 -3.47
O3 NAG O . 30.90 -23.97 -1.28
O4 NAG O . 33.53 -25.21 -0.38
O5 NAG O . 33.92 -24.75 -3.94
O6 NAG O . 36.38 -26.04 -3.21
O7 NAG O . 29.25 -23.17 -3.81
C1 NAG O . 32.68 -25.96 0.48
C2 NAG O . 33.46 -27.11 1.06
C3 NAG O . 32.63 -27.82 2.14
C4 NAG O . 32.15 -26.82 3.19
C5 NAG O . 31.42 -25.69 2.50
C6 NAG O . 31.03 -24.58 3.45
C7 NAG O . 35.04 -28.65 0.00
C8 NAG O . 35.27 -29.62 -1.12
N2 NAG O . 33.84 -28.07 0.03
O3 NAG O . 33.43 -28.84 2.73
O4 NAG O . 31.25 -27.45 4.08
O5 NAG O . 32.27 -25.09 1.52
O6 NAG O . 32.15 -23.77 3.79
O7 NAG O . 35.90 -28.41 0.83
C1 BMA O . 31.89 -27.72 5.35
C2 BMA O . 31.21 -26.83 6.38
C3 BMA O . 31.52 -27.27 7.82
C4 BMA O . 31.40 -28.80 7.98
C5 BMA O . 32.23 -29.52 6.90
C6 BMA O . 32.08 -31.02 6.93
O2 BMA O . 29.80 -26.90 6.24
O3 BMA O . 30.66 -26.62 8.77
O4 BMA O . 31.86 -29.18 9.26
O5 BMA O . 31.74 -29.09 5.63
O6 BMA O . 32.10 -31.44 8.28
C1 MAN O . 30.93 -25.20 8.86
C2 MAN O . 30.98 -24.81 10.35
C3 MAN O . 29.58 -24.78 10.97
C4 MAN O . 28.54 -24.04 10.09
C5 MAN O . 28.59 -24.60 8.67
C6 MAN O . 27.69 -23.85 7.73
O2 MAN O . 31.49 -23.50 10.54
O3 MAN O . 29.59 -24.21 12.28
O4 MAN O . 27.25 -24.23 10.61
O5 MAN O . 29.93 -24.44 8.18
O6 MAN O . 26.51 -23.51 8.45
C1 NAG P . -19.21 22.37 -24.84
C2 NAG P . -18.11 22.39 -23.79
C3 NAG P . -18.59 23.15 -22.58
C4 NAG P . -18.91 24.58 -22.98
C5 NAG P . -19.99 24.59 -24.05
C6 NAG P . -20.20 25.95 -24.63
C7 NAG P . -16.74 20.38 -24.02
C8 NAG P . -16.51 18.99 -23.53
N2 NAG P . -17.73 21.04 -23.42
O3 NAG P . -17.52 23.17 -21.64
O4 NAG P . -19.37 25.34 -21.87
O5 NAG P . -19.61 23.73 -25.15
O6 NAG P . -21.18 25.89 -25.65
O7 NAG P . -16.09 20.87 -24.92
C1 NAG P . -18.37 26.29 -21.46
C2 NAG P . -19.04 27.50 -20.79
C3 NAG P . -17.98 28.46 -20.23
C4 NAG P . -16.97 27.72 -19.36
C5 NAG P . -16.41 26.51 -20.11
C6 NAG P . -15.48 25.66 -19.26
C7 NAG P . -19.72 28.77 -22.84
C8 NAG P . -20.90 29.40 -23.53
N2 NAG P . -19.98 28.20 -21.65
O3 NAG P . -18.65 29.45 -19.47
O4 NAG P . -15.90 28.59 -19.03
O5 NAG P . -17.48 25.65 -20.53
O6 NAG P . -16.09 25.29 -18.04
O7 NAG P . -18.59 28.81 -23.35
C1 BMA P . -15.86 28.93 -17.62
C2 BMA P . -14.55 29.70 -17.36
C3 BMA P . -14.45 30.02 -15.88
C4 BMA P . -15.71 30.73 -15.33
C5 BMA P . -17.00 30.01 -15.79
C6 BMA P . -18.23 30.82 -15.47
O2 BMA P . -14.59 30.95 -18.02
O3 BMA P . -13.30 30.81 -15.62
O4 BMA P . -15.66 30.77 -13.92
O5 BMA P . -16.96 29.75 -17.21
O6 BMA P . -19.27 29.92 -15.16
C1 MAN P . -12.20 29.96 -15.23
C2 MAN P . -11.38 30.76 -14.20
C3 MAN P . -10.71 31.95 -14.89
C4 MAN P . -9.92 31.52 -16.15
C5 MAN P . -10.82 30.70 -17.08
C6 MAN P . -10.06 30.12 -18.26
O2 MAN P . -10.31 29.97 -13.68
O3 MAN P . -9.87 32.68 -14.00
O4 MAN P . -9.43 32.66 -16.83
O5 MAN P . -11.40 29.60 -16.34
O6 MAN P . -9.20 31.15 -18.78
C1 MAN P . -19.19 29.62 -13.76
C2 MAN P . -19.84 28.22 -13.52
C3 MAN P . -21.37 28.30 -13.63
C4 MAN P . -21.95 29.46 -12.79
C5 MAN P . -21.26 30.78 -13.19
C6 MAN P . -21.72 31.95 -12.35
O2 MAN P . -19.56 27.72 -12.22
O3 MAN P . -21.99 27.08 -13.26
O4 MAN P . -23.34 29.58 -13.01
O5 MAN P . -19.83 30.64 -12.99
O6 MAN P . -23.12 31.84 -12.15
C1 NAG Q . -37.97 21.36 -21.28
C2 NAG Q . -39.39 21.62 -20.80
C3 NAG Q . -40.40 20.93 -21.73
C4 NAG Q . -40.15 21.29 -23.18
C5 NAG Q . -38.66 21.12 -23.56
C6 NAG Q . -38.32 21.65 -24.93
C7 NAG Q . -39.35 21.93 -18.37
C8 NAG Q . -39.60 21.30 -17.03
N2 NAG Q . -39.57 21.16 -19.44
O3 NAG Q . -41.71 21.30 -21.36
O4 NAG Q . -40.93 20.41 -24.00
O5 NAG Q . -37.83 21.82 -22.62
O6 NAG Q . -37.01 22.20 -24.97
O7 NAG Q . -38.97 23.10 -18.48
C1 NAG Q . -41.92 21.14 -24.75
C2 NAG Q . -42.99 20.14 -25.20
C3 NAG Q . -44.06 20.87 -26.02
C4 NAG Q . -44.62 22.04 -25.24
C5 NAG Q . -43.51 22.95 -24.73
C6 NAG Q . -44.01 24.05 -23.82
C7 NAG Q . -42.66 17.76 -25.69
C8 NAG Q . -41.97 16.77 -26.56
N2 NAG Q . -42.40 19.06 -25.97
O3 NAG Q . -45.08 19.96 -26.37
O4 NAG Q . -45.49 22.80 -26.08
O5 NAG Q . -42.54 22.19 -23.98
O6 NAG Q . -45.32 24.45 -24.20
O7 NAG Q . -43.39 17.44 -24.76
C1 NAG R . 3.53 -0.75 -40.75
C2 NAG R . 2.42 -0.69 -39.69
C3 NAG R . 1.34 -1.72 -40.00
C4 NAG R . 0.87 -1.61 -41.44
C5 NAG R . 2.06 -1.61 -42.39
C6 NAG R . 1.69 -1.36 -43.82
C7 NAG R . 2.58 -0.20 -37.31
C8 NAG R . 3.21 -0.55 -36.01
N2 NAG R . 2.95 -0.92 -38.36
O3 NAG R . 0.30 -1.51 -39.06
O4 NAG R . 0.11 -2.76 -41.82
O5 NAG R . 2.98 -0.56 -42.01
O6 NAG R . 2.79 -1.60 -44.69
O7 NAG R . 1.76 0.71 -37.42
C1 NAG R . -1.29 -2.63 -41.59
C2 NAG R . -2.03 -2.84 -42.89
C3 NAG R . -3.53 -2.89 -42.64
C4 NAG R . -3.86 -3.94 -41.58
C5 NAG R . -3.05 -3.66 -40.33
C6 NAG R . -3.20 -4.73 -39.27
C7 NAG R . -1.51 -2.02 -45.14
C8 NAG R . -1.23 -0.83 -45.99
N2 NAG R . -1.72 -1.79 -43.84
O3 NAG R . -4.18 -3.19 -43.87
O4 NAG R . -5.24 -3.87 -41.23
O5 NAG R . -1.65 -3.63 -40.66
O6 NAG R . -2.47 -5.90 -39.61
O7 NAG R . -1.56 -3.15 -45.60
C1 BMA R . -5.96 -4.95 -41.82
C2 BMA R . -6.45 -5.84 -40.68
C3 BMA R . -7.54 -6.81 -41.12
C4 BMA R . -8.61 -6.12 -41.99
C5 BMA R . -7.93 -5.34 -43.14
C6 BMA R . -8.91 -4.55 -43.98
O2 BMA R . -7.00 -5.05 -39.66
O3 BMA R . -8.17 -7.43 -39.99
O4 BMA R . -9.50 -7.08 -42.52
O5 BMA R . -7.03 -4.41 -42.57
O6 BMA R . -10.06 -5.35 -44.20
C1 MAN R . -7.28 -8.34 -39.30
C2 MAN R . -8.04 -9.65 -39.01
C3 MAN R . -9.06 -9.47 -37.88
C4 MAN R . -8.48 -8.72 -36.66
C5 MAN R . -7.82 -7.42 -37.13
C6 MAN R . -7.14 -6.69 -36.01
O2 MAN R . -7.16 -10.68 -38.55
O3 MAN R . -9.59 -10.72 -37.45
O4 MAN R . -9.51 -8.40 -35.75
O5 MAN R . -6.81 -7.76 -38.08
O6 MAN R . -7.94 -6.84 -34.84
C1 NAG S . 21.57 16.07 27.65
C2 NAG S . 21.36 14.77 26.87
C3 NAG S . 20.78 13.73 27.79
C4 NAG S . 21.74 13.46 28.92
C5 NAG S . 22.00 14.74 29.70
C6 NAG S . 23.11 14.59 30.70
C7 NAG S . 20.93 15.31 24.52
C8 NAG S . 19.88 15.53 23.49
N2 NAG S . 20.47 14.99 25.75
O3 NAG S . 20.62 12.53 27.04
O4 NAG S . 21.24 12.49 29.83
O5 NAG S . 22.41 15.80 28.81
O6 NAG S . 23.33 15.83 31.36
O7 NAG S . 22.11 15.41 24.29
C1 NAG S . 21.96 11.25 29.69
C2 NAG S . 21.93 10.46 31.01
C3 NAG S . 22.58 9.09 30.83
C4 NAG S . 22.00 8.35 29.63
C5 NAG S . 22.05 9.24 28.39
C6 NAG S . 21.38 8.60 27.19
C7 NAG S . 23.78 11.65 32.23
C8 NAG S . 24.09 12.40 33.49
N2 NAG S . 22.51 11.20 32.13
O3 NAG S . 22.36 8.34 32.03
O4 NAG S . 22.76 7.17 29.39
O5 NAG S . 21.36 10.47 28.66
O6 NAG S . 20.06 8.18 27.49
O7 NAG S . 24.64 11.49 31.36
C1 BMA S . 22.03 5.95 29.66
C2 BMA S . 22.88 4.78 29.16
C3 BMA S . 22.11 3.48 29.35
C4 BMA S . 21.61 3.32 30.81
C5 BMA S . 20.93 4.60 31.33
C6 BMA S . 20.65 4.55 32.81
O2 BMA S . 24.05 4.65 29.95
O3 BMA S . 22.91 2.37 29.00
O4 BMA S . 20.70 2.24 30.88
O5 BMA S . 21.75 5.77 31.04
O6 BMA S . 19.45 5.24 33.05
C1 MAN S . 22.63 1.99 27.64
C2 MAN S . 22.76 0.46 27.57
C3 MAN S . 24.23 0.07 27.77
C4 MAN S . 25.17 0.82 26.81
C5 MAN S . 24.93 2.34 26.94
C6 MAN S . 25.72 3.14 25.92
O2 MAN S . 22.41 -0.03 26.27
O3 MAN S . 24.43 -1.33 27.65
O4 MAN S . 26.52 0.55 27.13
O5 MAN S . 23.52 2.62 26.72
O6 MAN S . 27.05 2.62 25.88
C1 MAN S . 18.35 4.32 32.87
C2 MAN S . 17.09 5.15 32.50
C3 MAN S . 16.54 5.90 33.72
C4 MAN S . 16.40 4.97 34.95
C5 MAN S . 17.75 4.29 35.23
C6 MAN S . 17.67 3.31 36.38
O2 MAN S . 16.03 4.31 32.04
O3 MAN S . 15.28 6.51 33.42
O4 MAN S . 16.00 5.73 36.08
O5 MAN S . 18.15 3.55 34.06
O6 MAN S . 16.85 3.88 37.40
C1 NAG T . 10.31 22.66 41.62
C2 NAG T . 9.51 22.84 42.91
C3 NAG T . 9.30 24.33 43.19
C4 NAG T . 10.60 25.10 43.15
C5 NAG T . 11.41 24.77 41.88
C6 NAG T . 12.80 25.36 41.87
C7 NAG T . 8.07 20.88 43.22
C8 NAG T . 6.68 20.33 43.07
N2 NAG T . 8.24 22.15 42.82
O3 NAG T . 8.68 24.48 44.46
O4 NAG T . 10.29 26.49 43.14
O5 NAG T . 11.55 23.35 41.73
O6 NAG T . 13.72 24.51 41.20
O7 NAG T . 8.99 20.21 43.65
C1 NAG T . 10.79 27.15 44.33
C2 NAG T . 10.04 28.47 44.48
C3 NAG T . 10.55 29.21 45.72
C4 NAG T . 10.47 28.32 46.95
C5 NAG T . 11.15 26.98 46.70
C6 NAG T . 10.96 26.00 47.83
C7 NAG T . 9.11 29.85 42.69
C8 NAG T . 9.42 30.67 41.48
N2 NAG T . 10.17 29.31 43.30
O3 NAG T . 9.79 30.39 45.91
O4 NAG T . 11.10 28.96 48.05
O5 NAG T . 10.62 26.35 45.51
O6 NAG T . 10.88 26.68 49.08
O7 NAG T . 7.97 29.68 43.09
C1 NAG U . 28.73 28.66 -5.48
C2 NAG U . 27.56 28.37 -4.53
C3 NAG U . 26.69 29.62 -4.38
C4 NAG U . 27.51 30.84 -4.03
C5 NAG U . 28.68 30.97 -5.00
C6 NAG U . 29.64 32.08 -4.64
C7 NAG U . 26.32 26.31 -4.19
C8 NAG U . 25.50 25.23 -4.83
N2 NAG U . 26.76 27.26 -5.01
O3 NAG U . 25.72 29.30 -3.38
O4 NAG U . 26.76 32.03 -4.20
O5 NAG U . 29.45 29.76 -5.01
O6 NAG U . 30.57 32.31 -5.69
O7 NAG U . 26.55 26.31 -3.00
C1 NAG U . 26.07 32.45 -3.03
C2 NAG U . 26.50 33.85 -2.68
C3 NAG U . 25.64 34.40 -1.55
C4 NAG U . 24.16 34.29 -1.89
C5 NAG U . 23.84 32.85 -2.27
C6 NAG U . 22.42 32.69 -2.76
C7 NAG U . 28.72 34.87 -2.68
C8 NAG U . 30.13 34.77 -2.19
N2 NAG U . 27.90 33.89 -2.30
O3 NAG U . 26.01 35.75 -1.31
O4 NAG U . 23.36 34.65 -0.77
O5 NAG U . 24.68 32.43 -3.34
O6 NAG U . 22.27 33.16 -4.09
O7 NAG U . 28.35 35.78 -3.40
C1 BMA U . 22.80 35.95 -0.94
C2 BMA U . 21.29 35.77 -1.07
C3 BMA U . 20.53 37.09 -0.88
C4 BMA U . 21.05 37.88 0.34
C5 BMA U . 22.59 38.03 0.24
C6 BMA U . 23.19 38.71 1.45
O2 BMA U . 20.82 34.89 -0.07
O3 BMA U . 19.11 36.86 -0.72
O4 BMA U . 20.45 39.17 0.37
O5 BMA U . 23.15 36.73 0.18
O6 BMA U . 22.37 39.80 1.81
C1 MAN U . 18.51 36.38 -1.94
C2 MAN U . 17.20 37.17 -2.18
C3 MAN U . 16.10 36.72 -1.20
C4 MAN U . 15.97 35.18 -1.11
C5 MAN U . 17.34 34.58 -0.81
C6 MAN U . 17.33 33.08 -0.79
O2 MAN U . 16.67 36.93 -3.47
O3 MAN U . 14.82 37.27 -1.58
O4 MAN U . 15.09 34.84 -0.06
O5 MAN U . 18.23 34.98 -1.86
O6 MAN U . 16.10 32.66 -0.21
C1 NAG V . 20.90 -26.84 18.60
C2 NAG V . 21.61 -27.95 19.37
C3 NAG V . 21.41 -27.75 20.87
C4 NAG V . 21.86 -26.37 21.29
C5 NAG V . 21.17 -25.30 20.45
C6 NAG V . 21.69 -23.90 20.72
C7 NAG V . 21.73 -29.97 17.99
C8 NAG V . 21.13 -31.31 17.68
N2 NAG V . 21.13 -29.27 18.96
O3 NAG V . 22.15 -28.75 21.57
O4 NAG V . 21.58 -26.15 22.67
O5 NAG V . 21.37 -25.56 19.05
O6 NAG V . 22.62 -23.89 21.80
O7 NAG V . 22.72 -29.56 17.39
C1 NAG W . -9.09 -31.54 2.82
C2 NAG W . -9.99 -30.73 3.73
C3 NAG W . -11.46 -31.06 3.45
C4 NAG W . -11.77 -30.85 1.97
C5 NAG W . -10.79 -31.66 1.11
C6 NAG W . -10.95 -31.41 -0.37
C7 NAG W . -8.92 -30.11 5.85
C8 NAG W . -8.69 -30.50 7.28
N2 NAG W . -9.68 -30.95 5.14
O3 NAG W . -12.30 -30.24 4.26
O4 NAG W . -13.10 -31.28 1.69
O5 NAG W . -9.44 -31.30 1.44
O6 NAG W . -12.21 -30.80 -0.66
O7 NAG W . -8.45 -29.09 5.37
C1 NAG X . -19.22 -10.04 -32.11
C2 NAG X . -20.09 -10.39 -33.32
C3 NAG X . -21.07 -11.49 -32.96
C4 NAG X . -20.34 -12.70 -32.41
C5 NAG X . -19.44 -12.29 -31.24
C6 NAG X . -18.58 -13.42 -30.74
C7 NAG X . -20.30 -8.43 -34.79
C8 NAG X . -21.14 -7.27 -35.19
N2 NAG X . -20.79 -9.22 -33.82
O3 NAG X . -21.81 -11.85 -34.12
O4 NAG X . -21.27 -13.68 -31.98
O5 NAG X . -18.56 -11.23 -31.64
O6 NAG X . -18.89 -14.65 -31.38
O7 NAG X . -19.21 -8.65 -35.31
C1 NAG Y . -24.51 17.79 -12.94
C2 NAG Y . -25.04 17.14 -11.67
C3 NAG Y . -25.70 18.19 -10.78
C4 NAG Y . -24.71 19.32 -10.49
C5 NAG Y . -24.17 19.89 -11.80
C6 NAG Y . -23.10 20.93 -11.60
C7 NAG Y . -25.64 14.79 -11.99
C8 NAG Y . -26.74 13.81 -12.33
N2 NAG Y . -25.99 16.07 -11.98
O3 NAG Y . -26.13 17.59 -9.56
O4 NAG Y . -25.36 20.35 -9.75
O5 NAG Y . -23.59 18.84 -12.59
O6 NAG Y . -23.10 21.43 -10.27
O7 NAG Y . -24.51 14.40 -11.73
C1 NAG Z . 7.37 37.48 6.60
C2 NAG Z . 7.59 38.93 6.97
C3 NAG Z . 6.27 39.68 7.06
C4 NAG Z . 5.50 39.53 5.75
C5 NAG Z . 5.35 38.05 5.39
C6 NAG Z . 4.72 37.84 4.03
C7 NAG Z . 9.65 39.13 8.31
C8 NAG Z . 10.24 39.24 9.68
N2 NAG Z . 8.32 39.04 8.24
O3 NAG Z . 6.52 41.05 7.32
O4 NAG Z . 4.22 40.14 5.86
O5 NAG Z . 6.63 37.41 5.35
O6 NAG Z . 4.30 39.07 3.45
O7 NAG Z . 10.35 39.12 7.29
C1 NAG AA . 8.48 12.06 29.46
C2 NAG AA . 7.00 11.70 29.53
C3 NAG AA . 6.73 10.83 30.76
C4 NAG AA . 7.64 9.59 30.73
C5 NAG AA . 9.10 10.02 30.61
C6 NAG AA . 10.05 8.86 30.45
C7 NAG AA . 5.56 13.37 28.48
C8 NAG AA . 4.74 14.62 28.68
N2 NAG AA . 6.17 12.89 29.56
O3 NAG AA . 5.36 10.44 30.77
O4 NAG AA . 7.46 8.84 31.93
O5 NAG AA . 9.27 10.86 29.45
O6 NAG AA . 9.44 7.64 30.85
O7 NAG AA . 5.67 12.85 27.38
#